data_2C1U
#
_entry.id   2C1U
#
_cell.length_a   78.800
_cell.length_b   51.100
_cell.length_c   167.900
_cell.angle_alpha   90.00
_cell.angle_beta   98.20
_cell.angle_gamma   90.00
#
_symmetry.space_group_name_H-M   'P 1 21 1'
#
loop_
_entity.id
_entity.type
_entity.pdbx_description
1 polymer 'DI-HAEM CYTOCHROME C PEROXIDASE'
2 non-polymer 'HEME C'
3 non-polymer 'CALCIUM ION'
4 water water
#
_entity_poly.entity_id   1
_entity_poly.type   'polypeptide(L)'
_entity_poly.pdbx_seq_one_letter_code
;ETEAIDNGALREEAKGVFEAIPEKMTAIKQTEDNPEGVPLTAEKIELGKVLFFDPRMSSSGLISCQTCHNVGLGGVDGLP
TSIGHGWQKGPRNAPTMLNAIFNAAQFWDGRAADLAEQAKGPVQAGVEMSNTPDQVVKTINSMPEYVEAFKAAFPEEADP
VTFDNFAAAIEQFEATLITPNSAFDRFLAGDDAAMTDQEKRGLQAFMETGCTACHYGVNFGGQDYHPFGLIAKPGAEVLP
AGDTGRFEVTRTTDDEYVFRAAPLRNVALTAPYFHSGVVWELAEAVKIMSSAQIGTELTDQQAEDITAFLGTLTGEQPVI
DHPILPVRTGTTPLPTPM
;
_entity_poly.pdbx_strand_id   A,B,C,D
#
loop_
_chem_comp.id
_chem_comp.type
_chem_comp.name
_chem_comp.formula
CA non-polymer 'CALCIUM ION' 'Ca 2'
HEC non-polymer 'HEME C' 'C34 H34 Fe N4 O4'
#
# COMPACT_ATOMS: atom_id res chain seq x y z
N ALA A 4 -0.20 -32.46 -13.76
CA ALA A 4 0.52 -31.49 -12.88
C ALA A 4 -0.28 -30.20 -12.71
N ILE A 5 -0.03 -29.53 -11.58
CA ILE A 5 -0.53 -28.18 -11.23
C ILE A 5 -1.78 -28.12 -10.31
N ASP A 6 -1.60 -28.61 -9.08
CA ASP A 6 -2.56 -28.38 -7.99
C ASP A 6 -2.09 -27.25 -7.07
N ASN A 7 -2.89 -26.19 -7.02
CA ASN A 7 -2.55 -24.99 -6.28
C ASN A 7 -2.46 -25.22 -4.77
N GLY A 8 -3.46 -25.90 -4.23
CA GLY A 8 -3.48 -26.26 -2.82
C GLY A 8 -2.27 -27.07 -2.39
N ALA A 9 -1.89 -28.10 -3.20
CA ALA A 9 -0.67 -28.87 -2.90
C ALA A 9 0.57 -27.97 -2.93
N LEU A 10 0.72 -27.22 -4.02
CA LEU A 10 1.83 -26.30 -4.20
C LEU A 10 1.97 -25.27 -3.06
N ARG A 11 0.83 -24.74 -2.62
CA ARG A 11 0.82 -23.72 -1.57
C ARG A 11 1.24 -24.36 -0.25
N GLU A 12 0.63 -25.51 0.06
CA GLU A 12 0.95 -26.29 1.26
C GLU A 12 2.48 -26.54 1.30
N GLU A 13 3.05 -27.01 0.18
CA GLU A 13 4.48 -27.25 0.13
C GLU A 13 5.33 -26.00 0.32
N ALA A 14 4.90 -24.90 -0.28
CA ALA A 14 5.71 -23.67 -0.24
C ALA A 14 5.64 -23.09 1.16
N LYS A 15 4.54 -23.36 1.87
CA LYS A 15 4.38 -22.85 3.22
C LYS A 15 5.26 -23.59 4.23
N GLY A 16 5.74 -24.77 3.86
CA GLY A 16 6.62 -25.56 4.71
C GLY A 16 8.05 -25.03 4.66
N VAL A 17 8.35 -24.26 3.63
CA VAL A 17 9.74 -23.81 3.46
C VAL A 17 9.96 -22.31 3.39
N PHE A 18 8.96 -21.57 2.90
CA PHE A 18 9.12 -20.10 2.79
C PHE A 18 8.13 -19.40 3.67
N GLU A 19 8.21 -18.08 3.70
CA GLU A 19 7.35 -17.26 4.54
C GLU A 19 7.15 -15.97 3.76
N ALA A 20 6.00 -15.33 3.93
CA ALA A 20 5.80 -14.06 3.22
C ALA A 20 6.51 -12.97 4.01
N ILE A 21 6.94 -11.92 3.33
CA ILE A 21 7.41 -10.70 3.98
C ILE A 21 6.27 -9.99 4.72
N PRO A 22 6.47 -9.59 5.97
CA PRO A 22 5.39 -8.93 6.73
C PRO A 22 4.97 -7.59 6.12
N GLU A 23 3.74 -7.13 6.33
CA GLU A 23 3.37 -5.85 5.72
C GLU A 23 4.17 -4.72 6.30
N LYS A 24 4.48 -4.83 7.59
CA LYS A 24 5.09 -3.70 8.31
C LYS A 24 5.80 -4.25 9.53
N MET A 25 6.98 -3.70 9.83
CA MET A 25 7.67 -4.00 11.09
C MET A 25 7.29 -3.01 12.21
N THR A 26 7.19 -3.54 13.42
CA THR A 26 6.85 -2.74 14.54
C THR A 26 7.98 -2.70 15.59
N ALA A 27 8.80 -3.74 15.61
CA ALA A 27 9.97 -3.83 16.46
C ALA A 27 11.08 -4.58 15.72
N ILE A 28 12.34 -4.41 16.16
CA ILE A 28 13.44 -5.26 15.71
C ILE A 28 14.16 -5.95 16.88
N LYS A 29 15.07 -6.87 16.58
CA LYS A 29 15.94 -7.51 17.58
C LYS A 29 15.19 -8.32 18.64
N GLN A 30 14.05 -8.89 18.24
CA GLN A 30 13.32 -9.82 19.06
C GLN A 30 14.14 -11.12 19.15
N THR A 31 14.47 -11.56 20.38
CA THR A 31 15.37 -12.70 20.61
C THR A 31 14.91 -13.58 21.77
N GLU A 36 10.25 -8.94 23.07
CA GLU A 36 9.57 -7.99 22.19
C GLU A 36 10.54 -6.98 21.56
N GLY A 37 11.84 -7.32 21.60
CA GLY A 37 12.90 -6.55 20.95
C GLY A 37 12.90 -5.06 21.25
N VAL A 38 13.24 -4.29 20.23
CA VAL A 38 13.40 -2.85 20.34
C VAL A 38 12.30 -2.22 19.49
N PRO A 39 11.44 -1.42 20.12
CA PRO A 39 10.45 -0.64 19.40
C PRO A 39 11.08 0.20 18.27
N LEU A 40 10.47 0.17 17.09
CA LEU A 40 10.80 1.12 16.06
C LEU A 40 10.10 2.44 16.41
N THR A 41 10.76 3.59 16.22
CA THR A 41 10.14 4.90 16.56
C THR A 41 10.33 5.82 15.38
N ALA A 42 9.39 6.73 15.19
CA ALA A 42 9.45 7.64 14.04
C ALA A 42 10.76 8.43 14.03
N GLU A 43 11.17 8.85 15.23
CA GLU A 43 12.37 9.64 15.40
C GLU A 43 13.64 8.93 14.96
N LYS A 44 13.79 7.67 15.36
CA LYS A 44 14.98 6.89 14.95
C LYS A 44 14.93 6.59 13.48
N ILE A 45 13.75 6.20 12.95
CA ILE A 45 13.58 5.92 11.54
C ILE A 45 13.98 7.13 10.66
N GLU A 46 13.48 8.31 11.03
CA GLU A 46 13.75 9.51 10.28
C GLU A 46 15.22 9.91 10.34
N LEU A 47 15.84 9.77 11.50
CA LEU A 47 17.26 10.09 11.60
C LEU A 47 18.07 9.13 10.73
N GLY A 48 17.69 7.85 10.76
CA GLY A 48 18.39 6.86 9.95
C GLY A 48 18.31 7.16 8.47
N LYS A 49 17.16 7.68 8.06
CA LYS A 49 16.95 8.00 6.64
C LYS A 49 17.88 9.16 6.26
N VAL A 50 17.85 10.21 7.07
CA VAL A 50 18.78 11.33 6.94
C VAL A 50 20.23 10.80 6.85
N LEU A 51 20.64 9.93 7.79
CA LEU A 51 22.01 9.40 7.75
C LEU A 51 22.32 8.60 6.48
N PHE A 52 21.39 7.73 6.10
CA PHE A 52 21.49 6.90 4.90
C PHE A 52 21.75 7.69 3.62
N PHE A 53 21.16 8.87 3.50
CA PHE A 53 21.30 9.70 2.27
C PHE A 53 22.38 10.76 2.35
N ASP A 54 23.09 10.86 3.45
CA ASP A 54 24.01 12.00 3.60
C ASP A 54 25.39 11.59 3.11
N PRO A 55 25.84 12.20 1.99
CA PRO A 55 27.15 11.87 1.42
C PRO A 55 28.33 12.42 2.25
N ARG A 56 28.03 13.26 3.24
CA ARG A 56 29.07 13.89 4.05
C ARG A 56 29.55 12.92 5.13
N MET A 57 28.89 11.78 5.26
CA MET A 57 29.36 10.68 6.12
C MET A 57 30.52 9.92 5.49
N SER A 58 30.88 10.24 4.23
CA SER A 58 32.12 9.74 3.58
C SER A 58 33.22 10.80 3.49
N SER A 59 34.47 10.35 3.37
CA SER A 59 35.64 11.24 3.29
C SER A 59 35.55 12.19 2.13
N SER A 60 35.20 11.66 0.97
CA SER A 60 35.11 12.44 -0.26
C SER A 60 33.90 13.38 -0.23
N GLY A 61 32.90 13.04 0.58
CA GLY A 61 31.65 13.80 0.65
C GLY A 61 30.70 13.57 -0.54
N LEU A 62 30.98 12.54 -1.34
CA LEU A 62 30.14 12.21 -2.50
C LEU A 62 29.39 10.92 -2.28
N ILE A 63 29.83 10.11 -1.32
CA ILE A 63 29.33 8.74 -1.22
C ILE A 63 28.45 8.59 0.00
N SER A 64 27.19 8.20 -0.20
CA SER A 64 26.31 7.96 0.96
C SER A 64 25.94 6.46 0.91
N CYS A 65 25.27 5.92 1.94
CA CYS A 65 24.76 4.59 1.82
C CYS A 65 23.90 4.43 0.56
N GLN A 66 23.01 5.39 0.35
CA GLN A 66 22.17 5.49 -0.86
C GLN A 66 22.94 5.31 -2.18
N THR A 67 24.17 5.78 -2.26
CA THR A 67 24.98 5.54 -3.48
C THR A 67 25.06 4.06 -3.88
N CYS A 68 25.41 3.19 -2.94
CA CYS A 68 25.67 1.77 -3.26
C CYS A 68 24.44 0.90 -3.01
N HIS A 69 23.54 1.36 -2.16
CA HIS A 69 22.30 0.66 -1.90
C HIS A 69 21.07 1.50 -2.31
N ASN A 70 21.08 1.97 -3.55
CA ASN A 70 20.13 2.91 -4.10
C ASN A 70 18.69 2.39 -4.02
N VAL A 71 17.86 3.03 -3.18
CA VAL A 71 16.46 2.63 -3.00
C VAL A 71 15.61 2.69 -4.29
N GLY A 72 16.04 3.43 -5.32
CA GLY A 72 15.23 3.44 -6.54
C GLY A 72 15.64 2.34 -7.54
N LEU A 73 16.80 1.74 -7.27
CA LEU A 73 17.31 0.66 -8.12
C LEU A 73 17.35 -0.68 -7.40
N GLY A 74 16.28 -1.05 -6.71
CA GLY A 74 16.26 -2.33 -6.01
C GLY A 74 17.18 -2.45 -4.78
N GLY A 75 17.57 -1.30 -4.18
CA GLY A 75 18.46 -1.31 -2.98
C GLY A 75 19.92 -1.61 -3.22
N VAL A 76 20.37 -1.40 -4.48
CA VAL A 76 21.69 -1.75 -4.95
C VAL A 76 22.17 -0.70 -5.94
N ASP A 77 23.42 -0.75 -6.37
CA ASP A 77 23.88 0.31 -7.30
C ASP A 77 23.87 -0.19 -8.76
N GLY A 78 23.61 -1.48 -8.98
CA GLY A 78 23.55 -2.05 -10.36
C GLY A 78 24.91 -2.09 -11.05
N LEU A 79 25.98 -2.14 -10.24
CA LEU A 79 27.37 -2.21 -10.77
C LEU A 79 28.08 -3.49 -10.28
N PRO A 80 29.08 -3.97 -11.02
CA PRO A 80 29.75 -5.23 -10.63
C PRO A 80 30.28 -5.24 -9.18
N THR A 81 31.21 -4.36 -8.80
CA THR A 81 31.69 -4.41 -7.43
C THR A 81 31.96 -3.05 -6.85
N SER A 82 32.03 -3.01 -5.53
CA SER A 82 32.52 -1.83 -4.82
C SER A 82 33.14 -2.23 -3.50
N ILE A 83 33.81 -1.24 -2.90
CA ILE A 83 34.28 -1.40 -1.53
C ILE A 83 33.62 -0.35 -0.65
N GLY A 84 32.73 -0.81 0.20
CA GLY A 84 32.03 0.11 1.07
C GLY A 84 32.23 -0.14 2.53
N HIS A 85 32.74 -1.31 2.91
CA HIS A 85 32.86 -1.67 4.33
C HIS A 85 34.23 -2.22 4.71
N GLY A 86 34.72 -1.83 5.88
CA GLY A 86 36.06 -2.25 6.38
C GLY A 86 36.26 -3.75 6.49
N TRP A 87 35.17 -4.51 6.61
CA TRP A 87 35.28 -5.97 6.71
C TRP A 87 35.62 -6.69 5.38
N GLN A 88 35.47 -6.00 4.24
CA GLN A 88 35.75 -6.59 2.90
C GLN A 88 37.23 -6.94 2.66
N LYS A 89 37.51 -8.13 2.12
CA LYS A 89 38.89 -8.47 1.72
C LYS A 89 39.22 -7.84 0.37
N GLY A 90 38.18 -7.68 -0.44
CA GLY A 90 38.29 -7.02 -1.74
C GLY A 90 36.90 -6.59 -2.25
N PRO A 91 36.83 -6.26 -3.53
CA PRO A 91 35.63 -5.68 -4.10
C PRO A 91 34.53 -6.74 -4.19
N ARG A 92 33.32 -6.35 -3.83
CA ARG A 92 32.16 -7.24 -3.92
C ARG A 92 31.00 -6.48 -4.48
N ASN A 93 30.06 -7.26 -5.04
CA ASN A 93 28.79 -6.75 -5.50
C ASN A 93 27.97 -6.33 -4.28
N ALA A 94 27.43 -5.11 -4.32
CA ALA A 94 26.61 -4.62 -3.21
C ALA A 94 25.30 -5.40 -3.12
N PRO A 95 25.02 -6.04 -1.98
CA PRO A 95 23.74 -6.71 -1.76
C PRO A 95 22.65 -5.67 -1.54
N THR A 96 21.42 -6.03 -1.84
CA THR A 96 20.31 -5.14 -1.59
C THR A 96 20.07 -4.86 -0.08
N MET A 97 19.77 -3.61 0.22
CA MET A 97 19.24 -3.23 1.55
C MET A 97 17.82 -3.71 1.73
N LEU A 98 17.10 -3.93 0.63
CA LEU A 98 15.68 -4.36 0.73
C LEU A 98 15.58 -5.73 1.40
N ASN A 99 14.83 -5.79 2.49
CA ASN A 99 14.70 -7.04 3.30
C ASN A 99 15.96 -7.49 4.03
N ALA A 100 17.05 -6.67 4.02
CA ALA A 100 18.33 -7.10 4.67
C ALA A 100 18.16 -7.33 6.16
N ILE A 101 17.17 -6.67 6.73
CA ILE A 101 16.84 -6.86 8.13
C ILE A 101 16.62 -8.34 8.52
N PHE A 102 16.09 -9.14 7.59
CA PHE A 102 15.84 -10.59 7.80
C PHE A 102 17.00 -11.59 7.64
N ASN A 103 18.18 -11.10 7.26
CA ASN A 103 19.28 -12.00 7.01
C ASN A 103 20.10 -12.25 8.25
N ALA A 104 20.14 -13.50 8.73
CA ALA A 104 20.98 -13.86 9.86
C ALA A 104 22.47 -13.86 9.49
N ALA A 105 22.76 -14.22 8.24
CA ALA A 105 24.14 -14.21 7.72
C ALA A 105 24.33 -12.84 7.08
N GLN A 106 25.40 -12.13 7.47
CA GLN A 106 25.49 -10.69 7.15
C GLN A 106 26.54 -10.33 6.10
N PHE A 107 27.34 -11.31 5.69
CA PHE A 107 28.47 -11.05 4.79
C PHE A 107 28.37 -11.95 3.59
N TRP A 108 29.02 -11.55 2.50
CA TRP A 108 29.11 -12.36 1.29
C TRP A 108 29.91 -13.62 1.52
N ASP A 109 31.06 -13.52 2.20
CA ASP A 109 31.97 -14.65 2.27
C ASP A 109 33.04 -14.45 3.35
N GLY A 110 33.71 -15.54 3.69
CA GLY A 110 34.73 -15.49 4.73
C GLY A 110 35.24 -16.87 5.03
N ARG A 111 36.24 -16.93 5.90
CA ARG A 111 36.64 -18.24 6.44
C ARG A 111 35.56 -18.68 7.42
N ALA A 112 35.06 -19.89 7.21
CA ALA A 112 34.02 -20.47 8.07
C ALA A 112 34.26 -20.17 9.54
N ALA A 113 35.43 -20.58 10.04
CA ALA A 113 35.77 -20.44 11.47
C ALA A 113 35.90 -19.00 11.96
N ASP A 114 35.99 -18.05 11.03
CA ASP A 114 36.12 -16.62 11.35
C ASP A 114 34.74 -15.95 11.36
N LEU A 115 33.88 -16.32 10.42
CA LEU A 115 32.47 -15.86 10.39
C LEU A 115 31.72 -16.38 11.61
N ALA A 116 32.10 -17.59 12.03
CA ALA A 116 31.64 -18.23 13.26
C ALA A 116 31.52 -17.28 14.45
N GLU A 117 32.65 -16.79 14.97
CA GLU A 117 32.63 -15.92 16.15
C GLU A 117 32.76 -14.45 15.75
N GLN A 118 31.73 -13.95 15.05
CA GLN A 118 31.72 -12.61 14.46
C GLN A 118 30.32 -11.99 14.63
N ALA A 119 30.24 -10.87 15.35
CA ALA A 119 28.96 -10.36 15.85
C ALA A 119 28.34 -9.23 15.03
N LYS A 120 29.15 -8.23 14.69
CA LYS A 120 28.67 -7.04 13.98
C LYS A 120 28.43 -7.32 12.50
N GLY A 121 27.46 -6.60 11.93
CA GLY A 121 27.21 -6.67 10.49
C GLY A 121 28.20 -5.77 9.75
N PRO A 122 27.97 -5.58 8.44
CA PRO A 122 28.88 -4.74 7.63
C PRO A 122 29.06 -3.29 8.13
N VAL A 123 27.99 -2.66 8.63
CA VAL A 123 28.07 -1.25 9.04
C VAL A 123 29.08 -1.01 10.19
N GLN A 124 29.16 -1.97 11.10
CA GLN A 124 29.99 -1.83 12.30
C GLN A 124 31.21 -2.76 12.37
N ALA A 125 31.19 -3.85 11.59
CA ALA A 125 32.28 -4.85 11.60
C ALA A 125 33.68 -4.26 11.44
N GLY A 126 34.47 -4.43 12.51
CA GLY A 126 35.83 -3.90 12.59
C GLY A 126 35.87 -2.49 13.15
N VAL A 127 35.22 -1.58 12.41
CA VAL A 127 35.05 -0.16 12.73
C VAL A 127 35.33 0.23 14.18
N SER A 130 39.50 1.64 13.50
CA SER A 130 39.55 2.61 12.40
C SER A 130 39.36 4.06 12.88
N ASN A 131 39.57 5.02 11.97
CA ASN A 131 39.38 6.46 12.25
C ASN A 131 37.93 6.91 12.07
N THR A 132 37.24 6.25 11.16
CA THR A 132 35.89 6.62 10.77
C THR A 132 34.92 7.03 11.89
N PRO A 133 34.69 6.21 12.94
CA PRO A 133 33.69 6.55 13.97
C PRO A 133 33.90 7.97 14.50
N ASP A 134 35.11 8.26 14.97
CA ASP A 134 35.46 9.60 15.43
C ASP A 134 35.19 10.65 14.38
N GLN A 135 35.62 10.40 13.16
CA GLN A 135 35.38 11.32 12.04
C GLN A 135 33.91 11.49 11.74
N VAL A 136 33.12 10.42 11.85
CA VAL A 136 31.68 10.52 11.65
C VAL A 136 30.99 11.38 12.74
N VAL A 137 31.36 11.13 13.98
CA VAL A 137 30.76 11.82 15.12
C VAL A 137 31.10 13.30 15.03
N LYS A 138 32.35 13.60 14.76
CA LYS A 138 32.76 15.00 14.70
C LYS A 138 31.96 15.74 13.61
N THR A 139 31.80 15.10 12.44
CA THR A 139 30.97 15.61 11.36
C THR A 139 29.51 15.80 11.80
N ILE A 140 28.88 14.78 12.37
CA ILE A 140 27.54 14.96 12.95
C ILE A 140 27.45 16.14 13.97
N ASN A 141 28.37 16.18 14.94
CA ASN A 141 28.33 17.20 15.98
C ASN A 141 28.42 18.62 15.50
N SER A 142 29.01 18.80 14.32
CA SER A 142 29.28 20.12 13.80
C SER A 142 28.00 20.79 13.24
N MET A 143 26.94 20.01 13.09
CA MET A 143 25.69 20.53 12.55
C MET A 143 24.56 20.40 13.58
N PRO A 144 24.07 21.53 14.06
CA PRO A 144 23.08 21.55 15.13
C PRO A 144 21.79 20.80 14.82
N GLU A 145 21.38 20.75 13.56
CA GLU A 145 20.20 19.99 13.19
C GLU A 145 20.36 18.49 13.43
N TYR A 146 21.56 17.95 13.19
CA TYR A 146 21.90 16.56 13.57
C TYR A 146 21.86 16.29 15.06
N VAL A 147 22.48 17.19 15.82
CA VAL A 147 22.50 17.09 17.31
C VAL A 147 21.05 17.07 17.85
N GLU A 148 20.21 17.93 17.29
CA GLU A 148 18.84 18.03 17.71
C GLU A 148 18.11 16.71 17.36
N ALA A 149 18.33 16.22 16.14
CA ALA A 149 17.77 14.95 15.68
C ALA A 149 18.17 13.74 16.56
N PHE A 150 19.46 13.64 16.93
CA PHE A 150 19.97 12.56 17.77
C PHE A 150 19.37 12.60 19.18
N LYS A 151 19.20 13.82 19.72
CA LYS A 151 18.59 13.97 21.07
C LYS A 151 17.13 13.49 21.08
N ALA A 152 16.41 13.76 20.01
CA ALA A 152 15.02 13.35 19.85
C ALA A 152 14.88 11.83 19.61
N ALA A 153 15.84 11.26 18.88
CA ALA A 153 15.78 9.86 18.52
C ALA A 153 16.23 9.06 19.74
N PHE A 154 17.17 9.61 20.50
CA PHE A 154 17.70 8.92 21.66
C PHE A 154 17.46 9.71 22.96
N PRO A 155 16.19 9.80 23.38
CA PRO A 155 15.81 10.62 24.53
C PRO A 155 16.47 10.22 25.84
N GLU A 156 16.82 8.95 26.03
CA GLU A 156 17.34 8.54 27.36
C GLU A 156 18.87 8.63 27.46
N GLU A 157 19.49 9.25 26.46
CA GLU A 157 20.93 9.20 26.34
C GLU A 157 21.49 10.58 26.58
N ALA A 158 22.37 10.70 27.58
CA ALA A 158 23.06 11.95 27.88
C ALA A 158 23.99 12.33 26.72
N ASP A 159 24.61 11.29 26.16
CA ASP A 159 25.67 11.34 25.14
C ASP A 159 25.23 10.59 23.86
N PRO A 160 24.27 11.15 23.11
CA PRO A 160 23.56 10.38 22.09
C PRO A 160 24.23 10.30 20.73
N VAL A 161 25.17 11.21 20.44
CA VAL A 161 25.85 11.22 19.14
C VAL A 161 27.06 10.28 19.23
N THR A 162 26.81 8.99 19.06
CA THR A 162 27.89 8.01 19.02
C THR A 162 27.75 7.22 17.76
N PHE A 163 28.82 6.51 17.41
CA PHE A 163 28.77 5.67 16.24
C PHE A 163 27.77 4.51 16.38
N ASP A 164 27.66 3.96 17.59
CA ASP A 164 26.63 2.94 17.87
C ASP A 164 25.23 3.44 17.59
N ASN A 165 24.93 4.67 18.02
CA ASN A 165 23.62 5.29 17.72
C ASN A 165 23.37 5.65 16.24
N PHE A 166 24.42 6.10 15.55
CA PHE A 166 24.40 6.23 14.10
C PHE A 166 23.96 4.86 13.54
N ALA A 167 24.57 3.77 14.02
CA ALA A 167 24.28 2.48 13.42
C ALA A 167 22.88 2.07 13.78
N ALA A 168 22.47 2.32 15.02
CA ALA A 168 21.12 2.01 15.49
C ALA A 168 20.01 2.76 14.72
N ALA A 169 20.24 4.02 14.37
CA ALA A 169 19.19 4.76 13.71
C ALA A 169 19.04 4.22 12.29
N ILE A 170 20.16 3.98 11.63
CA ILE A 170 20.12 3.37 10.28
C ILE A 170 19.42 2.01 10.27
N GLU A 171 19.67 1.17 11.27
CA GLU A 171 19.00 -0.13 11.38
C GLU A 171 17.45 0.04 11.50
N GLN A 172 17.01 1.11 12.15
CA GLN A 172 15.56 1.33 12.32
C GLN A 172 14.98 1.70 10.95
N PHE A 173 15.68 2.59 10.23
CA PHE A 173 15.30 2.91 8.86
C PHE A 173 15.37 1.65 7.99
N GLU A 174 16.43 0.85 8.15
CA GLU A 174 16.54 -0.40 7.37
C GLU A 174 15.32 -1.30 7.53
N ALA A 175 14.76 -1.37 8.74
CA ALA A 175 13.57 -2.18 9.03
C ALA A 175 12.30 -1.73 8.29
N THR A 176 12.31 -0.51 7.76
CA THR A 176 11.20 -0.04 6.94
C THR A 176 11.42 -0.35 5.45
N LEU A 177 12.62 -0.78 5.09
CA LEU A 177 12.94 -1.07 3.71
C LEU A 177 12.62 -2.51 3.36
N ILE A 178 11.36 -2.89 3.57
CA ILE A 178 10.89 -4.24 3.26
C ILE A 178 9.88 -4.20 2.09
N THR A 179 9.77 -5.29 1.35
CA THR A 179 8.97 -5.27 0.15
C THR A 179 7.85 -6.34 0.19
N PRO A 180 6.77 -6.10 0.93
CA PRO A 180 5.65 -7.08 1.04
C PRO A 180 4.93 -7.24 -0.32
N ASN A 181 3.99 -8.21 -0.41
CA ASN A 181 3.04 -8.32 -1.55
C ASN A 181 3.60 -8.57 -2.96
N SER A 182 4.75 -9.23 -3.06
CA SER A 182 5.19 -9.82 -4.32
C SER A 182 4.13 -10.80 -4.82
N ALA A 183 4.20 -11.16 -6.10
CA ALA A 183 3.20 -12.12 -6.64
C ALA A 183 3.22 -13.43 -5.86
N PHE A 184 4.43 -13.86 -5.50
CA PHE A 184 4.59 -15.12 -4.77
C PHE A 184 3.95 -15.04 -3.40
N ASP A 185 4.15 -13.92 -2.72
CA ASP A 185 3.53 -13.72 -1.42
C ASP A 185 2.02 -13.77 -1.51
N ARG A 186 1.49 -13.15 -2.56
CA ARG A 186 0.02 -13.12 -2.72
C ARG A 186 -0.52 -14.49 -3.07
N PHE A 187 0.26 -15.27 -3.82
CA PHE A 187 -0.09 -16.64 -4.07
C PHE A 187 -0.16 -17.46 -2.76
N LEU A 188 0.92 -17.36 -2.00
CA LEU A 188 1.07 -17.92 -0.68
C LEU A 188 -0.11 -17.59 0.22
N ALA A 189 -0.53 -16.32 0.26
CA ALA A 189 -1.70 -15.89 1.05
C ALA A 189 -3.04 -16.53 0.62
N GLY A 190 -3.09 -17.03 -0.62
CA GLY A 190 -4.35 -17.63 -1.10
C GLY A 190 -4.82 -17.18 -2.46
N ASP A 191 -4.08 -16.33 -3.15
CA ASP A 191 -4.53 -15.93 -4.49
C ASP A 191 -3.93 -16.79 -5.59
N ASP A 192 -4.75 -17.71 -6.12
CA ASP A 192 -4.35 -18.59 -7.22
C ASP A 192 -3.98 -17.87 -8.53
N ALA A 193 -4.64 -16.77 -8.84
CA ALA A 193 -4.37 -16.08 -10.08
C ALA A 193 -3.16 -15.16 -9.98
N ALA A 194 -2.53 -15.15 -8.81
CA ALA A 194 -1.43 -14.25 -8.55
C ALA A 194 -0.18 -14.59 -9.37
N MET A 195 -0.02 -15.87 -9.71
CA MET A 195 1.14 -16.34 -10.48
C MET A 195 0.68 -17.01 -11.80
N THR A 196 1.52 -16.99 -12.84
CA THR A 196 1.17 -17.76 -14.06
C THR A 196 1.43 -19.26 -13.88
N ASP A 197 0.92 -20.07 -14.81
CA ASP A 197 1.23 -21.48 -14.85
C ASP A 197 2.74 -21.72 -14.90
N GLN A 198 3.42 -20.95 -15.75
CA GLN A 198 4.87 -21.08 -15.87
C GLN A 198 5.56 -20.75 -14.55
N GLU A 199 5.06 -19.73 -13.86
CA GLU A 199 5.70 -19.30 -12.62
C GLU A 199 5.49 -20.38 -11.54
N LYS A 200 4.30 -20.97 -11.52
CA LYS A 200 4.00 -22.12 -10.65
C LYS A 200 4.85 -23.35 -10.97
N ARG A 201 5.04 -23.64 -12.25
CA ARG A 201 6.00 -24.69 -12.65
C ARG A 201 7.40 -24.40 -12.10
N GLY A 202 7.78 -23.14 -12.07
CA GLY A 202 9.09 -22.77 -11.54
C GLY A 202 9.16 -22.93 -10.02
N LEU A 203 8.10 -22.52 -9.32
CA LEU A 203 8.06 -22.70 -7.88
C LEU A 203 8.27 -24.17 -7.60
N GLN A 204 7.52 -25.02 -8.33
CA GLN A 204 7.55 -26.45 -8.13
C GLN A 204 8.97 -27.02 -8.37
N ALA A 205 9.57 -26.64 -9.48
CA ALA A 205 10.95 -27.04 -9.80
C ALA A 205 11.98 -26.54 -8.79
N PHE A 206 11.90 -25.26 -8.38
CA PHE A 206 12.75 -24.70 -7.31
C PHE A 206 12.71 -25.55 -6.05
N MET A 207 11.52 -26.03 -5.72
CA MET A 207 11.36 -26.79 -4.49
C MET A 207 11.76 -28.26 -4.69
N GLU A 208 11.40 -28.87 -5.81
CA GLU A 208 11.74 -30.27 -5.98
C GLU A 208 13.22 -30.54 -6.32
N THR A 209 13.87 -29.66 -7.07
CA THR A 209 15.24 -29.94 -7.50
C THR A 209 16.30 -29.62 -6.45
N GLY A 210 15.88 -29.21 -5.25
CA GLY A 210 16.83 -28.91 -4.15
C GLY A 210 17.41 -27.51 -3.94
N CYS A 211 16.93 -26.51 -4.68
CA CYS A 211 17.38 -25.12 -4.44
C CYS A 211 17.10 -24.69 -2.99
N THR A 212 16.01 -25.20 -2.43
CA THR A 212 15.59 -24.85 -1.06
C THR A 212 16.54 -25.31 0.09
N ALA A 213 17.50 -26.21 -0.19
CA ALA A 213 18.51 -26.55 0.81
C ALA A 213 19.24 -25.30 1.29
N CYS A 214 19.36 -24.31 0.41
CA CYS A 214 20.15 -23.17 0.74
C CYS A 214 19.37 -21.88 0.66
N HIS A 215 18.41 -21.79 -0.27
CA HIS A 215 17.56 -20.60 -0.50
C HIS A 215 16.13 -20.85 0.04
N TYR A 216 15.93 -20.57 1.33
CA TYR A 216 14.68 -20.94 2.03
C TYR A 216 14.19 -19.80 2.94
N GLY A 217 13.06 -19.97 3.59
CA GLY A 217 12.63 -18.99 4.58
C GLY A 217 12.14 -17.70 3.95
N VAL A 218 11.98 -16.68 4.77
CA VAL A 218 11.36 -15.44 4.34
C VAL A 218 12.10 -14.79 3.15
N ASN A 219 13.43 -14.91 3.13
CA ASN A 219 14.25 -14.24 2.10
C ASN A 219 14.79 -15.12 0.95
N PHE A 220 14.37 -16.39 0.89
CA PHE A 220 14.89 -17.37 -0.09
C PHE A 220 16.43 -17.37 -0.14
N GLY A 221 17.04 -17.42 1.04
CA GLY A 221 18.49 -17.31 1.18
C GLY A 221 18.82 -16.36 2.31
N GLY A 222 20.11 -16.06 2.48
CA GLY A 222 20.51 -15.00 3.42
C GLY A 222 20.73 -15.46 4.86
N GLN A 223 20.60 -16.76 5.10
CA GLN A 223 20.60 -17.28 6.46
C GLN A 223 21.82 -18.11 6.87
N ASP A 224 22.62 -18.55 5.88
CA ASP A 224 23.74 -19.44 6.18
C ASP A 224 24.70 -19.47 5.03
N TYR A 225 25.86 -20.08 5.26
CA TYR A 225 26.99 -20.04 4.32
C TYR A 225 27.26 -21.46 3.81
N HIS A 226 27.90 -21.51 2.65
CA HIS A 226 28.14 -22.76 1.94
C HIS A 226 29.48 -22.74 1.27
N PRO A 227 30.16 -23.89 1.20
CA PRO A 227 31.53 -23.94 0.65
C PRO A 227 31.54 -23.92 -0.90
N PHE A 228 30.81 -22.97 -1.49
CA PHE A 228 30.61 -22.90 -2.94
C PHE A 228 30.58 -21.44 -3.39
N GLY A 229 31.28 -21.12 -4.47
CA GLY A 229 31.25 -19.76 -4.99
C GLY A 229 31.65 -19.71 -6.45
N LEU A 230 31.31 -18.59 -7.08
CA LEU A 230 31.48 -18.42 -8.53
C LEU A 230 32.95 -18.29 -8.90
N ILE A 231 33.35 -18.93 -10.00
CA ILE A 231 34.68 -18.76 -10.62
C ILE A 231 34.53 -18.62 -12.14
N ALA A 232 35.53 -18.01 -12.77
CA ALA A 232 35.63 -17.81 -14.24
C ALA A 232 36.17 -19.07 -14.91
N LYS A 233 35.59 -19.46 -16.04
CA LYS A 233 36.18 -20.50 -16.90
C LYS A 233 37.20 -19.78 -17.77
N PRO A 234 38.07 -20.53 -18.45
CA PRO A 234 39.05 -19.95 -19.38
C PRO A 234 38.46 -18.96 -20.40
N GLY A 235 39.09 -17.81 -20.55
CA GLY A 235 38.64 -16.80 -21.51
C GLY A 235 37.38 -16.06 -21.12
N ALA A 236 36.90 -16.24 -19.87
CA ALA A 236 35.69 -15.56 -19.40
C ALA A 236 35.67 -14.06 -19.74
N GLU A 237 36.82 -13.41 -19.58
CA GLU A 237 36.99 -11.98 -19.87
C GLU A 237 37.23 -11.62 -21.35
N VAL A 238 37.12 -12.61 -22.24
CA VAL A 238 37.17 -12.35 -23.67
C VAL A 238 35.91 -12.93 -24.36
N LEU A 239 34.89 -13.22 -23.57
CA LEU A 239 33.66 -13.81 -24.11
C LEU A 239 32.44 -12.89 -23.87
N PRO A 240 31.56 -12.81 -24.88
CA PRO A 240 30.30 -12.05 -24.83
C PRO A 240 29.65 -12.01 -23.46
N ALA A 241 29.34 -10.80 -22.96
CA ALA A 241 28.71 -10.67 -21.65
C ALA A 241 27.38 -11.45 -21.48
N GLY A 242 26.81 -11.94 -22.58
CA GLY A 242 25.61 -12.78 -22.49
C GLY A 242 25.93 -14.27 -22.56
N ASP A 243 27.04 -14.57 -23.23
CA ASP A 243 27.50 -15.94 -23.49
C ASP A 243 27.34 -16.83 -22.28
N THR A 244 26.76 -18.02 -22.49
CA THR A 244 26.64 -19.06 -21.47
C THR A 244 27.99 -19.71 -21.17
N GLY A 245 28.08 -20.30 -19.98
CA GLY A 245 29.23 -21.13 -19.59
C GLY A 245 30.53 -20.37 -19.39
N ARG A 246 30.44 -19.06 -19.18
CA ARG A 246 31.63 -18.24 -18.91
C ARG A 246 32.09 -18.40 -17.46
N PHE A 247 31.11 -18.58 -16.57
CA PHE A 247 31.38 -18.77 -15.14
C PHE A 247 30.68 -20.01 -14.70
N GLU A 248 31.14 -20.56 -13.58
CA GLU A 248 30.46 -21.69 -12.93
C GLU A 248 30.75 -21.67 -11.44
N VAL A 249 29.97 -22.42 -10.65
CA VAL A 249 30.20 -22.51 -9.23
C VAL A 249 31.19 -23.63 -8.94
N THR A 250 31.95 -23.52 -7.88
CA THR A 250 32.91 -24.56 -7.58
C THR A 250 32.98 -24.70 -6.07
N ARG A 251 33.26 -25.91 -5.60
CA ARG A 251 33.37 -26.14 -4.17
C ARG A 251 34.73 -25.63 -3.74
N THR A 252 34.78 -24.90 -2.63
CA THR A 252 36.05 -24.38 -2.13
C THR A 252 36.86 -25.57 -1.57
N THR A 253 38.19 -25.42 -1.55
CA THR A 253 39.05 -26.53 -1.14
C THR A 253 39.03 -26.73 0.37
N ASP A 254 38.70 -27.98 0.74
CA ASP A 254 38.49 -28.40 2.14
C ASP A 254 37.31 -27.69 2.81
N ASP A 255 36.32 -27.28 2.04
CA ASP A 255 35.17 -26.54 2.59
C ASP A 255 35.54 -25.41 3.57
N GLU A 256 36.78 -24.94 3.55
CA GLU A 256 37.21 -24.02 4.64
C GLU A 256 36.75 -22.59 4.41
N TYR A 257 36.59 -22.23 3.15
CA TYR A 257 36.09 -20.92 2.80
C TYR A 257 34.60 -21.08 2.41
N VAL A 258 33.76 -20.12 2.80
CA VAL A 258 32.32 -20.20 2.51
C VAL A 258 31.70 -18.89 2.02
N PHE A 259 30.59 -19.03 1.28
CA PHE A 259 29.78 -17.92 0.76
C PHE A 259 28.37 -18.03 1.23
N ARG A 260 27.77 -16.88 1.48
CA ARG A 260 26.40 -16.84 1.89
C ARG A 260 25.46 -17.20 0.72
N ALA A 261 24.49 -18.08 0.93
CA ALA A 261 23.47 -18.32 -0.07
C ALA A 261 22.68 -17.02 -0.27
N ALA A 262 22.77 -16.45 -1.46
CA ALA A 262 22.23 -15.11 -1.71
C ALA A 262 20.75 -15.11 -1.46
N PRO A 263 20.22 -14.12 -0.71
CA PRO A 263 18.75 -14.00 -0.53
C PRO A 263 18.12 -13.56 -1.86
N LEU A 264 17.23 -14.39 -2.40
CA LEU A 264 16.73 -14.17 -3.75
C LEU A 264 15.49 -13.21 -3.91
N ARG A 265 14.97 -12.67 -2.80
CA ARG A 265 13.98 -11.58 -2.90
C ARG A 265 14.45 -10.41 -3.80
N ASN A 266 13.53 -9.94 -4.65
CA ASN A 266 13.82 -8.86 -5.59
C ASN A 266 15.03 -9.12 -6.54
N VAL A 267 15.40 -10.39 -6.73
CA VAL A 267 16.56 -10.75 -7.59
C VAL A 267 16.42 -10.19 -8.98
N ALA A 268 15.19 -10.13 -9.51
CA ALA A 268 14.96 -9.56 -10.82
C ALA A 268 15.47 -8.10 -10.88
N LEU A 269 15.52 -7.39 -9.73
CA LEU A 269 15.91 -5.98 -9.67
C LEU A 269 17.40 -5.77 -9.45
N THR A 270 18.11 -6.81 -9.07
CA THR A 270 19.46 -6.58 -8.52
C THR A 270 20.64 -7.14 -9.27
N ALA A 271 20.55 -7.16 -10.60
CA ALA A 271 21.69 -7.54 -11.42
C ALA A 271 22.76 -6.49 -11.21
N PRO A 272 24.02 -6.81 -11.48
CA PRO A 272 24.49 -8.15 -11.83
C PRO A 272 24.60 -9.15 -10.66
N TYR A 273 24.91 -10.40 -10.96
CA TYR A 273 24.70 -11.48 -9.96
C TYR A 273 26.03 -12.07 -9.50
N PHE A 274 25.94 -12.76 -8.38
CA PHE A 274 27.05 -13.38 -7.64
C PHE A 274 27.95 -12.38 -6.92
N HIS A 275 28.81 -12.91 -6.04
CA HIS A 275 29.58 -12.04 -5.14
C HIS A 275 30.46 -11.05 -5.92
N SER A 276 30.78 -11.40 -7.18
CA SER A 276 31.73 -10.65 -8.07
C SER A 276 31.01 -9.79 -9.11
N GLY A 277 29.68 -9.96 -9.20
CA GLY A 277 28.81 -9.16 -10.08
C GLY A 277 29.20 -9.27 -11.55
N VAL A 278 29.51 -10.50 -11.98
CA VAL A 278 30.00 -10.77 -13.37
C VAL A 278 28.91 -11.33 -14.31
N VAL A 279 27.78 -11.78 -13.76
CA VAL A 279 26.70 -12.36 -14.57
C VAL A 279 25.56 -11.33 -14.67
N TRP A 280 25.17 -10.99 -15.89
CA TRP A 280 24.13 -9.97 -16.05
C TRP A 280 22.77 -10.53 -16.32
N GLU A 281 22.66 -11.80 -16.68
CA GLU A 281 21.35 -12.37 -17.08
C GLU A 281 20.87 -13.31 -15.98
N LEU A 282 19.64 -13.13 -15.53
CA LEU A 282 19.14 -14.00 -14.45
C LEU A 282 19.06 -15.43 -14.90
N ALA A 283 18.74 -15.64 -16.18
CA ALA A 283 18.63 -17.00 -16.71
C ALA A 283 19.97 -17.74 -16.59
N GLU A 284 21.05 -17.03 -16.92
CA GLU A 284 22.39 -17.58 -16.76
C GLU A 284 22.76 -17.89 -15.31
N ALA A 285 22.45 -17.01 -14.37
CA ALA A 285 22.64 -17.30 -12.95
C ALA A 285 21.89 -18.58 -12.53
N VAL A 286 20.66 -18.73 -12.98
CA VAL A 286 19.93 -20.00 -12.72
C VAL A 286 20.63 -21.22 -13.33
N LYS A 287 21.05 -21.12 -14.59
CA LYS A 287 21.74 -22.23 -15.24
C LYS A 287 23.03 -22.58 -14.50
N ILE A 288 23.71 -21.59 -13.92
CA ILE A 288 24.96 -21.79 -13.19
C ILE A 288 24.72 -22.52 -11.87
N MET A 289 23.58 -22.25 -11.27
CA MET A 289 23.16 -22.94 -10.06
C MET A 289 22.55 -24.32 -10.32
N SER A 290 22.48 -24.71 -11.60
CA SER A 290 22.24 -26.10 -12.01
C SER A 290 23.62 -26.79 -12.14
N SER A 291 24.00 -27.53 -11.09
CA SER A 291 25.37 -28.02 -10.91
C SER A 291 25.39 -29.33 -10.13
N ALA A 292 26.09 -30.33 -10.66
CA ALA A 292 26.23 -31.63 -9.99
C ALA A 292 26.83 -31.44 -8.61
N GLN A 293 27.78 -30.53 -8.51
CA GLN A 293 28.53 -30.23 -7.28
C GLN A 293 27.67 -29.80 -6.11
N ILE A 294 26.66 -28.96 -6.36
CA ILE A 294 25.77 -28.57 -5.27
C ILE A 294 24.58 -29.51 -5.09
N GLY A 295 24.38 -30.41 -6.05
CA GLY A 295 23.31 -31.40 -5.94
C GLY A 295 21.99 -30.94 -6.53
N THR A 296 22.05 -30.03 -7.51
CA THR A 296 20.90 -29.61 -8.28
C THR A 296 21.20 -29.76 -9.76
N GLU A 297 20.30 -30.37 -10.50
CA GLU A 297 20.42 -30.37 -11.94
C GLU A 297 19.07 -29.97 -12.51
N LEU A 298 19.08 -29.08 -13.49
CA LEU A 298 17.83 -28.63 -14.09
C LEU A 298 17.77 -29.05 -15.56
N THR A 299 16.58 -29.39 -16.06
CA THR A 299 16.39 -29.50 -17.50
C THR A 299 16.35 -28.07 -18.06
N ASP A 300 16.47 -27.95 -19.38
CA ASP A 300 16.26 -26.63 -19.99
C ASP A 300 14.93 -26.05 -19.57
N GLN A 301 13.90 -26.89 -19.51
CA GLN A 301 12.58 -26.41 -19.18
C GLN A 301 12.52 -25.87 -17.75
N GLN A 302 13.02 -26.66 -16.80
CA GLN A 302 13.06 -26.25 -15.40
C GLN A 302 13.81 -24.93 -15.23
N ALA A 303 14.95 -24.81 -15.89
CA ALA A 303 15.74 -23.58 -15.82
C ALA A 303 14.89 -22.38 -16.29
N GLU A 304 14.13 -22.58 -17.36
CA GLU A 304 13.33 -21.50 -17.90
C GLU A 304 12.22 -21.10 -16.96
N ASP A 305 11.53 -22.11 -16.38
CA ASP A 305 10.42 -21.87 -15.46
C ASP A 305 10.89 -21.26 -14.13
N ILE A 306 12.02 -21.73 -13.60
CA ILE A 306 12.55 -21.15 -12.35
C ILE A 306 12.92 -19.70 -12.57
N THR A 307 13.45 -19.39 -13.78
CA THR A 307 13.81 -18.01 -14.08
C THR A 307 12.55 -17.13 -14.01
N ALA A 308 11.46 -17.63 -14.61
CA ALA A 308 10.21 -16.89 -14.61
C ALA A 308 9.70 -16.86 -13.17
N PHE A 309 9.74 -17.98 -12.45
CA PHE A 309 9.36 -17.96 -11.04
C PHE A 309 10.04 -16.83 -10.26
N LEU A 310 11.35 -16.63 -10.45
CA LEU A 310 12.13 -15.75 -9.58
C LEU A 310 11.63 -14.31 -9.74
N GLY A 311 11.03 -14.00 -10.87
CA GLY A 311 10.39 -12.71 -11.05
C GLY A 311 9.25 -12.49 -10.06
N THR A 312 8.64 -13.55 -9.53
CA THR A 312 7.55 -13.32 -8.59
C THR A 312 8.00 -12.96 -7.18
N LEU A 313 9.31 -12.94 -6.94
CA LEU A 313 9.86 -12.53 -5.64
C LEU A 313 10.11 -11.03 -5.53
N THR A 314 9.80 -10.32 -6.61
CA THR A 314 9.80 -8.87 -6.58
C THR A 314 8.56 -8.33 -5.79
N GLY A 315 8.81 -7.62 -4.69
CA GLY A 315 7.77 -7.01 -3.85
C GLY A 315 7.55 -5.52 -4.16
N GLU A 316 6.68 -4.90 -3.35
CA GLU A 316 6.30 -3.50 -3.47
C GLU A 316 7.49 -2.69 -3.00
N GLN A 317 8.01 -1.80 -3.85
CA GLN A 317 9.19 -1.07 -3.47
C GLN A 317 8.84 0.06 -2.51
N PRO A 318 9.68 0.32 -1.51
CA PRO A 318 9.47 1.46 -0.59
C PRO A 318 9.26 2.77 -1.33
N VAL A 319 8.38 3.61 -0.83
CA VAL A 319 8.21 4.95 -1.36
C VAL A 319 8.70 5.91 -0.28
N ILE A 320 9.80 6.56 -0.58
CA ILE A 320 10.60 7.28 0.40
C ILE A 320 10.73 8.74 -0.01
N ASP A 321 10.25 9.68 0.82
CA ASP A 321 10.60 11.11 0.65
C ASP A 321 12.11 11.36 0.81
N HIS A 322 12.77 11.93 -0.20
CA HIS A 322 14.18 12.22 -0.06
C HIS A 322 14.34 13.22 1.09
N PRO A 323 15.21 12.95 2.05
CA PRO A 323 15.32 13.81 3.24
C PRO A 323 15.98 15.13 2.89
N ILE A 324 15.73 16.15 3.69
CA ILE A 324 16.45 17.42 3.57
C ILE A 324 17.54 17.35 4.61
N LEU A 325 18.79 17.47 4.15
CA LEU A 325 19.94 17.24 5.03
C LEU A 325 20.32 18.47 5.85
N PRO A 326 20.82 18.24 7.06
CA PRO A 326 21.37 19.33 7.87
C PRO A 326 22.43 20.18 7.14
N VAL A 327 22.38 21.50 7.37
CA VAL A 327 23.31 22.43 6.78
C VAL A 327 24.65 22.28 7.52
N ARG A 328 25.74 22.34 6.77
CA ARG A 328 27.04 22.26 7.37
C ARG A 328 27.38 23.59 8.04
N THR A 329 28.39 23.59 8.88
CA THR A 329 28.72 24.83 9.57
C THR A 329 30.18 25.02 9.37
N GLY A 330 30.64 26.15 9.90
CA GLY A 330 32.00 26.63 9.72
C GLY A 330 33.07 25.62 10.07
N THR A 331 32.85 24.80 11.09
CA THR A 331 33.84 23.78 11.48
C THR A 331 33.48 22.37 11.08
N THR A 332 32.43 22.16 10.27
CA THR A 332 32.23 20.86 9.65
C THR A 332 33.51 20.46 8.90
N PRO A 333 34.01 19.26 9.13
CA PRO A 333 35.19 18.77 8.38
C PRO A 333 35.03 18.97 6.86
N LEU A 334 36.08 19.41 6.18
CA LEU A 334 35.99 19.63 4.73
C LEU A 334 36.11 18.28 4.00
N PRO A 335 35.37 18.08 2.93
CA PRO A 335 35.53 16.85 2.13
C PRO A 335 36.99 16.73 1.54
N THR A 336 37.51 15.50 1.46
CA THR A 336 38.84 15.21 0.87
C THR A 336 38.73 14.95 -0.63
N PRO A 337 39.57 15.59 -1.44
CA PRO A 337 39.58 15.35 -2.89
C PRO A 337 39.98 13.92 -3.23
N MET A 338 41.05 13.46 -2.56
CA MET A 338 41.74 12.15 -2.80
C MET A 338 43.02 12.30 -3.64
N ALA B 4 16.01 54.72 11.08
CA ALA B 4 16.19 53.34 10.51
C ALA B 4 14.94 52.45 10.65
N ILE B 5 14.75 51.58 9.65
CA ILE B 5 13.63 50.62 9.56
C ILE B 5 12.19 51.18 9.67
N ASP B 6 11.83 51.96 8.67
CA ASP B 6 10.44 52.10 8.27
C ASP B 6 10.10 50.85 7.39
N ASN B 7 9.33 49.90 7.93
CA ASN B 7 9.06 48.63 7.24
C ASN B 7 8.43 48.85 5.86
N GLY B 8 7.40 49.70 5.83
CA GLY B 8 6.71 50.00 4.58
C GLY B 8 7.65 50.54 3.53
N ALA B 9 8.61 51.37 3.94
CA ALA B 9 9.52 52.00 3.00
C ALA B 9 10.56 51.03 2.49
N LEU B 10 11.05 50.19 3.39
CA LEU B 10 12.03 49.18 3.07
C LEU B 10 11.43 48.14 2.11
N ARG B 11 10.18 47.78 2.36
CA ARG B 11 9.46 46.79 1.55
C ARG B 11 9.24 47.33 0.15
N GLU B 12 8.79 48.58 0.13
CA GLU B 12 8.57 49.33 -1.08
C GLU B 12 9.88 49.43 -1.90
N GLU B 13 10.99 49.76 -1.25
CA GLU B 13 12.28 49.75 -1.94
C GLU B 13 12.66 48.38 -2.52
N ALA B 14 12.52 47.33 -1.71
CA ALA B 14 12.86 45.98 -2.12
C ALA B 14 12.06 45.56 -3.33
N LYS B 15 10.81 46.03 -3.40
CA LYS B 15 9.92 45.62 -4.48
C LYS B 15 10.32 46.20 -5.83
N GLY B 16 11.01 47.33 -5.83
CA GLY B 16 11.51 47.92 -7.07
C GLY B 16 12.73 47.20 -7.66
N VAL B 17 13.31 46.28 -6.90
CA VAL B 17 14.55 45.64 -7.37
C VAL B 17 14.56 44.13 -7.33
N PHE B 18 13.73 43.54 -6.46
CA PHE B 18 13.61 42.08 -6.29
C PHE B 18 12.19 41.58 -6.59
N GLU B 19 12.01 40.26 -6.69
CA GLU B 19 10.68 39.66 -6.79
C GLU B 19 10.63 38.43 -5.90
N ALA B 20 9.44 38.07 -5.40
CA ALA B 20 9.31 36.80 -4.68
C ALA B 20 9.27 35.59 -5.62
N ILE B 21 9.71 34.44 -5.11
CA ILE B 21 9.61 33.18 -5.86
C ILE B 21 8.13 32.76 -5.90
N PRO B 22 7.60 32.43 -7.08
CA PRO B 22 6.19 32.04 -7.22
C PRO B 22 5.94 30.78 -6.41
N GLU B 23 4.69 30.59 -5.99
CA GLU B 23 4.30 29.39 -5.25
C GLU B 23 4.43 28.15 -6.08
N LYS B 24 4.15 28.29 -7.38
CA LYS B 24 4.14 27.15 -8.30
C LYS B 24 4.19 27.66 -9.73
N MET B 25 4.92 26.96 -10.58
CA MET B 25 5.00 27.28 -11.99
C MET B 25 3.87 26.57 -12.70
N THR B 26 3.45 27.12 -13.83
CA THR B 26 2.30 26.58 -14.55
C THR B 26 2.67 26.29 -16.00
N ALA B 27 3.68 27.00 -16.50
CA ALA B 27 4.18 26.91 -17.87
C ALA B 27 5.62 27.41 -17.88
N ILE B 28 6.41 26.98 -18.85
CA ILE B 28 7.79 27.49 -18.97
C ILE B 28 8.01 27.93 -20.38
N LYS B 29 9.16 28.53 -20.64
CA LYS B 29 9.48 29.01 -21.98
C LYS B 29 8.52 30.07 -22.51
N GLN B 30 7.97 30.88 -21.62
CA GLN B 30 7.15 32.02 -22.02
C GLN B 30 8.03 33.06 -22.68
N THR B 31 7.99 33.07 -24.02
CA THR B 31 8.68 34.09 -24.83
C THR B 31 7.70 34.88 -25.69
N PRO B 35 4.78 32.67 -26.04
CA PRO B 35 3.83 33.53 -25.32
C PRO B 35 3.22 32.82 -24.09
N GLU B 36 2.34 31.85 -24.30
CA GLU B 36 1.76 31.10 -23.19
C GLU B 36 2.76 30.01 -22.79
N GLY B 37 3.95 30.06 -23.36
CA GLY B 37 5.01 29.09 -23.13
C GLY B 37 4.59 27.65 -23.33
N VAL B 38 5.39 26.74 -22.80
CA VAL B 38 5.05 25.33 -22.79
C VAL B 38 4.36 25.00 -21.46
N PRO B 39 3.16 24.43 -21.50
CA PRO B 39 2.46 24.01 -20.25
C PRO B 39 3.22 22.92 -19.49
N LEU B 40 3.29 23.03 -18.15
CA LEU B 40 3.87 21.96 -17.35
C LEU B 40 2.84 20.86 -17.22
N THR B 41 3.25 19.61 -17.38
CA THR B 41 2.29 18.50 -17.19
C THR B 41 2.85 17.49 -16.19
N ALA B 42 1.94 16.77 -15.55
CA ALA B 42 2.30 15.75 -14.56
C ALA B 42 3.17 14.66 -15.15
N GLU B 43 2.82 14.19 -16.36
CA GLU B 43 3.53 13.09 -17.01
C GLU B 43 4.98 13.46 -17.30
N LYS B 44 5.22 14.70 -17.76
CA LYS B 44 6.58 15.18 -18.05
C LYS B 44 7.40 15.45 -16.80
N ILE B 45 6.80 16.08 -15.79
CA ILE B 45 7.49 16.32 -14.54
C ILE B 45 7.94 14.97 -13.96
N GLU B 46 7.04 13.98 -14.00
CA GLU B 46 7.27 12.66 -13.42
C GLU B 46 8.41 11.97 -14.13
N LEU B 47 8.39 12.03 -15.44
CA LEU B 47 9.46 11.37 -16.21
C LEU B 47 10.77 12.12 -16.01
N GLY B 48 10.69 13.44 -15.95
CA GLY B 48 11.87 14.22 -15.70
C GLY B 48 12.50 13.86 -14.36
N LYS B 49 11.67 13.59 -13.34
CA LYS B 49 12.22 13.23 -12.04
C LYS B 49 12.94 11.90 -12.10
N VAL B 50 12.36 10.93 -12.81
CA VAL B 50 13.01 9.60 -12.97
C VAL B 50 14.40 9.81 -13.63
N LEU B 51 14.41 10.54 -14.72
CA LEU B 51 15.66 10.69 -15.43
C LEU B 51 16.69 11.37 -14.54
N PHE B 52 16.24 12.33 -13.75
CA PHE B 52 17.13 13.18 -12.93
C PHE B 52 17.86 12.31 -11.92
N PHE B 53 17.12 11.34 -11.36
CA PHE B 53 17.72 10.39 -10.42
C PHE B 53 18.40 9.14 -11.02
N ASP B 54 18.43 9.01 -12.33
CA ASP B 54 18.84 7.72 -12.89
C ASP B 54 20.35 7.75 -13.22
N PRO B 55 21.17 7.03 -12.43
CA PRO B 55 22.61 7.06 -12.63
C PRO B 55 23.05 6.25 -13.89
N ARG B 56 22.12 5.49 -14.47
CA ARG B 56 22.37 4.75 -15.72
C ARG B 56 22.39 5.65 -16.92
N MET B 57 22.01 6.90 -16.71
CA MET B 57 22.21 7.90 -17.75
C MET B 57 23.67 8.33 -17.98
N SER B 58 24.59 7.98 -17.06
CA SER B 58 26.07 8.17 -17.26
C SER B 58 26.78 6.89 -17.76
N SER B 59 27.92 7.00 -18.45
CA SER B 59 28.52 5.75 -18.93
C SER B 59 28.99 4.86 -17.74
N SER B 60 29.36 5.48 -16.62
CA SER B 60 29.80 4.74 -15.42
C SER B 60 28.65 4.01 -14.69
N GLY B 61 27.41 4.47 -14.87
CA GLY B 61 26.25 3.91 -14.16
C GLY B 61 26.16 4.36 -12.71
N LEU B 62 27.07 5.22 -12.31
CA LEU B 62 27.14 5.72 -10.92
C LEU B 62 26.64 7.12 -10.74
N ILE B 63 26.70 7.93 -11.81
CA ILE B 63 26.45 9.34 -11.68
C ILE B 63 25.09 9.70 -12.28
N SER B 64 24.25 10.42 -11.52
CA SER B 64 22.96 10.97 -11.99
C SER B 64 23.00 12.49 -11.86
N CYS B 65 22.02 13.22 -12.39
CA CYS B 65 21.97 14.67 -12.11
C CYS B 65 21.93 14.91 -10.59
N GLN B 66 21.13 14.10 -9.88
CA GLN B 66 21.01 14.15 -8.44
C GLN B 66 22.36 14.12 -7.72
N THR B 67 23.35 13.46 -8.31
CA THR B 67 24.65 13.27 -7.67
C THR B 67 25.30 14.60 -7.36
N CYS B 68 25.29 15.48 -8.36
CA CYS B 68 25.91 16.80 -8.27
C CYS B 68 24.95 17.94 -7.91
N HIS B 69 23.65 17.76 -8.16
CA HIS B 69 22.67 18.77 -7.88
C HIS B 69 21.69 18.16 -6.84
N ASN B 70 22.21 17.77 -5.66
CA ASN B 70 21.50 16.91 -4.70
C ASN B 70 20.36 17.69 -4.05
N VAL B 71 19.13 17.26 -4.32
CA VAL B 71 17.95 17.94 -3.81
C VAL B 71 17.89 18.03 -2.28
N GLY B 72 18.59 17.16 -1.57
CA GLY B 72 18.58 17.20 -0.11
C GLY B 72 19.67 18.07 0.44
N LEU B 73 20.50 18.60 -0.45
CA LEU B 73 21.65 19.37 -0.06
C LEU B 73 21.60 20.75 -0.70
N GLY B 74 20.42 21.35 -0.78
CA GLY B 74 20.29 22.66 -1.42
C GLY B 74 20.48 22.69 -2.94
N GLY B 75 20.31 21.53 -3.59
CA GLY B 75 20.44 21.46 -5.05
C GLY B 75 21.85 21.40 -5.61
N VAL B 76 22.82 21.11 -4.75
CA VAL B 76 24.26 21.12 -5.06
C VAL B 76 24.94 19.87 -4.45
N ASP B 77 26.22 19.68 -4.74
CA ASP B 77 26.98 18.53 -4.21
C ASP B 77 27.81 18.91 -2.98
N GLY B 78 28.03 20.21 -2.76
CA GLY B 78 28.73 20.68 -1.57
C GLY B 78 30.22 20.47 -1.66
N LEU B 79 30.72 20.27 -2.89
CA LEU B 79 32.17 20.02 -3.10
C LEU B 79 32.76 21.21 -3.86
N PRO B 80 34.06 21.49 -3.72
CA PRO B 80 34.65 22.63 -4.44
C PRO B 80 34.30 22.59 -5.92
N THR B 81 34.66 21.56 -6.66
CA THR B 81 34.37 21.55 -8.10
C THR B 81 34.04 20.19 -8.66
N SER B 82 33.49 20.22 -9.87
CA SER B 82 33.26 19.02 -10.67
C SER B 82 33.19 19.35 -12.17
N ILE B 83 33.11 18.29 -12.98
CA ILE B 83 32.94 18.46 -14.41
C ILE B 83 31.73 17.66 -14.79
N GLY B 84 30.67 18.35 -15.17
CA GLY B 84 29.43 17.66 -15.46
C GLY B 84 28.88 17.83 -16.85
N HIS B 85 29.35 18.86 -17.55
CA HIS B 85 28.78 19.20 -18.84
C HIS B 85 29.90 19.57 -19.83
N GLY B 86 29.81 19.05 -21.05
CA GLY B 86 30.81 19.34 -22.10
C GLY B 86 31.17 20.79 -22.37
N TRP B 87 30.38 21.73 -21.86
CA TRP B 87 30.71 23.15 -22.12
C TRP B 87 31.75 23.75 -21.16
N GLN B 88 31.89 23.17 -19.97
CA GLN B 88 32.90 23.65 -19.00
C GLN B 88 34.31 23.77 -19.61
N LYS B 89 35.01 24.85 -19.34
CA LYS B 89 36.42 24.94 -19.79
C LYS B 89 37.35 24.19 -18.82
N GLY B 90 36.84 23.99 -17.59
CA GLY B 90 37.61 23.43 -16.48
C GLY B 90 36.61 23.04 -15.39
N PRO B 91 37.07 22.44 -14.30
CA PRO B 91 36.17 22.10 -13.19
C PRO B 91 35.53 23.39 -12.62
N ARG B 92 34.25 23.32 -12.21
CA ARG B 92 33.56 24.45 -11.59
C ARG B 92 32.73 23.96 -10.44
N ASN B 93 32.44 24.88 -9.53
CA ASN B 93 31.52 24.56 -8.43
C ASN B 93 30.12 24.34 -9.01
N ALA B 94 29.48 23.21 -8.71
CA ALA B 94 28.13 22.98 -9.27
C ALA B 94 27.13 24.00 -8.64
N PRO B 95 26.44 24.75 -9.51
CA PRO B 95 25.38 25.69 -9.06
C PRO B 95 24.15 24.92 -8.66
N THR B 96 23.35 25.53 -7.81
CA THR B 96 22.08 24.91 -7.42
C THR B 96 21.04 24.69 -8.54
N MET B 97 20.36 23.55 -8.49
CA MET B 97 19.19 23.34 -9.37
C MET B 97 18.01 24.18 -8.87
N LEU B 98 18.02 24.53 -7.59
CA LEU B 98 16.88 25.24 -6.98
C LEU B 98 16.75 26.61 -7.62
N ASN B 99 15.55 26.91 -8.15
CA ASN B 99 15.21 28.14 -8.86
C ASN B 99 16.02 28.41 -10.12
N ALA B 100 16.78 27.42 -10.59
CA ALA B 100 17.65 27.63 -11.77
C ALA B 100 16.82 27.98 -12.97
N ILE B 101 15.56 27.52 -12.98
CA ILE B 101 14.65 27.82 -14.06
C ILE B 101 14.61 29.33 -14.37
N PHE B 102 14.86 30.17 -13.37
CA PHE B 102 14.71 31.62 -13.53
C PHE B 102 16.00 32.31 -13.99
N ASN B 103 17.10 31.57 -14.21
CA ASN B 103 18.37 32.25 -14.58
C ASN B 103 18.50 32.43 -16.10
N ALA B 104 18.50 33.67 -16.57
CA ALA B 104 18.64 33.92 -18.04
C ALA B 104 20.08 33.64 -18.50
N ALA B 105 21.04 33.97 -17.66
CA ALA B 105 22.44 33.59 -17.86
C ALA B 105 22.66 32.13 -17.39
N GLN B 106 23.24 31.30 -18.25
CA GLN B 106 23.15 29.84 -18.07
C GLN B 106 24.41 29.15 -17.60
N PHE B 107 25.55 29.84 -17.67
CA PHE B 107 26.90 29.27 -17.42
C PHE B 107 27.65 30.10 -16.40
N TRP B 108 28.60 29.47 -15.71
CA TRP B 108 29.46 30.18 -14.76
C TRP B 108 30.25 31.31 -15.45
N ASP B 109 30.79 31.02 -16.63
CA ASP B 109 31.82 31.87 -17.26
C ASP B 109 32.18 31.55 -18.71
N GLY B 110 33.06 32.36 -19.30
CA GLY B 110 33.36 32.19 -20.71
C GLY B 110 33.78 33.51 -21.30
N ARG B 111 34.21 33.50 -22.57
CA ARG B 111 34.46 34.75 -23.31
C ARG B 111 33.15 35.39 -23.71
N ALA B 112 33.04 36.70 -23.47
CA ALA B 112 31.79 37.41 -23.76
C ALA B 112 31.12 36.95 -25.07
N ALA B 113 31.90 36.85 -26.14
CA ALA B 113 31.41 36.47 -27.48
C ALA B 113 30.82 35.04 -27.61
N ASP B 114 31.57 34.02 -27.18
CA ASP B 114 31.01 32.65 -27.19
C ASP B 114 29.74 32.62 -26.37
N LEU B 115 29.72 33.37 -25.26
CA LEU B 115 28.52 33.47 -24.42
C LEU B 115 27.36 34.10 -25.18
N ALA B 116 27.64 35.19 -25.90
CA ALA B 116 26.66 35.88 -26.74
C ALA B 116 25.93 34.96 -27.74
N GLU B 117 26.69 34.27 -28.60
CA GLU B 117 26.12 33.26 -29.50
C GLU B 117 25.99 31.88 -28.81
N GLN B 118 24.77 31.55 -28.39
CA GLN B 118 24.48 30.29 -27.70
C GLN B 118 23.07 30.28 -27.14
N ALA B 119 22.29 29.27 -27.51
CA ALA B 119 20.91 29.16 -27.04
C ALA B 119 20.72 28.03 -26.02
N LYS B 120 21.51 26.97 -26.18
CA LYS B 120 21.40 25.79 -25.35
C LYS B 120 22.11 26.00 -24.01
N GLY B 121 21.48 25.50 -22.95
CA GLY B 121 22.05 25.55 -21.61
C GLY B 121 23.01 24.38 -21.36
N PRO B 122 23.47 24.24 -20.11
CA PRO B 122 24.40 23.16 -19.72
C PRO B 122 23.97 21.75 -20.17
N VAL B 123 22.73 21.36 -19.91
CA VAL B 123 22.27 19.99 -20.26
C VAL B 123 22.51 19.68 -21.76
N GLN B 124 22.25 20.66 -22.62
CA GLN B 124 22.28 20.45 -24.05
C GLN B 124 23.48 21.00 -24.80
N ALA B 125 24.22 21.95 -24.22
CA ALA B 125 25.27 22.68 -24.97
C ALA B 125 26.42 21.77 -25.42
N GLY B 126 26.65 21.69 -26.72
CA GLY B 126 27.75 20.91 -27.28
C GLY B 126 27.48 19.41 -27.36
N VAL B 127 26.37 19.00 -26.74
CA VAL B 127 25.93 17.61 -26.69
C VAL B 127 25.52 17.08 -28.06
N SER B 130 28.71 15.20 -30.01
CA SER B 130 29.09 14.03 -29.21
C SER B 130 28.18 12.82 -29.37
N ASN B 131 28.50 11.75 -28.63
CA ASN B 131 27.92 10.41 -28.77
C ASN B 131 26.95 10.07 -27.65
N THR B 132 26.97 10.93 -26.63
CA THR B 132 26.05 10.91 -25.52
C THR B 132 24.60 10.66 -25.97
N PRO B 133 24.07 11.51 -26.84
CA PRO B 133 22.66 11.41 -27.17
C PRO B 133 22.26 10.00 -27.61
N ASP B 134 22.95 9.40 -28.59
CA ASP B 134 22.63 8.03 -28.99
C ASP B 134 22.70 7.04 -27.85
N GLN B 135 23.74 7.17 -27.03
CA GLN B 135 23.94 6.29 -25.88
C GLN B 135 22.82 6.41 -24.90
N VAL B 136 22.47 7.64 -24.54
CA VAL B 136 21.29 7.89 -23.69
C VAL B 136 19.97 7.26 -24.23
N VAL B 137 19.69 7.52 -25.51
CA VAL B 137 18.45 7.06 -26.15
C VAL B 137 18.44 5.53 -26.17
N LYS B 138 19.54 4.91 -26.58
CA LYS B 138 19.64 3.44 -26.61
C LYS B 138 19.33 2.85 -25.25
N THR B 139 19.93 3.45 -24.22
CA THR B 139 19.71 3.03 -22.84
C THR B 139 18.25 3.15 -22.38
N ILE B 140 17.61 4.27 -22.67
CA ILE B 140 16.21 4.46 -22.35
C ILE B 140 15.33 3.46 -23.13
N ASN B 141 15.57 3.36 -24.44
CA ASN B 141 14.76 2.45 -25.26
C ASN B 141 14.80 1.03 -24.81
N SER B 142 15.86 0.63 -24.10
CA SER B 142 16.03 -0.78 -23.74
C SER B 142 15.16 -1.14 -22.55
N MET B 143 14.51 -0.14 -21.97
CA MET B 143 13.61 -0.39 -20.83
C MET B 143 12.18 0.01 -21.13
N PRO B 144 11.27 -0.96 -21.23
CA PRO B 144 9.86 -0.68 -21.59
C PRO B 144 9.12 0.34 -20.71
N GLU B 145 9.40 0.38 -19.42
CA GLU B 145 8.78 1.38 -18.56
C GLU B 145 9.17 2.81 -19.00
N TYR B 146 10.40 2.97 -19.47
CA TYR B 146 10.83 4.30 -19.97
C TYR B 146 10.05 4.62 -21.25
N VAL B 147 9.97 3.63 -22.15
CA VAL B 147 9.32 3.88 -23.45
C VAL B 147 7.87 4.25 -23.21
N GLU B 148 7.21 3.52 -22.32
CA GLU B 148 5.85 3.88 -21.94
C GLU B 148 5.73 5.31 -21.36
N ALA B 149 6.61 5.68 -20.45
CA ALA B 149 6.58 7.01 -19.86
C ALA B 149 6.84 8.10 -20.90
N PHE B 150 7.77 7.86 -21.83
CA PHE B 150 8.03 8.83 -22.92
C PHE B 150 6.80 8.98 -23.84
N LYS B 151 6.20 7.86 -24.26
CA LYS B 151 4.94 7.89 -25.05
C LYS B 151 3.81 8.70 -24.36
N ALA B 152 3.62 8.44 -23.06
CA ALA B 152 2.65 9.18 -22.25
C ALA B 152 2.97 10.67 -22.15
N ALA B 153 4.24 11.02 -21.94
CA ALA B 153 4.65 12.45 -21.78
C ALA B 153 4.65 13.27 -23.09
N PHE B 154 4.94 12.62 -24.22
CA PHE B 154 5.01 13.28 -25.52
C PHE B 154 4.09 12.58 -26.51
N PRO B 155 2.78 12.62 -26.24
CA PRO B 155 1.80 11.86 -27.03
C PRO B 155 1.68 12.26 -28.50
N GLU B 156 2.02 13.50 -28.83
CA GLU B 156 1.85 14.00 -30.19
C GLU B 156 2.99 13.60 -31.12
N GLU B 157 3.98 12.87 -30.61
CA GLU B 157 5.19 12.57 -31.36
C GLU B 157 5.26 11.08 -31.66
N ALA B 158 5.51 10.76 -32.92
CA ALA B 158 5.71 9.38 -33.35
C ALA B 158 7.02 8.77 -32.84
N ASP B 159 8.06 9.61 -32.73
CA ASP B 159 9.42 9.22 -32.27
C ASP B 159 9.72 9.99 -30.97
N PRO B 160 9.10 9.60 -29.84
CA PRO B 160 9.20 10.36 -28.59
C PRO B 160 10.49 10.22 -27.74
N VAL B 161 11.20 9.10 -27.87
CA VAL B 161 12.45 8.88 -27.14
C VAL B 161 13.62 9.55 -27.89
N THR B 162 13.80 10.87 -27.71
CA THR B 162 14.90 11.63 -28.32
C THR B 162 15.69 12.34 -27.21
N PHE B 163 16.92 12.79 -27.54
CA PHE B 163 17.68 13.54 -26.55
C PHE B 163 17.00 14.89 -26.22
N ASP B 164 16.46 15.58 -27.26
CA ASP B 164 15.62 16.79 -27.07
C ASP B 164 14.55 16.54 -25.97
N ASN B 165 13.77 15.50 -26.15
CA ASN B 165 12.72 15.14 -25.14
C ASN B 165 13.22 14.78 -23.75
N PHE B 166 14.40 14.12 -23.69
CA PHE B 166 15.05 13.82 -22.41
C PHE B 166 15.26 15.12 -21.65
N ALA B 167 15.82 16.10 -22.34
CA ALA B 167 16.11 17.40 -21.72
C ALA B 167 14.83 18.17 -21.40
N ALA B 168 13.86 18.10 -22.31
CA ALA B 168 12.58 18.78 -22.12
C ALA B 168 11.86 18.26 -20.88
N ALA B 169 11.91 16.95 -20.62
CA ALA B 169 11.26 16.38 -19.44
C ALA B 169 11.98 16.82 -18.18
N ILE B 170 13.30 16.71 -18.18
CA ILE B 170 14.09 17.18 -17.04
C ILE B 170 13.79 18.67 -16.75
N GLU B 171 13.76 19.52 -17.80
CA GLU B 171 13.36 20.92 -17.68
C GLU B 171 11.99 21.13 -16.99
N GLN B 172 11.01 20.28 -17.26
CA GLN B 172 9.75 20.39 -16.54
C GLN B 172 9.89 20.07 -15.06
N PHE B 173 10.60 18.97 -14.74
CA PHE B 173 10.92 18.68 -13.37
C PHE B 173 11.68 19.86 -12.70
N GLU B 174 12.64 20.43 -13.43
CA GLU B 174 13.42 21.55 -12.88
C GLU B 174 12.50 22.69 -12.47
N ALA B 175 11.37 22.84 -13.18
CA ALA B 175 10.48 23.96 -12.91
C ALA B 175 9.72 23.79 -11.61
N THR B 176 9.64 22.55 -11.10
CA THR B 176 9.07 22.30 -9.77
C THR B 176 10.12 22.41 -8.64
N LEU B 177 11.39 22.61 -8.99
CA LEU B 177 12.45 22.69 -7.98
C LEU B 177 12.64 24.16 -7.63
N ILE B 178 11.57 24.76 -7.13
CA ILE B 178 11.61 26.18 -6.77
C ILE B 178 11.33 26.24 -5.30
N THR B 179 11.75 27.32 -4.65
CA THR B 179 11.72 27.42 -3.19
C THR B 179 11.03 28.69 -2.67
N PRO B 180 9.71 28.75 -2.70
CA PRO B 180 8.98 29.94 -2.23
C PRO B 180 9.00 30.07 -0.69
N ASN B 181 8.54 31.21 -0.21
CA ASN B 181 8.29 31.47 1.23
C ASN B 181 9.50 31.56 2.12
N SER B 182 10.61 32.06 1.59
CA SER B 182 11.80 32.31 2.44
C SER B 182 11.35 33.42 3.35
N ALA B 183 12.12 33.67 4.40
CA ALA B 183 11.81 34.79 5.30
C ALA B 183 11.77 36.14 4.53
N PHE B 184 12.66 36.36 3.57
CA PHE B 184 12.60 37.59 2.76
C PHE B 184 11.31 37.73 1.95
N ASP B 185 10.88 36.67 1.28
CA ASP B 185 9.61 36.68 0.56
C ASP B 185 8.38 36.94 1.46
N ARG B 186 8.37 36.32 2.64
CA ARG B 186 7.29 36.56 3.58
C ARG B 186 7.24 38.01 4.03
N PHE B 187 8.43 38.62 4.24
CA PHE B 187 8.50 40.04 4.55
C PHE B 187 7.92 40.83 3.37
N LEU B 188 8.35 40.48 2.15
CA LEU B 188 7.89 41.18 0.95
C LEU B 188 6.39 41.13 0.84
N ALA B 189 5.82 39.96 1.18
CA ALA B 189 4.37 39.74 1.08
C ALA B 189 3.56 40.38 2.21
N GLY B 190 4.22 41.11 3.11
CA GLY B 190 3.51 41.87 4.13
C GLY B 190 3.72 41.49 5.58
N ASP B 191 4.60 40.54 5.88
CA ASP B 191 4.80 40.18 7.28
C ASP B 191 6.07 40.85 7.82
N ASP B 192 5.85 41.95 8.56
CA ASP B 192 6.89 42.81 9.09
C ASP B 192 7.80 42.04 10.02
N ALA B 193 7.23 41.10 10.78
CA ALA B 193 8.03 40.30 11.73
C ALA B 193 8.72 39.06 11.12
N ALA B 194 8.62 38.85 9.82
CA ALA B 194 9.29 37.71 9.21
C ALA B 194 10.86 37.81 9.25
N MET B 195 11.37 39.03 9.37
CA MET B 195 12.83 39.28 9.38
C MET B 195 13.23 40.04 10.67
N THR B 196 14.41 39.73 11.22
CA THR B 196 14.90 40.43 12.41
C THR B 196 15.35 41.83 11.99
N ASP B 197 15.50 42.71 12.98
CA ASP B 197 16.07 44.04 12.77
C ASP B 197 17.40 43.98 12.00
N GLN B 198 18.32 43.11 12.46
CA GLN B 198 19.62 42.93 11.81
C GLN B 198 19.47 42.54 10.34
N GLU B 199 18.59 41.56 10.09
CA GLU B 199 18.29 41.06 8.73
C GLU B 199 17.77 42.22 7.82
N LYS B 200 16.93 43.08 8.40
CA LYS B 200 16.45 44.28 7.72
C LYS B 200 17.54 45.32 7.51
N ARG B 201 18.46 45.45 8.46
CA ARG B 201 19.61 46.32 8.23
C ARG B 201 20.50 45.78 7.08
N GLY B 202 20.67 44.46 7.08
CA GLY B 202 21.29 43.75 5.98
C GLY B 202 20.61 44.00 4.64
N LEU B 203 19.28 43.90 4.57
CA LEU B 203 18.59 44.19 3.31
C LEU B 203 18.88 45.61 2.86
N GLN B 204 18.83 46.54 3.81
CA GLN B 204 19.04 47.95 3.53
C GLN B 204 20.46 48.15 3.00
N ALA B 205 21.46 47.65 3.72
CA ALA B 205 22.84 47.77 3.22
C ALA B 205 23.04 47.07 1.87
N PHE B 206 22.44 45.90 1.68
CA PHE B 206 22.57 45.20 0.38
C PHE B 206 22.13 46.09 -0.79
N MET B 207 21.08 46.87 -0.56
CA MET B 207 20.45 47.67 -1.59
C MET B 207 21.21 48.98 -1.82
N GLU B 208 21.83 49.53 -0.78
CA GLU B 208 22.42 50.85 -0.94
C GLU B 208 23.91 50.84 -1.21
N THR B 209 24.60 49.73 -0.91
CA THR B 209 26.03 49.65 -1.14
C THR B 209 26.35 49.17 -2.55
N GLY B 210 25.31 48.89 -3.36
CA GLY B 210 25.50 48.59 -4.79
C GLY B 210 25.53 47.14 -5.25
N CYS B 211 25.25 46.21 -4.34
CA CYS B 211 25.21 44.78 -4.67
C CYS B 211 24.12 44.49 -5.71
N THR B 212 23.07 45.33 -5.74
CA THR B 212 21.95 45.10 -6.62
C THR B 212 22.24 45.48 -8.03
N ALA B 213 23.37 46.16 -8.26
CA ALA B 213 23.87 46.38 -9.61
C ALA B 213 23.96 45.05 -10.36
N CYS B 214 24.36 44.01 -9.64
CA CYS B 214 24.54 42.70 -10.25
C CYS B 214 23.66 41.62 -9.65
N HIS B 215 23.28 41.73 -8.37
CA HIS B 215 22.43 40.72 -7.73
C HIS B 215 21.00 41.28 -7.55
N TYR B 216 20.16 41.13 -8.57
CA TYR B 216 18.81 41.74 -8.54
C TYR B 216 17.73 40.75 -9.05
N GLY B 217 16.47 41.17 -9.08
CA GLY B 217 15.42 40.32 -9.68
C GLY B 217 15.03 39.17 -8.75
N VAL B 218 14.24 38.22 -9.27
CA VAL B 218 13.71 37.10 -8.45
C VAL B 218 14.81 36.25 -7.76
N ASN B 219 15.96 36.10 -8.42
CA ASN B 219 17.03 35.21 -7.95
C ASN B 219 18.26 35.90 -7.33
N PHE B 220 18.21 37.22 -7.18
CA PHE B 220 19.35 37.99 -6.64
C PHE B 220 20.61 37.63 -7.42
N GLY B 221 20.52 37.72 -8.75
CA GLY B 221 21.63 37.34 -9.63
C GLY B 221 21.16 36.38 -10.69
N GLY B 222 22.11 35.88 -11.48
CA GLY B 222 21.79 34.82 -12.40
C GLY B 222 21.39 35.29 -13.77
N GLN B 223 21.43 36.62 -13.98
CA GLN B 223 20.82 37.23 -15.16
C GLN B 223 21.81 37.79 -16.20
N ASP B 224 23.06 38.07 -15.80
CA ASP B 224 24.05 38.62 -16.70
C ASP B 224 25.47 38.39 -16.20
N TYR B 225 26.43 38.82 -17.02
CA TYR B 225 27.85 38.51 -16.85
C TYR B 225 28.68 39.75 -16.58
N HIS B 226 29.85 39.54 -15.97
CA HIS B 226 30.70 40.62 -15.56
C HIS B 226 32.17 40.27 -15.67
N PRO B 227 32.97 41.26 -16.03
CA PRO B 227 34.42 41.05 -16.19
C PRO B 227 35.14 41.04 -14.83
N PHE B 228 34.61 40.25 -13.88
CA PHE B 228 35.07 40.23 -12.51
C PHE B 228 34.97 38.84 -11.97
N GLY B 229 36.06 38.29 -11.46
CA GLY B 229 35.95 36.94 -10.87
C GLY B 229 36.92 36.71 -9.74
N LEU B 230 36.76 35.58 -9.07
CA LEU B 230 37.51 35.29 -7.89
C LEU B 230 38.86 34.76 -8.29
N ILE B 231 39.89 35.28 -7.61
CA ILE B 231 41.26 34.77 -7.77
C ILE B 231 41.93 34.59 -6.39
N ALA B 232 42.79 33.58 -6.26
CA ALA B 232 43.59 33.40 -5.04
C ALA B 232 44.70 34.45 -4.84
N LYS B 233 45.00 34.76 -3.58
CA LYS B 233 46.17 35.56 -3.22
C LYS B 233 47.34 34.65 -2.84
N PRO B 234 48.50 34.83 -3.47
CA PRO B 234 49.65 33.98 -3.22
C PRO B 234 50.20 33.94 -1.78
N GLY B 235 50.89 32.83 -1.54
CA GLY B 235 50.94 32.11 -0.29
C GLY B 235 50.49 30.70 -0.70
N ALA B 236 50.77 29.69 0.13
CA ALA B 236 50.10 28.40 0.01
C ALA B 236 48.75 28.55 0.70
N ASP B 243 41.48 31.64 5.85
CA ASP B 243 41.91 32.65 6.83
C ASP B 243 41.00 33.88 6.75
N THR B 244 41.20 34.72 5.73
CA THR B 244 40.28 35.83 5.39
C THR B 244 40.78 36.65 4.18
N GLY B 245 42.10 36.84 4.08
CA GLY B 245 42.68 37.48 2.93
C GLY B 245 43.34 36.44 2.06
N ARG B 246 42.64 35.32 1.84
CA ARG B 246 43.16 34.25 1.00
C ARG B 246 42.75 34.46 -0.45
N PHE B 247 41.57 35.04 -0.64
CA PHE B 247 41.02 35.30 -1.98
C PHE B 247 40.53 36.75 -2.11
N GLU B 248 40.39 37.21 -3.34
CA GLU B 248 39.84 38.54 -3.65
C GLU B 248 39.18 38.51 -5.02
N VAL B 249 38.20 39.39 -5.20
CA VAL B 249 37.58 39.58 -6.51
C VAL B 249 38.43 40.49 -7.41
N THR B 250 38.58 40.12 -8.68
CA THR B 250 39.45 40.89 -9.55
C THR B 250 38.88 40.94 -10.96
N ARG B 251 39.26 42.00 -11.69
CA ARG B 251 38.86 42.21 -13.08
C ARG B 251 39.60 41.23 -13.98
N THR B 252 38.97 40.76 -15.05
CA THR B 252 39.66 39.90 -16.00
C THR B 252 40.63 40.72 -16.88
N THR B 253 41.50 40.00 -17.60
CA THR B 253 42.58 40.65 -18.37
C THR B 253 42.18 41.80 -19.29
N ASP B 254 40.96 41.80 -19.83
CA ASP B 254 40.43 42.98 -20.57
C ASP B 254 38.91 43.06 -20.80
N ASP B 255 38.14 42.33 -19.99
CA ASP B 255 36.67 42.37 -20.05
C ASP B 255 36.07 41.51 -21.15
N GLU B 256 36.93 40.70 -21.77
CA GLU B 256 36.53 39.73 -22.78
C GLU B 256 36.09 38.47 -22.05
N TYR B 257 36.77 38.18 -20.94
CA TYR B 257 36.39 37.07 -20.08
C TYR B 257 35.48 37.53 -18.95
N VAL B 258 34.36 36.83 -18.77
CA VAL B 258 33.33 37.29 -17.83
C VAL B 258 32.72 36.12 -17.02
N PHE B 259 32.11 36.46 -15.88
CA PHE B 259 31.51 35.48 -14.96
C PHE B 259 30.06 35.90 -14.72
N ARG B 260 29.18 34.92 -14.50
CA ARG B 260 27.81 35.21 -14.16
C ARG B 260 27.69 35.67 -12.71
N ALA B 261 26.92 36.72 -12.48
CA ALA B 261 26.63 37.20 -11.13
C ALA B 261 25.86 36.11 -10.45
N ALA B 262 26.44 35.50 -9.43
CA ALA B 262 25.84 34.32 -8.83
C ALA B 262 24.45 34.61 -8.27
N PRO B 263 23.46 33.75 -8.55
CA PRO B 263 22.12 33.93 -7.98
C PRO B 263 22.15 33.55 -6.50
N LEU B 264 21.78 34.49 -5.61
CA LEU B 264 21.96 34.29 -4.14
C LEU B 264 20.87 33.56 -3.36
N ARG B 265 19.78 33.22 -4.05
CA ARG B 265 18.80 32.37 -3.42
C ARG B 265 19.42 31.09 -2.80
N ASN B 266 18.99 30.73 -1.59
CA ASN B 266 19.48 29.56 -0.85
C ASN B 266 21.01 29.53 -0.70
N VAL B 267 21.67 30.71 -0.78
CA VAL B 267 23.15 30.80 -0.63
C VAL B 267 23.66 30.16 0.70
N ALA B 268 22.85 30.23 1.77
CA ALA B 268 23.24 29.66 3.04
C ALA B 268 23.45 28.15 2.88
N LEU B 269 22.77 27.54 1.89
CA LEU B 269 22.67 26.06 1.80
C LEU B 269 23.72 25.49 0.84
N THR B 270 24.38 26.38 0.10
CA THR B 270 25.16 25.91 -1.03
C THR B 270 26.64 26.22 -0.97
N ALA B 271 27.22 26.13 0.23
CA ALA B 271 28.72 26.24 0.33
C ALA B 271 29.32 25.06 -0.45
N PRO B 272 30.54 25.15 -0.96
CA PRO B 272 31.39 26.34 -0.87
C PRO B 272 31.08 27.39 -1.96
N TYR B 273 31.74 28.53 -1.92
CA TYR B 273 31.31 29.66 -2.73
C TYR B 273 32.29 30.00 -3.87
N PHE B 274 31.76 30.72 -4.85
CA PHE B 274 32.46 31.21 -6.03
C PHE B 274 32.61 30.09 -7.06
N HIS B 275 32.98 30.43 -8.30
CA HIS B 275 33.07 29.49 -9.39
C HIS B 275 34.07 28.39 -9.08
N SER B 276 35.05 28.68 -8.25
CA SER B 276 36.06 27.66 -7.93
C SER B 276 35.76 26.89 -6.64
N GLY B 277 34.74 27.30 -5.89
CA GLY B 277 34.34 26.56 -4.65
C GLY B 277 35.44 26.52 -3.59
N VAL B 278 36.17 27.62 -3.41
CA VAL B 278 37.34 27.62 -2.47
C VAL B 278 37.02 28.38 -1.16
N VAL B 279 35.89 29.08 -1.12
CA VAL B 279 35.47 29.77 0.11
C VAL B 279 34.36 29.00 0.85
N TRP B 280 34.58 28.71 2.11
CA TRP B 280 33.60 27.91 2.82
C TRP B 280 32.60 28.68 3.67
N GLU B 281 32.99 29.85 4.15
CA GLU B 281 32.18 30.63 5.10
C GLU B 281 31.43 31.72 4.36
N LEU B 282 30.11 31.81 4.51
CA LEU B 282 29.33 32.90 3.88
C LEU B 282 29.81 34.31 4.19
N ALA B 283 30.13 34.54 5.48
CA ALA B 283 30.66 35.83 5.94
C ALA B 283 31.88 36.25 5.09
N GLU B 284 32.75 35.29 4.78
CA GLU B 284 33.94 35.57 3.99
C GLU B 284 33.61 35.90 2.54
N ALA B 285 32.68 35.15 1.93
CA ALA B 285 32.21 35.50 0.58
C ALA B 285 31.65 36.94 0.52
N VAL B 286 30.87 37.34 1.52
CA VAL B 286 30.40 38.73 1.60
C VAL B 286 31.51 39.76 1.64
N LYS B 287 32.47 39.56 2.56
CA LYS B 287 33.63 40.44 2.68
C LYS B 287 34.44 40.44 1.40
N ILE B 288 34.58 39.28 0.75
CA ILE B 288 35.22 39.25 -0.56
C ILE B 288 34.51 40.18 -1.54
N MET B 289 33.18 40.24 -1.50
CA MET B 289 32.43 41.05 -2.46
C MET B 289 32.36 42.55 -2.08
N SER B 290 33.05 42.92 -1.00
CA SER B 290 33.28 44.29 -0.63
C SER B 290 34.60 44.76 -1.27
N SER B 291 34.53 45.61 -2.29
CA SER B 291 35.75 46.10 -2.98
C SER B 291 35.51 47.20 -4.02
N ALA B 292 36.42 48.16 -4.05
CA ALA B 292 36.31 49.31 -4.95
C ALA B 292 36.34 48.86 -6.41
N GLN B 293 37.14 47.85 -6.71
CA GLN B 293 37.08 47.13 -7.99
C GLN B 293 35.66 47.04 -8.60
N ILE B 294 34.65 46.70 -7.79
CA ILE B 294 33.26 46.60 -8.29
C ILE B 294 32.33 47.70 -7.76
N GLY B 295 32.90 48.66 -7.03
CA GLY B 295 32.15 49.80 -6.54
C GLY B 295 31.36 49.51 -5.29
N THR B 296 31.76 48.47 -4.57
CA THR B 296 31.16 48.18 -3.28
C THR B 296 32.20 48.44 -2.20
N GLU B 297 31.74 48.74 -0.99
CA GLU B 297 32.62 48.97 0.16
C GLU B 297 31.75 48.72 1.35
N LEU B 298 32.10 47.75 2.17
CA LEU B 298 31.27 47.49 3.34
C LEU B 298 32.02 47.83 4.63
N THR B 299 31.32 48.38 5.61
CA THR B 299 31.90 48.42 6.94
C THR B 299 31.77 47.03 7.58
N ASP B 300 32.47 46.85 8.69
CA ASP B 300 32.42 45.61 9.45
C ASP B 300 30.98 45.26 9.76
N GLN B 301 30.23 46.23 10.28
CA GLN B 301 28.83 46.05 10.63
C GLN B 301 27.96 45.72 9.43
N GLN B 302 28.23 46.33 8.28
CA GLN B 302 27.38 46.03 7.11
C GLN B 302 27.62 44.62 6.60
N ALA B 303 28.87 44.19 6.60
CA ALA B 303 29.19 42.84 6.16
C ALA B 303 28.41 41.84 7.00
N GLU B 304 28.42 42.05 8.31
CA GLU B 304 27.77 41.15 9.24
C GLU B 304 26.25 41.18 9.08
N ASP B 305 25.68 42.37 8.89
CA ASP B 305 24.25 42.49 8.70
C ASP B 305 23.84 41.85 7.36
N ILE B 306 24.55 42.17 6.29
CA ILE B 306 24.30 41.51 5.01
C ILE B 306 24.42 39.97 5.12
N THR B 307 25.45 39.45 5.80
CA THR B 307 25.51 38.00 5.99
C THR B 307 24.20 37.42 6.63
N ALA B 308 23.72 38.04 7.69
CA ALA B 308 22.46 37.61 8.31
C ALA B 308 21.31 37.67 7.31
N PHE B 309 21.22 38.79 6.57
CA PHE B 309 20.17 38.99 5.59
C PHE B 309 20.19 37.85 4.54
N LEU B 310 21.37 37.45 4.06
CA LEU B 310 21.43 36.46 2.98
C LEU B 310 20.84 35.14 3.39
N GLY B 311 20.86 34.85 4.68
CA GLY B 311 20.14 33.70 5.25
C GLY B 311 18.61 33.76 5.13
N THR B 312 18.04 34.96 4.97
CA THR B 312 16.59 35.06 4.70
C THR B 312 16.23 34.72 3.28
N LEU B 313 17.18 34.29 2.48
CA LEU B 313 16.91 33.87 1.11
C LEU B 313 16.75 32.35 1.00
N THR B 314 16.78 31.68 2.14
CA THR B 314 16.63 30.25 2.14
C THR B 314 15.13 29.97 2.09
N GLY B 315 14.69 29.34 1.01
CA GLY B 315 13.25 29.04 0.87
C GLY B 315 12.81 27.68 1.37
N GLU B 316 11.53 27.35 1.15
CA GLU B 316 10.98 25.99 1.43
C GLU B 316 11.59 24.96 0.49
N GLN B 317 12.29 23.98 1.02
CA GLN B 317 13.03 23.02 0.20
C GLN B 317 12.01 22.04 -0.37
N PRO B 318 12.17 21.60 -1.63
CA PRO B 318 11.17 20.70 -2.25
C PRO B 318 11.26 19.39 -1.53
N VAL B 319 10.12 18.75 -1.31
CA VAL B 319 10.12 17.40 -0.75
C VAL B 319 9.63 16.43 -1.84
N ILE B 320 10.57 15.60 -2.26
CA ILE B 320 10.41 14.73 -3.42
C ILE B 320 10.42 13.25 -3.02
N ASP B 321 9.42 12.50 -3.46
CA ASP B 321 9.43 11.05 -3.32
C ASP B 321 10.55 10.54 -4.23
N HIS B 322 11.47 9.69 -3.70
CA HIS B 322 12.54 9.11 -4.55
C HIS B 322 11.92 8.14 -5.56
N PRO B 323 12.15 8.37 -6.86
CA PRO B 323 11.47 7.63 -7.90
C PRO B 323 11.94 6.20 -7.86
N ILE B 324 11.04 5.26 -8.19
CA ILE B 324 11.48 3.92 -8.43
C ILE B 324 11.88 3.83 -9.91
N LEU B 325 13.13 3.45 -10.18
CA LEU B 325 13.65 3.49 -11.56
C LEU B 325 13.22 2.29 -12.39
N PRO B 326 13.09 2.43 -13.71
CA PRO B 326 12.85 1.28 -14.59
C PRO B 326 13.96 0.23 -14.43
N VAL B 327 13.56 -1.03 -14.55
CA VAL B 327 14.43 -2.16 -14.38
C VAL B 327 15.17 -2.37 -15.69
N ARG B 328 16.45 -2.70 -15.60
CA ARG B 328 17.24 -2.89 -16.80
C ARG B 328 16.84 -4.19 -17.50
N THR B 329 17.11 -4.26 -18.79
CA THR B 329 16.89 -5.51 -19.50
C THR B 329 18.17 -6.10 -20.13
N GLY B 330 18.01 -7.23 -20.81
CA GLY B 330 19.12 -7.96 -21.40
C GLY B 330 19.97 -7.11 -22.32
N THR B 331 19.35 -6.17 -23.00
CA THR B 331 20.11 -5.38 -23.98
C THR B 331 20.37 -3.96 -23.54
N THR B 332 20.11 -3.64 -22.27
CA THR B 332 20.54 -2.34 -21.71
C THR B 332 22.09 -2.29 -21.77
N PRO B 333 22.68 -1.26 -22.36
CA PRO B 333 24.15 -1.12 -22.41
C PRO B 333 24.78 -1.30 -21.02
N LEU B 334 25.90 -2.00 -20.96
CA LEU B 334 26.51 -2.23 -19.64
C LEU B 334 27.29 -0.99 -19.17
N PRO B 335 27.31 -0.71 -17.88
CA PRO B 335 28.10 0.40 -17.33
C PRO B 335 29.60 0.28 -17.62
N THR B 336 30.30 1.41 -17.69
CA THR B 336 31.75 1.38 -18.00
C THR B 336 32.61 1.35 -16.75
N PRO B 337 33.60 0.45 -16.71
CA PRO B 337 34.57 0.38 -15.61
C PRO B 337 35.06 1.76 -15.20
N MET B 338 35.22 2.66 -16.17
CA MET B 338 35.32 4.13 -15.98
C MET B 338 36.67 4.78 -16.37
N ALA C 4 -14.33 5.86 -38.08
CA ALA C 4 -14.41 6.67 -36.83
C ALA C 4 -13.03 6.81 -36.16
N ILE C 5 -13.06 6.85 -34.83
CA ILE C 5 -11.89 6.70 -33.92
C ILE C 5 -10.47 6.65 -34.50
N ASP C 6 -9.81 7.81 -34.50
CA ASP C 6 -8.35 7.83 -34.49
C ASP C 6 -7.97 7.80 -33.01
N ASN C 7 -7.22 6.76 -32.64
CA ASN C 7 -6.95 6.42 -31.24
C ASN C 7 -6.27 7.53 -30.45
N GLY C 8 -5.24 8.10 -31.07
CA GLY C 8 -4.45 9.16 -30.46
C GLY C 8 -5.31 10.38 -30.14
N ALA C 9 -6.13 10.81 -31.14
CA ALA C 9 -7.00 11.98 -30.96
C ALA C 9 -8.08 11.68 -29.92
N LEU C 10 -8.57 10.44 -29.86
CA LEU C 10 -9.59 10.10 -28.87
C LEU C 10 -8.98 10.12 -27.46
N ARG C 11 -7.79 9.52 -27.33
CA ARG C 11 -7.11 9.49 -26.02
C ARG C 11 -6.82 10.88 -25.49
N GLU C 12 -6.26 11.70 -26.35
CA GLU C 12 -5.98 13.06 -25.95
C GLU C 12 -7.21 13.87 -25.48
N GLU C 13 -8.31 13.83 -26.22
CA GLU C 13 -9.42 14.64 -25.82
C GLU C 13 -10.03 14.05 -24.52
N ALA C 14 -9.87 12.74 -24.32
CA ALA C 14 -10.38 12.11 -23.08
C ALA C 14 -9.51 12.49 -21.88
N LYS C 15 -8.21 12.67 -22.14
CA LYS C 15 -7.30 13.09 -21.11
C LYS C 15 -7.60 14.52 -20.71
N GLY C 16 -8.25 15.27 -21.61
CA GLY C 16 -8.64 16.66 -21.34
C GLY C 16 -9.75 16.75 -20.29
N VAL C 17 -10.58 15.71 -20.16
CA VAL C 17 -11.75 15.74 -19.23
C VAL C 17 -11.78 14.65 -18.14
N PHE C 18 -11.14 13.51 -18.40
CA PHE C 18 -11.11 12.40 -17.45
C PHE C 18 -9.74 12.11 -16.82
N GLU C 19 -9.70 11.18 -15.88
CA GLU C 19 -8.41 10.80 -15.28
C GLU C 19 -8.46 9.34 -14.91
N ALA C 20 -7.30 8.69 -14.89
CA ALA C 20 -7.30 7.27 -14.49
C ALA C 20 -7.37 7.16 -12.98
N ILE C 21 -8.02 6.13 -12.45
CA ILE C 21 -7.90 5.82 -11.03
C ILE C 21 -6.45 5.45 -10.74
N PRO C 22 -5.82 6.02 -9.71
CA PRO C 22 -4.46 5.66 -9.33
C PRO C 22 -4.33 4.24 -8.82
N GLU C 23 -3.15 3.65 -8.99
CA GLU C 23 -2.95 2.25 -8.63
C GLU C 23 -3.04 2.03 -7.13
N LYS C 24 -2.49 2.97 -6.36
CA LYS C 24 -2.51 2.92 -4.90
C LYS C 24 -2.56 4.34 -4.34
N MET C 25 -3.16 4.49 -3.17
CA MET C 25 -3.10 5.75 -2.44
C MET C 25 -2.15 5.60 -1.26
N THR C 26 -1.41 6.66 -0.95
CA THR C 26 -0.57 6.66 0.23
C THR C 26 -0.98 7.73 1.24
N ALA C 27 -1.88 8.63 0.84
CA ALA C 27 -2.35 9.70 1.72
C ALA C 27 -3.70 10.18 1.25
N ILE C 28 -4.43 10.84 2.15
CA ILE C 28 -5.72 11.42 1.84
C ILE C 28 -5.79 12.85 2.35
N LYS C 29 -6.85 13.55 1.96
CA LYS C 29 -7.11 14.91 2.45
C LYS C 29 -5.95 15.87 2.13
N GLN C 30 -5.31 15.66 0.97
CA GLN C 30 -4.25 16.53 0.52
C GLN C 30 -4.82 17.78 -0.13
N PRO C 35 -1.90 18.67 2.18
CA PRO C 35 -0.95 18.95 1.06
C PRO C 35 0.02 17.77 0.90
N GLU C 36 0.73 17.41 1.98
CA GLU C 36 1.18 16.04 2.11
C GLU C 36 -0.03 15.20 2.63
N GLY C 37 -1.07 15.90 3.09
CA GLY C 37 -2.31 15.29 3.58
C GLY C 37 -2.10 14.39 4.79
N VAL C 38 -3.02 13.44 4.99
CA VAL C 38 -2.94 12.46 6.07
C VAL C 38 -2.37 11.15 5.51
N PRO C 39 -1.20 10.74 6.00
CA PRO C 39 -0.64 9.46 5.61
C PRO C 39 -1.64 8.33 5.91
N LEU C 40 -1.83 7.43 4.95
CA LEU C 40 -2.52 6.18 5.20
C LEU C 40 -1.56 5.27 5.99
N THR C 41 -2.03 4.69 7.09
CA THR C 41 -1.21 3.72 7.83
C THR C 41 -1.86 2.34 7.90
N ALA C 42 -1.01 1.30 7.94
CA ALA C 42 -1.49 -0.08 8.01
C ALA C 42 -2.44 -0.23 9.19
N GLU C 43 -2.12 0.39 10.32
CA GLU C 43 -2.97 0.27 11.55
C GLU C 43 -4.36 0.90 11.41
N LYS C 44 -4.45 2.02 10.71
CA LYS C 44 -5.76 2.66 10.58
C LYS C 44 -6.58 1.92 9.53
N ILE C 45 -5.93 1.52 8.43
CA ILE C 45 -6.63 0.85 7.36
C ILE C 45 -7.27 -0.44 7.93
N GLU C 46 -6.45 -1.17 8.69
CA GLU C 46 -6.82 -2.38 9.36
C GLU C 46 -7.96 -2.25 10.34
N LEU C 47 -7.88 -1.24 11.20
CA LEU C 47 -8.98 -0.95 12.12
C LEU C 47 -10.23 -0.54 11.32
N GLY C 48 -10.06 0.34 10.31
CA GLY C 48 -11.15 0.72 9.43
C GLY C 48 -11.90 -0.48 8.84
N LYS C 49 -11.15 -1.49 8.37
CA LYS C 49 -11.75 -2.69 7.76
C LYS C 49 -12.59 -3.50 8.77
N VAL C 50 -12.02 -3.71 9.94
CA VAL C 50 -12.75 -4.38 11.05
C VAL C 50 -14.03 -3.59 11.36
N LEU C 51 -13.96 -2.26 11.49
CA LEU C 51 -15.19 -1.53 11.84
C LEU C 51 -16.25 -1.61 10.72
N PHE C 52 -15.79 -1.59 9.48
CA PHE C 52 -16.65 -1.61 8.29
C PHE C 52 -17.51 -2.88 8.24
N PHE C 53 -16.94 -4.01 8.67
CA PHE C 53 -17.60 -5.32 8.59
C PHE C 53 -18.35 -5.68 9.89
N ASP C 54 -18.27 -4.82 10.88
CA ASP C 54 -18.78 -5.21 12.23
C ASP C 54 -20.25 -4.86 12.40
N PRO C 55 -21.15 -5.86 12.41
CA PRO C 55 -22.59 -5.53 12.50
C PRO C 55 -23.03 -5.06 13.89
N ARG C 56 -22.19 -5.22 14.90
CA ARG C 56 -22.53 -4.79 16.23
C ARG C 56 -22.37 -3.29 16.39
N MET C 57 -21.93 -2.63 15.33
CA MET C 57 -21.88 -1.17 15.33
C MET C 57 -23.30 -0.61 15.07
N SER C 58 -24.27 -1.48 14.77
CA SER C 58 -25.68 -1.11 14.58
C SER C 58 -26.51 -1.52 15.83
N SER C 59 -27.68 -0.92 16.03
CA SER C 59 -28.48 -1.27 17.23
C SER C 59 -28.98 -2.69 17.18
N SER C 60 -29.38 -3.13 15.98
CA SER C 60 -29.95 -4.45 15.79
C SER C 60 -28.88 -5.56 15.87
N GLY C 61 -27.63 -5.18 15.63
CA GLY C 61 -26.52 -6.11 15.65
C GLY C 61 -26.40 -6.91 14.35
N LEU C 62 -27.27 -6.60 13.38
CA LEU C 62 -27.22 -7.24 12.04
C LEU C 62 -26.64 -6.44 10.92
N ILE C 63 -26.54 -5.14 11.11
CA ILE C 63 -26.22 -4.27 9.95
C ILE C 63 -24.85 -3.69 10.18
N SER C 64 -23.98 -3.79 9.17
CA SER C 64 -22.65 -3.22 9.19
C SER C 64 -22.57 -2.27 7.95
N CYS C 65 -21.53 -1.48 7.83
CA CYS C 65 -21.35 -0.77 6.57
C CYS C 65 -21.40 -1.79 5.37
N GLN C 66 -20.77 -2.95 5.54
CA GLN C 66 -20.65 -3.95 4.49
C GLN C 66 -22.06 -4.47 4.04
N THR C 67 -23.06 -4.44 4.93
CA THR C 67 -24.45 -4.74 4.49
C THR C 67 -24.94 -3.91 3.31
N CYS C 68 -24.76 -2.60 3.34
CA CYS C 68 -25.35 -1.77 2.35
C CYS C 68 -24.32 -1.38 1.31
N HIS C 69 -23.04 -1.56 1.62
CA HIS C 69 -21.98 -1.15 0.68
C HIS C 69 -21.10 -2.35 0.38
N ASN C 70 -21.74 -3.46 -0.01
CA ASN C 70 -21.14 -4.77 -0.05
C ASN C 70 -19.98 -4.83 -1.07
N VAL C 71 -18.77 -5.07 -0.57
CA VAL C 71 -17.58 -5.03 -1.43
C VAL C 71 -17.59 -6.14 -2.48
N GLY C 72 -18.40 -7.17 -2.31
CA GLY C 72 -18.45 -8.20 -3.36
C GLY C 72 -19.50 -7.94 -4.42
N LEU C 73 -20.37 -6.96 -4.16
CA LEU C 73 -21.45 -6.63 -5.09
C LEU C 73 -21.19 -5.26 -5.66
N GLY C 74 -19.93 -4.90 -5.86
CA GLY C 74 -19.63 -3.61 -6.44
C GLY C 74 -19.72 -2.45 -5.42
N GLY C 75 -19.55 -2.74 -4.13
CA GLY C 75 -19.68 -1.70 -3.07
C GLY C 75 -21.09 -1.15 -2.76
N VAL C 76 -22.14 -1.86 -3.19
CA VAL C 76 -23.53 -1.43 -3.01
C VAL C 76 -24.31 -2.68 -2.57
N ASP C 77 -25.60 -2.55 -2.26
CA ASP C 77 -26.38 -3.74 -1.83
C ASP C 77 -27.26 -4.33 -2.91
N GLY C 78 -27.33 -3.66 -4.04
CA GLY C 78 -28.11 -4.10 -5.16
C GLY C 78 -29.60 -3.91 -4.95
N LEU C 79 -30.00 -3.09 -3.98
CA LEU C 79 -31.41 -2.90 -3.68
C LEU C 79 -31.90 -1.50 -4.06
N PRO C 80 -33.21 -1.33 -4.29
CA PRO C 80 -33.66 0.02 -4.70
C PRO C 80 -33.30 1.09 -3.68
N THR C 81 -33.65 0.92 -2.40
CA THR C 81 -33.32 1.97 -1.40
C THR C 81 -33.04 1.44 -0.01
N SER C 82 -32.36 2.28 0.79
CA SER C 82 -32.24 2.07 2.25
C SER C 82 -32.11 3.37 3.03
N ILE C 83 -32.14 3.28 4.36
CA ILE C 83 -31.73 4.42 5.19
C ILE C 83 -30.60 3.96 6.11
N GLY C 84 -29.40 4.43 5.84
CA GLY C 84 -28.26 4.12 6.71
C GLY C 84 -27.62 5.33 7.36
N HIS C 85 -28.05 6.54 6.97
CA HIS C 85 -27.43 7.76 7.50
C HIS C 85 -28.39 8.92 7.88
N GLY C 86 -28.08 9.57 9.01
CA GLY C 86 -28.82 10.73 9.54
C GLY C 86 -29.17 11.85 8.55
N TRP C 87 -28.29 12.14 7.59
CA TRP C 87 -28.56 13.23 6.62
C TRP C 87 -29.73 12.98 5.63
N GLN C 88 -29.95 11.71 5.25
CA GLN C 88 -31.01 11.35 4.29
C GLN C 88 -32.40 11.86 4.70
N LYS C 89 -32.97 12.74 3.89
CA LYS C 89 -34.38 13.14 4.08
C LYS C 89 -35.36 12.00 3.73
N GLY C 90 -34.92 11.03 2.92
CA GLY C 90 -35.73 9.83 2.65
C GLY C 90 -34.90 8.57 2.35
N PRO C 91 -35.58 7.46 2.05
CA PRO C 91 -34.84 6.27 1.60
C PRO C 91 -34.14 6.63 0.26
N ARG C 92 -32.89 6.18 0.09
CA ARG C 92 -32.15 6.40 -1.13
C ARG C 92 -31.39 5.11 -1.50
N ASN C 93 -31.08 5.01 -2.78
CA ASN C 93 -30.24 3.96 -3.29
C ASN C 93 -28.81 4.15 -2.74
N ALA C 94 -28.23 3.09 -2.13
CA ALA C 94 -26.85 3.22 -1.61
C ALA C 94 -25.85 3.34 -2.75
N PRO C 95 -25.02 4.40 -2.70
CA PRO C 95 -23.95 4.55 -3.68
C PRO C 95 -22.80 3.62 -3.32
N THR C 96 -22.01 3.26 -4.31
CA THR C 96 -20.85 2.44 -4.09
C THR C 96 -19.79 3.11 -3.22
N MET C 97 -19.26 2.34 -2.30
CA MET C 97 -18.03 2.74 -1.63
C MET C 97 -16.81 2.79 -2.58
N LEU C 98 -16.84 2.05 -3.69
CA LEU C 98 -15.67 2.01 -4.60
C LEU C 98 -15.40 3.39 -5.17
N ASN C 99 -14.15 3.85 -5.01
CA ASN C 99 -13.71 5.18 -5.52
C ASN C 99 -14.41 6.35 -4.87
N ALA C 100 -15.26 6.10 -3.87
CA ALA C 100 -16.00 7.19 -3.17
C ALA C 100 -15.06 8.22 -2.57
N ILE C 101 -13.88 7.77 -2.16
CA ILE C 101 -12.85 8.70 -1.64
C ILE C 101 -12.63 9.92 -2.57
N PHE C 102 -12.91 9.77 -3.86
CA PHE C 102 -12.65 10.85 -4.81
C PHE C 102 -13.81 11.81 -5.05
N ASN C 103 -14.93 11.58 -4.39
CA ASN C 103 -16.12 12.39 -4.58
C ASN C 103 -16.14 13.61 -3.67
N ALA C 104 -15.99 14.77 -4.30
CA ALA C 104 -16.05 16.02 -3.61
C ALA C 104 -17.47 16.31 -3.13
N ALA C 105 -18.49 15.90 -3.89
CA ALA C 105 -19.89 16.08 -3.51
C ALA C 105 -20.24 14.80 -2.81
N GLN C 106 -20.78 14.90 -1.62
CA GLN C 106 -20.92 13.75 -0.74
C GLN C 106 -22.32 13.17 -0.62
N PHE C 107 -23.34 13.94 -1.02
CA PHE C 107 -24.71 13.43 -0.81
C PHE C 107 -25.44 13.28 -2.12
N TRP C 108 -26.49 12.48 -2.13
CA TRP C 108 -27.31 12.36 -3.33
C TRP C 108 -27.98 13.67 -3.73
N ASP C 109 -28.48 14.40 -2.75
CA ASP C 109 -29.46 15.48 -2.99
C ASP C 109 -29.72 16.29 -1.75
N GLY C 110 -30.26 17.49 -1.96
CA GLY C 110 -30.55 18.45 -0.88
C GLY C 110 -30.80 19.83 -1.47
N ARG C 111 -31.00 20.82 -0.59
CA ARG C 111 -31.13 22.20 -1.05
C ARG C 111 -29.74 22.79 -1.25
N ALA C 112 -29.51 23.44 -2.40
CA ALA C 112 -28.22 24.06 -2.71
C ALA C 112 -27.59 24.78 -1.51
N ALA C 113 -28.39 25.64 -0.86
CA ALA C 113 -28.01 26.41 0.33
C ALA C 113 -27.41 25.56 1.46
N ASP C 114 -28.10 24.48 1.84
CA ASP C 114 -27.59 23.56 2.87
C ASP C 114 -26.27 22.90 2.47
N LEU C 115 -26.28 22.12 1.38
CA LEU C 115 -25.07 21.40 0.94
C LEU C 115 -23.87 22.35 0.82
N ALA C 116 -24.16 23.62 0.54
CA ALA C 116 -23.13 24.65 0.54
C ALA C 116 -22.33 24.62 1.84
N GLU C 117 -23.03 24.67 2.98
CA GLU C 117 -22.37 24.75 4.28
C GLU C 117 -22.05 23.42 4.97
N GLN C 118 -22.40 22.29 4.33
CA GLN C 118 -22.28 20.96 4.97
C GLN C 118 -20.90 20.28 4.83
N ALA C 119 -20.03 20.51 5.81
CA ALA C 119 -18.67 19.97 5.81
C ALA C 119 -18.58 18.43 5.85
N LYS C 120 -19.25 17.81 6.81
CA LYS C 120 -19.09 16.37 7.07
C LYS C 120 -19.80 15.45 6.05
N GLY C 121 -19.21 14.29 5.78
CA GLY C 121 -19.83 13.34 4.87
C GLY C 121 -20.98 12.60 5.54
N PRO C 122 -21.61 11.67 4.83
CA PRO C 122 -22.79 10.96 5.36
C PRO C 122 -22.51 10.15 6.64
N VAL C 123 -21.29 9.63 6.78
CA VAL C 123 -20.89 8.90 8.00
C VAL C 123 -21.03 9.76 9.28
N GLN C 124 -20.59 11.01 9.18
CA GLN C 124 -20.53 11.89 10.33
C GLN C 124 -21.65 12.93 10.38
N ALA C 125 -22.13 13.38 9.22
CA ALA C 125 -23.04 14.55 9.15
C ALA C 125 -24.29 14.38 10.03
N GLY C 126 -24.50 15.35 10.93
CA GLY C 126 -25.64 15.33 11.84
C GLY C 126 -25.43 14.49 13.10
N VAL C 127 -24.56 13.49 12.98
CA VAL C 127 -24.27 12.50 14.04
C VAL C 127 -23.94 13.11 15.41
N SER C 130 -27.41 13.06 17.77
CA SER C 130 -27.96 11.76 18.18
C SER C 130 -27.16 11.14 19.32
N ASN C 131 -27.48 9.90 19.64
CA ASN C 131 -26.87 9.22 20.78
C ASN C 131 -25.98 8.10 20.27
N THR C 132 -25.92 8.06 18.95
CA THR C 132 -25.12 7.14 18.19
C THR C 132 -23.63 7.21 18.57
N PRO C 133 -22.95 8.36 18.52
CA PRO C 133 -21.54 8.35 18.85
C PRO C 133 -21.33 7.62 20.19
N ASP C 134 -22.11 7.98 21.21
CA ASP C 134 -21.85 7.40 22.53
C ASP C 134 -22.13 5.90 22.58
N GLN C 135 -23.17 5.45 21.87
CA GLN C 135 -23.47 4.01 21.86
C GLN C 135 -22.39 3.24 21.09
N VAL C 136 -21.89 3.81 19.99
CA VAL C 136 -20.79 3.15 19.26
C VAL C 136 -19.52 3.05 20.12
N VAL C 137 -19.15 4.18 20.72
CA VAL C 137 -17.94 4.25 21.56
C VAL C 137 -18.05 3.24 22.73
N LYS C 138 -19.17 3.24 23.44
CA LYS C 138 -19.37 2.30 24.53
C LYS C 138 -19.23 0.83 24.08
N THR C 139 -19.80 0.50 22.94
CA THR C 139 -19.72 -0.84 22.37
C THR C 139 -18.27 -1.16 22.08
N ILE C 140 -17.59 -0.27 21.38
CA ILE C 140 -16.17 -0.47 21.12
C ILE C 140 -15.32 -0.63 22.39
N ASN C 141 -15.52 0.25 23.39
CA ASN C 141 -14.78 0.17 24.68
C ASN C 141 -14.93 -1.14 25.45
N SER C 142 -16.07 -1.80 25.26
CA SER C 142 -16.36 -3.06 25.96
C SER C 142 -15.52 -4.23 25.46
N MET C 143 -14.80 -4.02 24.35
CA MET C 143 -14.05 -5.10 23.72
C MET C 143 -12.59 -4.75 23.74
N PRO C 144 -11.83 -5.43 24.58
CA PRO C 144 -10.39 -5.14 24.74
C PRO C 144 -9.57 -5.17 23.44
N GLU C 145 -9.90 -6.06 22.50
CA GLU C 145 -9.18 -6.07 21.20
C GLU C 145 -9.42 -4.82 20.36
N TYR C 146 -10.62 -4.25 20.46
CA TYR C 146 -10.89 -2.95 19.84
C TYR C 146 -10.04 -1.86 20.46
N VAL C 147 -10.07 -1.72 21.79
CA VAL C 147 -9.26 -0.70 22.52
C VAL C 147 -7.77 -0.76 22.15
N GLU C 148 -7.21 -1.95 22.12
CA GLU C 148 -5.82 -2.12 21.70
C GLU C 148 -5.64 -1.52 20.30
N ALA C 149 -6.57 -1.87 19.40
CA ALA C 149 -6.51 -1.49 17.97
C ALA C 149 -6.60 0.04 17.74
N PHE C 150 -7.51 0.70 18.45
CA PHE C 150 -7.53 2.16 18.48
C PHE C 150 -6.25 2.74 19.05
N LYS C 151 -5.66 2.14 20.09
CA LYS C 151 -4.42 2.70 20.68
C LYS C 151 -3.28 2.55 19.68
N ALA C 152 -3.23 1.42 19.00
CA ALA C 152 -2.24 1.25 17.92
C ALA C 152 -2.43 2.22 16.74
N ALA C 153 -3.69 2.39 16.30
CA ALA C 153 -4.01 3.26 15.14
C ALA C 153 -3.81 4.74 15.44
N PHE C 154 -4.06 5.14 16.68
CA PHE C 154 -3.99 6.56 17.06
C PHE C 154 -3.01 6.75 18.24
N PRO C 155 -1.73 6.49 18.00
CA PRO C 155 -0.72 6.47 19.05
C PRO C 155 -0.45 7.82 19.74
N GLU C 156 -0.78 8.92 19.08
CA GLU C 156 -0.46 10.24 19.67
C GLU C 156 -1.62 10.79 20.49
N GLU C 157 -2.66 9.96 20.65
CA GLU C 157 -3.91 10.44 21.16
C GLU C 157 -4.17 9.78 22.51
N ALA C 158 -4.42 10.61 23.51
CA ALA C 158 -4.67 10.09 24.85
C ALA C 158 -5.99 9.32 24.94
N ASP C 159 -7.05 9.88 24.33
CA ASP C 159 -8.41 9.35 24.34
C ASP C 159 -8.79 8.94 22.90
N PRO C 160 -8.20 7.87 22.40
CA PRO C 160 -8.32 7.53 21.00
C PRO C 160 -9.66 6.87 20.56
N VAL C 161 -10.49 6.38 21.48
CA VAL C 161 -11.73 5.74 21.05
C VAL C 161 -12.83 6.81 21.00
N THR C 162 -12.95 7.49 19.88
CA THR C 162 -14.02 8.46 19.73
C THR C 162 -14.74 8.20 18.43
N PHE C 163 -15.91 8.82 18.28
CA PHE C 163 -16.59 8.74 17.00
C PHE C 163 -15.80 9.34 15.84
N ASP C 164 -15.15 10.49 16.04
CA ASP C 164 -14.23 11.04 15.04
C ASP C 164 -13.19 10.04 14.51
N ASN C 165 -12.46 9.40 15.43
CA ASN C 165 -11.51 8.32 15.12
C ASN C 165 -12.11 7.09 14.41
N PHE C 166 -13.29 6.63 14.86
CA PHE C 166 -14.10 5.62 14.16
C PHE C 166 -14.27 6.01 12.70
N ALA C 167 -14.74 7.22 12.44
CA ALA C 167 -14.82 7.76 11.09
C ALA C 167 -13.47 7.93 10.37
N ALA C 168 -12.41 8.34 11.07
CA ALA C 168 -11.14 8.48 10.40
C ALA C 168 -10.53 7.15 9.93
N ALA C 169 -10.70 6.09 10.70
CA ALA C 169 -10.14 4.77 10.40
C ALA C 169 -10.90 4.17 9.22
N ILE C 170 -12.23 4.29 9.22
CA ILE C 170 -13.01 3.79 8.09
C ILE C 170 -12.64 4.51 6.82
N GLU C 171 -12.42 5.82 6.91
CA GLU C 171 -12.00 6.56 5.75
C GLU C 171 -10.63 6.16 5.21
N GLN C 172 -9.76 5.66 6.08
CA GLN C 172 -8.47 5.17 5.60
C GLN C 172 -8.74 3.87 4.85
N PHE C 173 -9.59 3.00 5.43
CA PHE C 173 -9.98 1.79 4.75
C PHE C 173 -10.66 2.10 3.41
N GLU C 174 -11.60 3.05 3.42
CA GLU C 174 -12.22 3.54 2.19
C GLU C 174 -11.22 3.91 1.11
N ALA C 175 -10.08 4.47 1.52
CA ALA C 175 -9.07 4.90 0.56
C ALA C 175 -8.47 3.73 -0.22
N THR C 176 -8.51 2.52 0.35
CA THR C 176 -7.97 1.36 -0.35
C THR C 176 -9.04 0.65 -1.21
N LEU C 177 -10.29 1.10 -1.12
CA LEU C 177 -11.36 0.57 -1.97
C LEU C 177 -11.48 1.31 -3.31
N ILE C 178 -10.42 1.30 -4.11
CA ILE C 178 -10.39 2.00 -5.37
C ILE C 178 -10.21 0.94 -6.45
N THR C 179 -10.63 1.22 -7.68
CA THR C 179 -10.65 0.19 -8.72
C THR C 179 -9.84 0.55 -9.95
N PRO C 180 -8.50 0.45 -9.88
CA PRO C 180 -7.66 0.84 -11.04
C PRO C 180 -7.81 -0.18 -12.17
N ASN C 181 -7.30 0.21 -13.32
CA ASN C 181 -7.12 -0.67 -14.46
C ASN C 181 -8.35 -1.15 -15.22
N SER C 182 -9.43 -0.35 -15.19
CA SER C 182 -10.56 -0.52 -16.13
C SER C 182 -10.05 -0.49 -17.57
N ALA C 183 -10.84 -1.05 -18.50
CA ALA C 183 -10.47 -1.06 -19.91
C ALA C 183 -10.27 0.39 -20.34
N PHE C 184 -11.12 1.29 -19.84
CA PHE C 184 -10.95 2.69 -20.16
C PHE C 184 -9.59 3.24 -19.72
N ASP C 185 -9.19 2.97 -18.47
CA ASP C 185 -7.90 3.50 -17.99
C ASP C 185 -6.73 2.86 -18.72
N ARG C 186 -6.90 1.58 -19.11
CA ARG C 186 -5.86 0.87 -19.91
C ARG C 186 -5.70 1.51 -21.28
N PHE C 187 -6.82 1.87 -21.90
CA PHE C 187 -6.80 2.68 -23.13
C PHE C 187 -6.13 4.05 -22.92
N LEU C 188 -6.55 4.79 -21.87
CA LEU C 188 -5.92 6.10 -21.54
C LEU C 188 -4.42 6.04 -21.45
N ALA C 189 -3.96 5.04 -20.69
CA ALA C 189 -2.55 4.76 -20.47
C ALA C 189 -1.80 4.36 -21.74
N GLY C 190 -2.49 4.20 -22.86
CA GLY C 190 -1.81 4.04 -24.14
C GLY C 190 -1.96 2.66 -24.72
N ASP C 191 -2.95 1.88 -24.26
CA ASP C 191 -3.20 0.60 -24.94
C ASP C 191 -4.43 0.63 -25.82
N ASP C 192 -4.19 0.79 -27.12
CA ASP C 192 -5.26 0.95 -28.12
C ASP C 192 -6.24 -0.20 -28.18
N ALA C 193 -5.76 -1.42 -27.93
CA ALA C 193 -6.59 -2.62 -28.05
C ALA C 193 -7.44 -2.89 -26.81
N ALA C 194 -7.33 -2.04 -25.80
CA ALA C 194 -8.05 -2.28 -24.54
C ALA C 194 -9.58 -2.13 -24.68
N MET C 195 -10.02 -1.37 -25.67
CA MET C 195 -11.44 -1.10 -25.88
C MET C 195 -11.82 -1.47 -27.29
N THR C 196 -13.02 -1.99 -27.44
CA THR C 196 -13.53 -2.32 -28.76
C THR C 196 -13.89 -1.05 -29.51
N ASP C 197 -14.07 -1.24 -30.82
CA ASP C 197 -14.58 -0.19 -31.72
C ASP C 197 -15.85 0.46 -31.20
N GLN C 198 -16.81 -0.37 -30.77
CA GLN C 198 -18.09 0.16 -30.25
C GLN C 198 -17.81 0.96 -28.97
N GLU C 199 -17.02 0.40 -28.07
CA GLU C 199 -16.75 1.08 -26.79
C GLU C 199 -16.10 2.43 -27.06
N LYS C 200 -15.19 2.45 -28.03
CA LYS C 200 -14.59 3.68 -28.46
C LYS C 200 -15.60 4.65 -29.07
N ARG C 201 -16.53 4.16 -29.87
CA ARG C 201 -17.53 5.06 -30.40
C ARG C 201 -18.39 5.69 -29.29
N GLY C 202 -18.69 4.92 -28.24
CA GLY C 202 -19.47 5.41 -27.10
C GLY C 202 -18.77 6.49 -26.28
N LEU C 203 -17.46 6.37 -26.12
CA LEU C 203 -16.60 7.39 -25.49
C LEU C 203 -16.73 8.72 -26.21
N GLN C 204 -16.64 8.64 -27.53
CA GLN C 204 -16.74 9.79 -28.40
C GLN C 204 -18.10 10.44 -28.23
N ALA C 205 -19.15 9.63 -28.29
CA ALA C 205 -20.52 10.13 -28.14
C ALA C 205 -20.72 10.72 -26.73
N PHE C 206 -20.25 10.01 -25.70
CA PHE C 206 -20.29 10.51 -24.30
C PHE C 206 -19.64 11.92 -24.20
N MET C 207 -18.50 12.11 -24.86
CA MET C 207 -17.82 13.41 -24.84
C MET C 207 -18.46 14.45 -25.75
N GLU C 208 -18.91 14.04 -26.93
CA GLU C 208 -19.32 15.05 -27.91
C GLU C 208 -20.81 15.43 -27.69
N THR C 209 -21.59 14.58 -27.02
CA THR C 209 -23.00 14.92 -26.81
C THR C 209 -23.25 15.64 -25.48
N GLY C 210 -22.19 15.96 -24.74
CA GLY C 210 -22.29 16.76 -23.49
C GLY C 210 -22.56 16.07 -22.15
N CYS C 211 -22.36 14.77 -22.04
CA CYS C 211 -22.51 14.10 -20.75
C CYS C 211 -21.42 14.64 -19.80
N THR C 212 -20.27 15.05 -20.35
CA THR C 212 -19.15 15.52 -19.52
C THR C 212 -19.32 16.91 -18.87
N ALA C 213 -20.38 17.64 -19.24
CA ALA C 213 -20.83 18.82 -18.50
C ALA C 213 -20.99 18.52 -17.00
N CYS C 214 -21.44 17.30 -16.69
CA CYS C 214 -21.72 16.83 -15.35
C CYS C 214 -20.95 15.58 -14.88
N HIS C 215 -20.66 14.65 -15.80
CA HIS C 215 -19.97 13.39 -15.45
C HIS C 215 -18.53 13.52 -15.99
N TYR C 216 -17.59 13.94 -15.16
CA TYR C 216 -16.24 14.28 -15.62
C TYR C 216 -15.20 13.92 -14.55
N GLY C 217 -13.91 14.10 -14.87
CA GLY C 217 -12.82 13.83 -13.94
C GLY C 217 -12.66 12.33 -13.64
N VAL C 218 -12.03 12.03 -12.51
CA VAL C 218 -11.54 10.71 -12.22
C VAL C 218 -12.71 9.74 -12.12
N ASN C 219 -13.86 10.19 -11.60
CA ASN C 219 -15.02 9.31 -11.23
C ASN C 219 -16.20 9.44 -12.21
N PHE C 220 -16.03 10.23 -13.28
CA PHE C 220 -17.11 10.48 -14.29
C PHE C 220 -18.38 10.96 -13.56
N GLY C 221 -18.23 12.01 -12.74
CA GLY C 221 -19.28 12.46 -11.82
C GLY C 221 -18.82 12.56 -10.39
N GLY C 222 -19.74 12.82 -9.46
CA GLY C 222 -19.45 12.80 -8.03
C GLY C 222 -18.90 14.11 -7.47
N GLN C 223 -18.77 15.15 -8.31
CA GLN C 223 -18.07 16.37 -7.92
C GLN C 223 -18.96 17.59 -7.71
N ASP C 224 -20.19 17.53 -8.22
CA ASP C 224 -21.08 18.68 -8.12
C ASP C 224 -22.52 18.35 -8.31
N TYR C 225 -23.39 19.28 -7.90
CA TYR C 225 -24.84 19.08 -7.85
C TYR C 225 -25.58 19.85 -8.94
N HIS C 226 -26.75 19.35 -9.38
CA HIS C 226 -27.45 19.96 -10.49
C HIS C 226 -28.96 19.93 -10.26
N PRO C 227 -29.68 20.92 -10.78
CA PRO C 227 -31.12 21.05 -10.53
C PRO C 227 -31.99 20.05 -11.28
N PHE C 228 -31.59 18.78 -11.30
CA PHE C 228 -32.28 17.81 -12.13
C PHE C 228 -32.33 16.50 -11.42
N GLY C 229 -33.49 15.85 -11.48
CA GLY C 229 -33.58 14.54 -10.93
C GLY C 229 -34.71 13.68 -11.53
N LEU C 230 -34.70 12.41 -11.20
CA LEU C 230 -35.61 11.45 -11.81
C LEU C 230 -37.02 11.48 -11.15
N ILE C 231 -38.05 11.44 -12.00
CA ILE C 231 -39.46 11.29 -11.62
C ILE C 231 -40.16 10.14 -12.36
N ALA C 232 -41.19 9.58 -11.73
CA ALA C 232 -42.10 8.61 -12.33
C ALA C 232 -43.07 9.26 -13.31
N LYS C 233 -43.27 8.62 -14.46
CA LYS C 233 -44.35 8.98 -15.38
C LYS C 233 -45.59 8.29 -14.89
N PRO C 234 -46.77 8.65 -15.40
CA PRO C 234 -48.01 7.98 -14.98
C PRO C 234 -47.98 6.49 -15.31
N GLY C 235 -48.44 5.68 -14.37
CA GLY C 235 -48.46 4.25 -14.54
C GLY C 235 -47.16 3.52 -14.26
N ALA C 236 -46.13 4.23 -13.82
CA ALA C 236 -44.80 3.65 -13.57
C ALA C 236 -44.75 2.37 -12.70
N GLU C 237 -45.63 2.26 -11.68
CA GLU C 237 -45.66 1.08 -10.80
C GLU C 237 -46.46 -0.10 -11.40
N VAL C 238 -47.40 0.27 -12.27
CA VAL C 238 -48.26 -0.64 -13.01
C VAL C 238 -47.53 -1.27 -14.21
N LEU C 239 -46.67 -0.47 -14.88
CA LEU C 239 -46.03 -0.87 -16.14
C LEU C 239 -44.95 -1.95 -16.04
N PRO C 240 -45.10 -3.04 -16.81
CA PRO C 240 -44.29 -4.25 -16.68
C PRO C 240 -43.11 -4.22 -15.69
N ALA C 241 -41.95 -3.72 -16.08
CA ALA C 241 -40.80 -3.70 -15.17
C ALA C 241 -39.48 -3.37 -15.84
N GLY C 242 -39.35 -3.72 -17.11
CA GLY C 242 -38.19 -3.36 -17.90
C GLY C 242 -38.51 -2.27 -18.92
N ASP C 243 -39.81 -1.99 -19.05
CA ASP C 243 -40.37 -1.00 -19.98
C ASP C 243 -39.64 0.32 -20.03
N THR C 244 -39.55 0.87 -21.23
CA THR C 244 -38.98 2.19 -21.47
C THR C 244 -40.00 3.33 -21.31
N GLY C 245 -39.53 4.44 -20.73
CA GLY C 245 -40.39 5.59 -20.50
C GLY C 245 -41.33 5.33 -19.33
N ARG C 246 -40.81 4.70 -18.29
CA ARG C 246 -41.54 4.71 -17.04
C ARG C 246 -41.12 5.93 -16.23
N PHE C 247 -39.87 6.36 -16.39
CA PHE C 247 -39.28 7.46 -15.62
C PHE C 247 -38.60 8.48 -16.54
N GLU C 248 -38.39 9.69 -16.02
CA GLU C 248 -37.63 10.69 -16.75
C GLU C 248 -36.93 11.66 -15.80
N VAL C 249 -35.92 12.35 -16.33
CA VAL C 249 -35.31 13.38 -15.56
C VAL C 249 -36.07 14.70 -15.78
N THR C 250 -36.17 15.47 -14.72
CA THR C 250 -36.88 16.74 -14.78
C THR C 250 -36.12 17.75 -13.95
N ARG C 251 -36.22 19.03 -14.35
CA ARG C 251 -35.62 20.17 -13.62
C ARG C 251 -36.40 20.52 -12.37
N THR C 252 -35.72 20.77 -11.26
CA THR C 252 -36.41 20.95 -9.95
C THR C 252 -37.23 22.24 -9.84
N THR C 253 -38.10 22.27 -8.83
CA THR C 253 -39.16 23.29 -8.68
C THR C 253 -38.73 24.73 -8.90
N ASP C 254 -37.46 25.05 -8.64
CA ASP C 254 -36.91 26.39 -8.96
C ASP C 254 -35.37 26.44 -9.02
N ASP C 255 -34.73 25.27 -9.07
CA ASP C 255 -33.26 25.16 -9.02
C ASP C 255 -32.75 25.34 -7.59
N GLU C 256 -33.69 25.38 -6.64
CA GLU C 256 -33.34 25.44 -5.22
C GLU C 256 -32.80 24.08 -4.79
N TYR C 257 -33.41 23.02 -5.34
CA TYR C 257 -33.16 21.62 -4.95
C TYR C 257 -32.26 20.91 -5.96
N VAL C 258 -31.20 20.26 -5.50
CA VAL C 258 -30.18 19.74 -6.41
C VAL C 258 -29.84 18.28 -6.15
N PHE C 259 -29.33 17.59 -7.18
CA PHE C 259 -28.93 16.20 -7.06
C PHE C 259 -27.52 16.06 -7.54
N ARG C 260 -26.77 15.17 -6.92
CA ARG C 260 -25.41 15.01 -7.40
C ARG C 260 -25.38 14.17 -8.70
N ALA C 261 -24.50 14.57 -9.61
CA ALA C 261 -24.27 13.82 -10.84
C ALA C 261 -23.59 12.53 -10.45
N ALA C 262 -24.28 11.39 -10.59
CA ALA C 262 -23.78 10.09 -10.23
C ALA C 262 -22.41 9.81 -10.81
N PRO C 263 -21.45 9.46 -9.96
CA PRO C 263 -20.12 9.03 -10.42
C PRO C 263 -20.29 7.69 -11.13
N LEU C 264 -19.87 7.59 -12.39
CA LEU C 264 -20.25 6.41 -13.17
C LEU C 264 -19.23 5.24 -13.20
N ARG C 265 -18.13 5.36 -12.46
CA ARG C 265 -17.17 4.29 -12.36
C ARG C 265 -17.91 3.07 -11.83
N ASN C 266 -17.68 1.90 -12.41
CA ASN C 266 -18.31 0.63 -12.01
C ASN C 266 -19.84 0.62 -12.08
N VAL C 267 -20.42 1.53 -12.87
CA VAL C 267 -21.88 1.58 -13.03
C VAL C 267 -22.49 0.26 -13.49
N ALA C 268 -21.74 -0.52 -14.28
CA ALA C 268 -22.24 -1.81 -14.74
C ALA C 268 -22.54 -2.75 -13.56
N LEU C 269 -21.82 -2.55 -12.44
CA LEU C 269 -21.99 -3.40 -11.22
C LEU C 269 -22.98 -2.91 -10.17
N THR C 270 -23.53 -1.71 -10.36
CA THR C 270 -24.29 -1.08 -9.25
C THR C 270 -25.73 -0.69 -9.50
N ALA C 271 -26.40 -1.50 -10.33
CA ALA C 271 -27.86 -1.47 -10.45
C ALA C 271 -28.48 -1.75 -9.09
N PRO C 272 -29.70 -1.26 -8.83
CA PRO C 272 -30.44 -0.37 -9.71
C PRO C 272 -29.97 1.09 -9.71
N TYR C 273 -30.55 1.90 -10.59
CA TYR C 273 -29.95 3.18 -10.97
C TYR C 273 -30.81 4.37 -10.54
N PHE C 274 -30.17 5.52 -10.36
CA PHE C 274 -30.75 6.80 -9.88
C PHE C 274 -30.98 6.84 -8.39
N HIS C 275 -31.33 8.02 -7.85
CA HIS C 275 -31.33 8.18 -6.39
C HIS C 275 -32.34 7.27 -5.75
N SER C 276 -33.33 6.85 -6.54
CA SER C 276 -34.47 6.08 -6.03
C SER C 276 -34.38 4.59 -6.40
N GLY C 277 -33.38 4.21 -7.19
CA GLY C 277 -33.09 2.76 -7.41
C GLY C 277 -34.22 2.06 -8.15
N VAL C 278 -34.81 2.77 -9.12
CA VAL C 278 -36.01 2.23 -9.80
C VAL C 278 -35.78 1.70 -11.21
N VAL C 279 -34.62 2.05 -11.79
CA VAL C 279 -34.25 1.63 -13.14
C VAL C 279 -33.24 0.50 -13.04
N TRP C 280 -33.59 -0.69 -13.55
CA TRP C 280 -32.67 -1.86 -13.49
C TRP C 280 -31.73 -1.98 -14.71
N GLU C 281 -32.10 -1.35 -15.81
CA GLU C 281 -31.39 -1.59 -17.06
C GLU C 281 -30.51 -0.42 -17.31
N LEU C 282 -29.22 -0.67 -17.48
CA LEU C 282 -28.26 0.42 -17.76
C LEU C 282 -28.59 1.10 -19.08
N ALA C 283 -28.99 0.35 -20.08
CA ALA C 283 -29.47 0.95 -21.33
C ALA C 283 -30.59 1.97 -21.10
N GLU C 284 -31.52 1.66 -20.19
CA GLU C 284 -32.59 2.61 -19.84
C GLU C 284 -32.12 3.90 -19.13
N ALA C 285 -31.20 3.78 -18.16
CA ALA C 285 -30.58 4.94 -17.51
C ALA C 285 -29.96 5.88 -18.54
N VAL C 286 -29.24 5.30 -19.49
CA VAL C 286 -28.56 6.08 -20.55
C VAL C 286 -29.62 6.81 -21.41
N LYS C 287 -30.65 6.08 -21.83
CA LYS C 287 -31.76 6.68 -22.59
C LYS C 287 -32.46 7.78 -21.80
N ILE C 288 -32.70 7.52 -20.50
CA ILE C 288 -33.27 8.55 -19.63
C ILE C 288 -32.39 9.80 -19.64
N MET C 289 -31.08 9.61 -19.60
CA MET C 289 -30.16 10.74 -19.60
C MET C 289 -29.99 11.43 -20.96
N SER C 290 -30.78 11.03 -21.94
CA SER C 290 -30.87 11.76 -23.22
C SER C 290 -32.10 12.68 -23.14
N SER C 291 -31.91 13.93 -22.69
CA SER C 291 -33.01 14.89 -22.51
C SER C 291 -32.62 16.29 -22.97
N ALA C 292 -33.57 16.99 -23.59
CA ALA C 292 -33.41 18.40 -23.97
C ALA C 292 -33.22 19.27 -22.72
N GLN C 293 -33.91 18.92 -21.64
CA GLN C 293 -33.76 19.64 -20.36
C GLN C 293 -32.29 19.68 -19.89
N ILE C 294 -31.56 18.63 -20.23
CA ILE C 294 -30.20 18.40 -19.73
C ILE C 294 -29.15 18.86 -20.74
N GLY C 295 -29.61 19.22 -21.95
CA GLY C 295 -28.71 19.65 -23.00
C GLY C 295 -28.06 18.51 -23.77
N THR C 296 -28.59 17.31 -23.56
CA THR C 296 -28.13 16.10 -24.24
C THR C 296 -29.20 15.66 -25.19
N GLU C 297 -28.86 14.74 -26.08
CA GLU C 297 -29.80 14.10 -26.97
C GLU C 297 -28.95 13.09 -27.69
N LEU C 298 -29.43 11.86 -27.72
CA LEU C 298 -28.70 10.76 -28.31
C LEU C 298 -29.58 10.11 -29.37
N THR C 299 -28.99 9.78 -30.51
CA THR C 299 -29.63 8.84 -31.44
C THR C 299 -29.70 7.46 -30.76
N ASP C 300 -30.51 6.56 -31.29
CA ASP C 300 -30.51 5.19 -30.76
C ASP C 300 -29.12 4.54 -30.86
N GLN C 301 -28.38 4.88 -31.93
CA GLN C 301 -27.04 4.34 -32.08
C GLN C 301 -26.08 4.81 -31.00
N GLN C 302 -26.20 6.08 -30.63
CA GLN C 302 -25.30 6.65 -29.64
C GLN C 302 -25.58 6.03 -28.27
N ALA C 303 -26.83 5.64 -28.03
CA ALA C 303 -27.26 5.15 -26.71
C ALA C 303 -26.72 3.77 -26.45
N GLU C 304 -26.87 2.89 -27.45
CA GLU C 304 -26.24 1.60 -27.46
C GLU C 304 -24.73 1.69 -27.30
N ASP C 305 -24.10 2.62 -28.00
CA ASP C 305 -22.64 2.77 -27.96
C ASP C 305 -22.16 3.22 -26.59
N ILE C 306 -22.82 4.23 -26.01
CA ILE C 306 -22.47 4.73 -24.68
C ILE C 306 -22.71 3.64 -23.63
N THR C 307 -23.78 2.88 -23.78
CA THR C 307 -24.06 1.84 -22.80
C THR C 307 -22.87 0.90 -22.79
N ALA C 308 -22.44 0.48 -23.98
CA ALA C 308 -21.24 -0.36 -24.12
C ALA C 308 -20.03 0.33 -23.52
N PHE C 309 -19.81 1.59 -23.87
CA PHE C 309 -18.68 2.29 -23.31
C PHE C 309 -18.68 2.23 -21.77
N LEU C 310 -19.84 2.28 -21.13
CA LEU C 310 -19.85 2.43 -19.66
C LEU C 310 -19.39 1.18 -18.91
N GLY C 311 -19.53 0.02 -19.58
CA GLY C 311 -18.88 -1.22 -19.15
C GLY C 311 -17.36 -1.15 -19.02
N THR C 312 -16.70 -0.32 -19.83
CA THR C 312 -15.24 -0.10 -19.68
C THR C 312 -14.82 0.73 -18.47
N LEU C 313 -15.79 1.17 -17.66
CA LEU C 313 -15.49 1.87 -16.40
C LEU C 313 -15.48 0.89 -15.19
N THR C 314 -15.56 -0.40 -15.47
CA THR C 314 -15.49 -1.43 -14.43
C THR C 314 -14.03 -1.78 -14.19
N GLY C 315 -13.53 -1.47 -12.99
CA GLY C 315 -12.12 -1.62 -12.66
C GLY C 315 -11.87 -2.90 -11.92
N GLU C 316 -10.64 -3.09 -11.48
CA GLU C 316 -10.29 -4.26 -10.70
C GLU C 316 -10.91 -4.14 -9.30
N GLN C 317 -11.70 -5.14 -8.93
CA GLN C 317 -12.41 -5.11 -7.67
C GLN C 317 -11.42 -5.44 -6.58
N PRO C 318 -11.50 -4.75 -5.47
CA PRO C 318 -10.53 -4.97 -4.36
C PRO C 318 -10.67 -6.39 -3.86
N VAL C 319 -9.58 -7.10 -3.57
CA VAL C 319 -9.69 -8.40 -2.87
C VAL C 319 -9.32 -8.25 -1.39
N ILE C 320 -10.30 -8.54 -0.54
CA ILE C 320 -10.28 -8.20 0.89
C ILE C 320 -10.34 -9.47 1.74
N ASP C 321 -9.40 -9.62 2.68
CA ASP C 321 -9.50 -10.68 3.69
C ASP C 321 -10.66 -10.32 4.63
N HIS C 322 -11.62 -11.21 4.79
CA HIS C 322 -12.69 -10.88 5.71
C HIS C 322 -12.03 -10.80 7.11
N PRO C 323 -12.26 -9.72 7.85
CA PRO C 323 -11.59 -9.52 9.10
C PRO C 323 -12.21 -10.44 10.16
N ILE C 324 -11.41 -10.76 11.17
CA ILE C 324 -11.95 -11.51 12.29
C ILE C 324 -12.29 -10.45 13.31
N LEU C 325 -13.54 -10.43 13.76
CA LEU C 325 -13.99 -9.35 14.63
C LEU C 325 -13.62 -9.61 16.10
N PRO C 326 -13.45 -8.53 16.88
CA PRO C 326 -13.22 -8.62 18.32
C PRO C 326 -14.35 -9.39 19.01
N VAL C 327 -14.02 -10.20 20.00
CA VAL C 327 -15.06 -10.91 20.75
C VAL C 327 -15.74 -9.94 21.75
N ARG C 328 -17.05 -10.05 21.84
CA ARG C 328 -17.82 -9.28 22.81
C ARG C 328 -17.54 -9.71 24.23
N THR C 329 -17.80 -8.81 25.15
CA THR C 329 -17.58 -9.17 26.56
C THR C 329 -18.82 -8.98 27.35
N GLY C 330 -18.67 -9.16 28.66
CA GLY C 330 -19.82 -9.32 29.56
C GLY C 330 -20.69 -8.08 29.61
N THR C 331 -20.11 -6.90 29.36
CA THR C 331 -20.87 -5.65 29.38
C THR C 331 -21.00 -4.98 27.98
N THR C 332 -20.67 -5.70 26.92
CA THR C 332 -20.96 -5.22 25.59
C THR C 332 -22.48 -5.02 25.51
N PRO C 333 -22.97 -3.86 25.07
CA PRO C 333 -24.42 -3.63 24.97
C PRO C 333 -25.10 -4.74 24.16
N LEU C 334 -26.26 -5.18 24.62
CA LEU C 334 -27.01 -6.24 23.90
C LEU C 334 -27.65 -5.67 22.65
N PRO C 335 -27.68 -6.44 21.56
CA PRO C 335 -28.38 -6.02 20.34
C PRO C 335 -29.90 -5.91 20.57
N THR C 336 -30.52 -4.92 19.95
CA THR C 336 -31.96 -4.64 20.10
C THR C 336 -32.76 -5.57 19.20
N PRO C 337 -33.78 -6.24 19.75
CA PRO C 337 -34.51 -7.28 19.01
C PRO C 337 -35.14 -6.73 17.73
N MET C 338 -35.46 -5.43 17.73
CA MET C 338 -36.09 -4.80 16.58
C MET C 338 -37.62 -5.07 16.63
N ALA D 4 -1.88 -32.12 41.86
CA ALA D 4 -2.59 -31.92 40.55
C ALA D 4 -1.65 -31.56 39.38
N ILE D 5 -2.17 -31.70 38.17
CA ILE D 5 -1.42 -31.55 36.91
C ILE D 5 -0.23 -32.49 36.79
N ASP D 6 -0.54 -33.70 36.36
CA ASP D 6 0.43 -34.55 35.68
C ASP D 6 0.08 -34.42 34.20
N ASN D 7 0.92 -33.70 33.46
CA ASN D 7 0.72 -33.41 32.04
C ASN D 7 0.49 -34.66 31.22
N GLY D 8 1.33 -35.67 31.41
CA GLY D 8 1.25 -36.93 30.68
C GLY D 8 -0.10 -37.62 30.88
N ALA D 9 -0.57 -37.67 32.13
CA ALA D 9 -1.83 -38.36 32.49
C ALA D 9 -3.02 -37.64 31.91
N LEU D 10 -2.98 -36.31 31.98
CA LEU D 10 -4.04 -35.47 31.49
C LEU D 10 -4.16 -35.61 29.97
N ARG D 11 -3.03 -35.63 29.27
CA ARG D 11 -3.03 -35.77 27.83
C ARG D 11 -3.56 -37.12 27.40
N GLU D 12 -3.11 -38.17 28.08
CA GLU D 12 -3.50 -39.57 27.79
C GLU D 12 -5.03 -39.70 27.94
N GLU D 13 -5.54 -39.22 29.08
CA GLU D 13 -6.97 -39.12 29.35
C GLU D 13 -7.77 -38.45 28.24
N ALA D 14 -7.38 -37.23 27.92
CA ALA D 14 -8.03 -36.43 26.89
C ALA D 14 -8.02 -37.12 25.52
N LYS D 15 -6.95 -37.84 25.23
CA LYS D 15 -6.83 -38.52 23.94
C LYS D 15 -7.81 -39.70 23.77
N GLY D 16 -8.29 -40.23 24.90
CA GLY D 16 -9.28 -41.32 24.90
C GLY D 16 -10.69 -40.81 24.66
N VAL D 17 -10.93 -39.52 24.91
CA VAL D 17 -12.30 -38.99 24.78
C VAL D 17 -12.47 -37.90 23.71
N PHE D 18 -11.39 -37.18 23.38
CA PHE D 18 -11.49 -36.13 22.37
C PHE D 18 -10.52 -36.38 21.20
N GLU D 19 -10.49 -35.43 20.25
CA GLU D 19 -9.67 -35.53 19.02
C GLU D 19 -9.31 -34.10 18.58
N ALA D 20 -8.11 -33.91 18.02
CA ALA D 20 -7.77 -32.57 17.49
C ALA D 20 -8.46 -32.33 16.16
N ILE D 21 -8.84 -31.09 15.91
CA ILE D 21 -9.33 -30.71 14.58
C ILE D 21 -8.19 -30.91 13.55
N PRO D 22 -8.44 -31.62 12.44
CA PRO D 22 -7.41 -31.79 11.38
C PRO D 22 -6.94 -30.47 10.80
N GLU D 23 -5.68 -30.40 10.35
CA GLU D 23 -5.12 -29.18 9.76
C GLU D 23 -5.78 -28.80 8.44
N LYS D 24 -6.13 -29.81 7.65
CA LYS D 24 -6.82 -29.60 6.37
C LYS D 24 -7.69 -30.80 6.08
N MET D 25 -8.74 -30.57 5.30
CA MET D 25 -9.60 -31.65 4.83
C MET D 25 -9.29 -31.96 3.37
N THR D 26 -9.45 -33.22 3.01
CA THR D 26 -9.09 -33.73 1.69
C THR D 26 -10.33 -34.24 0.97
N ALA D 27 -11.22 -34.84 1.76
CA ALA D 27 -12.45 -35.44 1.26
C ALA D 27 -13.53 -35.29 2.31
N ILE D 28 -14.77 -35.51 1.88
CA ILE D 28 -15.94 -35.44 2.73
C ILE D 28 -16.90 -36.62 2.48
N LYS D 29 -17.80 -36.86 3.43
CA LYS D 29 -18.80 -37.92 3.32
C LYS D 29 -18.12 -39.30 3.18
N GLN D 30 -16.98 -39.44 3.85
CA GLN D 30 -16.18 -40.66 3.84
C GLN D 30 -16.78 -41.73 4.74
N THR D 31 -17.35 -42.76 4.11
CA THR D 31 -18.14 -43.79 4.81
C THR D 31 -17.36 -45.08 5.02
N PRO D 35 -16.89 -44.62 1.15
CA PRO D 35 -15.66 -45.29 1.57
C PRO D 35 -14.43 -44.36 1.54
N GLU D 36 -14.21 -43.71 0.39
CA GLU D 36 -13.15 -42.70 0.19
C GLU D 36 -13.81 -41.32 0.13
N GLY D 37 -15.14 -41.33 0.16
CA GLY D 37 -15.95 -40.12 0.14
C GLY D 37 -15.89 -39.38 -1.18
N VAL D 38 -16.13 -38.08 -1.12
CA VAL D 38 -16.07 -37.22 -2.27
C VAL D 38 -14.87 -36.31 -2.06
N PRO D 39 -13.90 -36.31 -2.98
CA PRO D 39 -12.77 -35.40 -2.88
C PRO D 39 -13.24 -33.93 -2.88
N LEU D 40 -12.51 -33.07 -2.16
CA LEU D 40 -12.75 -31.64 -2.19
C LEU D 40 -11.99 -31.07 -3.37
N THR D 41 -12.63 -30.23 -4.18
CA THR D 41 -11.89 -29.63 -5.29
C THR D 41 -11.89 -28.15 -5.18
N ALA D 42 -10.80 -27.51 -5.59
CA ALA D 42 -10.74 -26.06 -5.58
C ALA D 42 -11.98 -25.39 -6.18
N GLU D 43 -12.47 -25.94 -7.29
CA GLU D 43 -13.57 -25.34 -8.01
C GLU D 43 -14.90 -25.38 -7.26
N LYS D 44 -15.19 -26.51 -6.62
CA LYS D 44 -16.39 -26.59 -5.79
C LYS D 44 -16.30 -25.71 -4.56
N ILE D 45 -15.19 -25.81 -3.85
CA ILE D 45 -14.92 -24.91 -2.72
C ILE D 45 -15.12 -23.44 -3.13
N GLU D 46 -14.53 -23.04 -4.26
CA GLU D 46 -14.62 -21.66 -4.73
C GLU D 46 -16.05 -21.27 -5.04
N LEU D 47 -16.76 -22.14 -5.74
CA LEU D 47 -18.18 -21.86 -5.97
C LEU D 47 -19.05 -21.80 -4.68
N GLY D 48 -18.83 -22.76 -3.78
CA GLY D 48 -19.44 -22.73 -2.48
C GLY D 48 -19.21 -21.46 -1.69
N LYS D 49 -18.01 -20.85 -1.78
CA LYS D 49 -17.81 -19.58 -1.06
C LYS D 49 -18.63 -18.46 -1.71
N VAL D 50 -18.64 -18.40 -3.04
CA VAL D 50 -19.42 -17.39 -3.74
C VAL D 50 -20.92 -17.51 -3.36
N LEU D 51 -21.43 -18.73 -3.36
CA LEU D 51 -22.82 -18.95 -3.00
C LEU D 51 -23.12 -18.56 -1.54
N PHE D 52 -22.20 -18.88 -0.63
CA PHE D 52 -22.35 -18.63 0.82
C PHE D 52 -22.47 -17.12 1.11
N PHE D 53 -21.74 -16.33 0.34
CA PHE D 53 -21.75 -14.90 0.55
C PHE D 53 -22.77 -14.16 -0.28
N ASP D 54 -23.48 -14.82 -1.17
CA ASP D 54 -24.39 -14.11 -2.10
C ASP D 54 -25.83 -13.93 -1.56
N PRO D 55 -26.20 -12.70 -1.23
CA PRO D 55 -27.50 -12.41 -0.66
C PRO D 55 -28.59 -12.44 -1.68
N ARG D 56 -28.24 -12.58 -2.97
CA ARG D 56 -29.28 -12.62 -4.04
C ARG D 56 -29.87 -14.02 -4.08
N MET D 57 -29.31 -14.92 -3.30
CA MET D 57 -29.95 -16.24 -3.12
C MET D 57 -31.16 -16.20 -2.20
N SER D 58 -31.50 -15.04 -1.63
CA SER D 58 -32.67 -14.96 -0.73
C SER D 58 -33.69 -14.12 -1.46
N SER D 59 -34.96 -14.20 -1.03
CA SER D 59 -35.99 -13.38 -1.70
C SER D 59 -35.78 -11.87 -1.65
N SER D 60 -35.37 -11.40 -0.48
CA SER D 60 -35.27 -9.97 -0.23
C SER D 60 -34.01 -9.41 -0.92
N GLY D 61 -33.07 -10.30 -1.27
CA GLY D 61 -31.75 -9.87 -1.83
C GLY D 61 -30.81 -9.33 -0.76
N LEU D 62 -31.16 -9.51 0.51
CA LEU D 62 -30.36 -9.00 1.63
C LEU D 62 -29.64 -10.02 2.50
N ILE D 63 -30.14 -11.27 2.49
CA ILE D 63 -29.67 -12.28 3.40
C ILE D 63 -28.89 -13.33 2.65
N SER D 64 -27.70 -13.61 3.17
CA SER D 64 -26.85 -14.68 2.70
C SER D 64 -26.64 -15.70 3.82
N CYS D 65 -26.03 -16.84 3.53
CA CYS D 65 -25.62 -17.73 4.63
C CYS D 65 -24.71 -16.95 5.57
N GLN D 66 -23.82 -16.13 5.01
CA GLN D 66 -22.91 -15.29 5.78
C GLN D 66 -23.60 -14.36 6.77
N THR D 67 -24.82 -13.92 6.48
CA THR D 67 -25.49 -12.95 7.33
C THR D 67 -25.65 -13.58 8.73
N CYS D 68 -26.09 -14.82 8.73
CA CYS D 68 -26.38 -15.56 9.94
C CYS D 68 -25.25 -16.43 10.50
N HIS D 69 -24.31 -16.82 9.64
CA HIS D 69 -23.21 -17.67 10.01
C HIS D 69 -21.94 -16.91 9.63
N ASN D 70 -21.69 -15.84 10.36
CA ASN D 70 -20.71 -14.81 9.91
C ASN D 70 -19.29 -15.29 10.23
N VAL D 71 -18.51 -15.58 9.19
CA VAL D 71 -17.13 -16.08 9.37
C VAL D 71 -16.24 -15.16 10.23
N GLY D 72 -16.65 -13.91 10.40
CA GLY D 72 -15.83 -12.95 11.15
C GLY D 72 -16.22 -12.95 12.62
N LEU D 73 -17.35 -13.58 12.91
CA LEU D 73 -17.92 -13.55 14.26
C LEU D 73 -18.03 -14.94 14.77
N GLY D 74 -17.03 -15.77 14.56
CA GLY D 74 -17.13 -17.15 15.06
C GLY D 74 -18.11 -18.03 14.31
N GLY D 75 -18.48 -17.65 13.08
CA GLY D 75 -19.40 -18.43 12.25
C GLY D 75 -20.87 -18.37 12.65
N VAL D 76 -21.24 -17.34 13.41
CA VAL D 76 -22.58 -17.12 13.91
C VAL D 76 -23.01 -15.68 13.77
N ASP D 77 -24.22 -15.36 14.20
CA ASP D 77 -24.60 -13.93 14.08
C ASP D 77 -24.57 -13.15 15.39
N GLY D 78 -24.38 -13.86 16.52
CA GLY D 78 -24.28 -13.21 17.81
C GLY D 78 -25.59 -12.63 18.29
N LEU D 79 -26.71 -13.10 17.74
CA LEU D 79 -28.07 -12.64 18.15
C LEU D 79 -28.82 -13.81 18.83
N PRO D 80 -29.80 -13.56 19.69
CA PRO D 80 -30.50 -14.69 20.35
C PRO D 80 -31.04 -15.70 19.37
N THR D 81 -31.91 -15.35 18.44
CA THR D 81 -32.48 -16.40 17.56
C THR D 81 -32.71 -15.83 16.18
N SER D 82 -32.84 -16.72 15.23
CA SER D 82 -33.32 -16.38 13.90
C SER D 82 -34.10 -17.57 13.29
N ILE D 83 -34.69 -17.38 12.11
CA ILE D 83 -35.28 -18.48 11.35
C ILE D 83 -34.57 -18.50 10.00
N GLY D 84 -33.75 -19.51 9.76
CA GLY D 84 -33.06 -19.57 8.47
C GLY D 84 -33.41 -20.77 7.61
N HIS D 85 -34.07 -21.77 8.21
CA HIS D 85 -34.25 -23.05 7.58
C HIS D 85 -35.67 -23.60 7.83
N GLY D 86 -36.19 -24.35 6.86
CA GLY D 86 -37.59 -24.78 6.87
C GLY D 86 -37.84 -25.95 7.79
N TRP D 87 -36.78 -26.48 8.40
CA TRP D 87 -36.92 -27.56 9.37
C TRP D 87 -37.24 -27.06 10.80
N GLN D 88 -36.90 -25.79 11.08
CA GLN D 88 -37.04 -25.21 12.42
C GLN D 88 -38.46 -25.22 12.98
N LYS D 89 -38.59 -25.84 14.16
CA LYS D 89 -39.82 -25.79 14.97
C LYS D 89 -40.24 -24.35 15.26
N GLY D 90 -39.26 -23.51 15.54
CA GLY D 90 -39.47 -22.08 15.78
C GLY D 90 -38.13 -21.38 15.70
N PRO D 91 -38.05 -20.12 16.13
CA PRO D 91 -36.75 -19.38 16.11
C PRO D 91 -35.70 -20.11 16.95
N ARG D 92 -34.48 -20.22 16.41
CA ARG D 92 -33.36 -20.82 17.13
C ARG D 92 -32.13 -19.96 17.04
N ASN D 93 -31.25 -20.13 18.03
CA ASN D 93 -29.90 -19.50 17.97
C ASN D 93 -29.05 -20.15 16.83
N ALA D 94 -28.55 -19.36 15.88
CA ALA D 94 -27.75 -19.91 14.76
C ALA D 94 -26.46 -20.57 15.28
N PRO D 95 -26.28 -21.88 15.01
CA PRO D 95 -25.05 -22.55 15.43
C PRO D 95 -23.90 -22.09 14.51
N THR D 96 -22.67 -22.27 14.97
CA THR D 96 -21.51 -21.98 14.17
C THR D 96 -21.35 -22.88 12.92
N MET D 97 -21.00 -22.27 11.81
CA MET D 97 -20.60 -23.02 10.63
C MET D 97 -19.22 -23.65 10.89
N LEU D 98 -18.45 -23.03 11.80
CA LEU D 98 -17.10 -23.53 12.10
C LEU D 98 -17.08 -24.94 12.65
N ASN D 99 -16.31 -25.81 11.98
CA ASN D 99 -16.26 -27.26 12.32
C ASN D 99 -17.56 -28.02 12.18
N ALA D 100 -18.57 -27.37 11.58
CA ALA D 100 -19.94 -27.99 11.45
C ALA D 100 -19.96 -29.30 10.65
N ILE D 101 -19.02 -29.41 9.71
CA ILE D 101 -18.79 -30.60 8.92
C ILE D 101 -18.67 -31.88 9.75
N PHE D 102 -18.15 -31.76 10.99
CA PHE D 102 -17.96 -32.94 11.89
C PHE D 102 -19.19 -33.39 12.68
N ASN D 103 -20.26 -32.59 12.65
CA ASN D 103 -21.42 -32.91 13.45
C ASN D 103 -22.35 -33.92 12.78
N ALA D 104 -22.48 -35.11 13.38
CA ALA D 104 -23.41 -36.16 12.91
C ALA D 104 -24.91 -35.89 13.19
N ALA D 105 -25.18 -35.26 14.33
CA ALA D 105 -26.47 -34.69 14.65
C ALA D 105 -26.56 -33.28 14.03
N GLN D 106 -27.58 -33.05 13.23
CA GLN D 106 -27.65 -31.89 12.34
C GLN D 106 -28.53 -30.75 12.80
N PHE D 107 -29.43 -31.03 13.75
CA PHE D 107 -30.46 -30.09 14.17
C PHE D 107 -30.31 -29.72 15.66
N TRP D 108 -30.93 -28.62 16.10
CA TRP D 108 -30.93 -28.27 17.52
C TRP D 108 -31.79 -29.22 18.33
N ASP D 109 -32.96 -29.56 17.79
CA ASP D 109 -33.95 -30.31 18.56
C ASP D 109 -35.07 -30.85 17.68
N GLY D 110 -35.80 -31.84 18.18
CA GLY D 110 -36.94 -32.38 17.47
C GLY D 110 -37.45 -33.57 18.26
N ARG D 111 -38.42 -34.27 17.70
CA ARG D 111 -38.92 -35.50 18.32
C ARG D 111 -37.90 -36.60 18.05
N ALA D 112 -37.56 -37.39 19.07
CA ALA D 112 -36.55 -38.43 18.89
C ALA D 112 -36.81 -39.22 17.58
N ALA D 113 -38.08 -39.59 17.37
CA ALA D 113 -38.51 -40.40 16.23
C ALA D 113 -38.34 -39.72 14.85
N ASP D 114 -38.63 -38.42 14.78
CA ASP D 114 -38.39 -37.65 13.54
C ASP D 114 -36.91 -37.63 13.23
N LEU D 115 -36.10 -37.44 14.26
CA LEU D 115 -34.65 -37.33 14.10
C LEU D 115 -34.00 -38.64 13.68
N ALA D 116 -34.36 -39.72 14.38
CA ALA D 116 -33.90 -41.07 14.06
C ALA D 116 -33.75 -41.29 12.54
N GLU D 117 -34.82 -41.03 11.79
CA GLU D 117 -34.81 -41.16 10.34
C GLU D 117 -34.83 -39.80 9.63
N GLN D 118 -33.69 -39.09 9.65
CA GLN D 118 -33.62 -37.76 9.02
C GLN D 118 -32.35 -37.57 8.16
N ALA D 119 -32.48 -37.84 6.86
CA ALA D 119 -31.36 -37.79 5.93
C ALA D 119 -30.70 -36.39 5.83
N LYS D 120 -31.40 -35.45 5.19
CA LYS D 120 -30.85 -34.12 4.86
C LYS D 120 -30.64 -33.24 6.08
N GLY D 121 -29.54 -32.49 6.06
CA GLY D 121 -29.27 -31.49 7.10
C GLY D 121 -30.12 -30.26 6.84
N PRO D 122 -29.92 -29.21 7.64
CA PRO D 122 -30.79 -28.02 7.59
C PRO D 122 -30.78 -27.24 6.25
N VAL D 123 -29.74 -27.35 5.43
CA VAL D 123 -29.76 -26.68 4.11
C VAL D 123 -30.82 -27.23 3.12
N GLN D 124 -30.96 -28.55 3.08
CA GLN D 124 -31.85 -29.23 2.11
C GLN D 124 -33.13 -29.81 2.71
N ALA D 125 -33.17 -29.99 4.02
CA ALA D 125 -34.36 -30.55 4.65
C ALA D 125 -35.61 -29.68 4.37
N GLY D 126 -36.60 -30.26 3.68
CA GLY D 126 -37.86 -29.57 3.39
C GLY D 126 -37.95 -28.73 2.10
N VAL D 127 -36.81 -28.41 1.50
CA VAL D 127 -36.79 -27.56 0.30
C VAL D 127 -37.52 -28.23 -0.87
N SER D 130 -41.20 -27.07 -1.69
CA SER D 130 -41.04 -25.61 -1.64
C SER D 130 -40.75 -25.05 -3.04
N ASN D 131 -40.71 -23.71 -3.15
CA ASN D 131 -40.39 -23.00 -4.43
C ASN D 131 -38.96 -22.52 -4.52
N THR D 132 -38.29 -22.60 -3.38
CA THR D 132 -36.91 -22.22 -3.25
C THR D 132 -36.02 -22.79 -4.37
N PRO D 133 -35.84 -24.12 -4.47
CA PRO D 133 -34.89 -24.66 -5.44
C PRO D 133 -35.06 -24.00 -6.81
N ASP D 134 -36.28 -23.99 -7.33
CA ASP D 134 -36.46 -23.47 -8.68
C ASP D 134 -36.07 -21.99 -8.83
N GLN D 135 -36.40 -21.15 -7.83
CA GLN D 135 -36.05 -19.72 -7.88
C GLN D 135 -34.55 -19.52 -7.73
N VAL D 136 -33.92 -20.33 -6.89
CA VAL D 136 -32.47 -20.24 -6.70
C VAL D 136 -31.78 -20.60 -8.03
N VAL D 137 -32.19 -21.73 -8.64
CA VAL D 137 -31.63 -22.12 -9.95
C VAL D 137 -31.82 -21.04 -11.03
N LYS D 138 -33.04 -20.52 -11.16
CA LYS D 138 -33.35 -19.45 -12.13
C LYS D 138 -32.45 -18.23 -11.92
N THR D 139 -32.22 -17.88 -10.64
CA THR D 139 -31.36 -16.78 -10.28
C THR D 139 -29.93 -17.06 -10.71
N ILE D 140 -29.46 -18.26 -10.39
CA ILE D 140 -28.11 -18.65 -10.76
C ILE D 140 -27.93 -18.64 -12.29
N ASN D 141 -28.90 -19.20 -13.03
CA ASN D 141 -28.78 -19.37 -14.48
C ASN D 141 -28.75 -18.06 -15.20
N SER D 142 -29.28 -17.02 -14.56
CA SER D 142 -29.37 -15.71 -15.21
C SER D 142 -28.02 -15.01 -15.32
N MET D 143 -27.01 -15.54 -14.63
CA MET D 143 -25.71 -14.87 -14.52
C MET D 143 -24.63 -15.73 -15.13
N PRO D 144 -24.11 -15.38 -16.31
CA PRO D 144 -23.13 -16.26 -16.97
C PRO D 144 -21.89 -16.63 -16.16
N GLU D 145 -21.41 -15.77 -15.26
CA GLU D 145 -20.25 -16.19 -14.44
C GLU D 145 -20.61 -17.38 -13.53
N TYR D 146 -21.83 -17.41 -13.03
CA TYR D 146 -22.25 -18.56 -12.20
C TYR D 146 -22.31 -19.82 -13.03
N VAL D 147 -22.90 -19.72 -14.22
CA VAL D 147 -23.07 -20.92 -15.06
C VAL D 147 -21.66 -21.48 -15.38
N GLU D 148 -20.73 -20.59 -15.67
CA GLU D 148 -19.39 -21.01 -15.95
C GLU D 148 -18.78 -21.67 -14.74
N ALA D 149 -18.99 -21.08 -13.55
CA ALA D 149 -18.47 -21.68 -12.28
C ALA D 149 -19.04 -23.06 -11.98
N PHE D 150 -20.33 -23.25 -12.24
CA PHE D 150 -20.95 -24.57 -12.06
C PHE D 150 -20.45 -25.60 -13.05
N LYS D 151 -20.26 -25.17 -14.31
CA LYS D 151 -19.71 -26.05 -15.33
C LYS D 151 -18.31 -26.51 -14.94
N ALA D 152 -17.50 -25.59 -14.42
CA ALA D 152 -16.12 -25.89 -14.00
C ALA D 152 -16.09 -26.75 -12.70
N ALA D 153 -17.07 -26.54 -11.85
CA ALA D 153 -17.13 -27.28 -10.60
C ALA D 153 -17.66 -28.71 -10.77
N PHE D 154 -18.60 -28.88 -11.69
CA PHE D 154 -19.23 -30.18 -11.93
C PHE D 154 -19.04 -30.59 -13.41
N PRO D 155 -17.80 -30.85 -13.83
CA PRO D 155 -17.49 -31.00 -15.26
C PRO D 155 -18.08 -32.28 -15.88
N GLU D 156 -18.31 -33.31 -15.07
CA GLU D 156 -18.84 -34.59 -15.57
C GLU D 156 -20.37 -34.62 -15.72
N GLU D 157 -21.03 -33.49 -15.45
CA GLU D 157 -22.49 -33.44 -15.48
C GLU D 157 -23.00 -32.50 -16.57
N ALA D 158 -24.05 -32.93 -17.27
CA ALA D 158 -24.61 -32.15 -18.38
C ALA D 158 -25.53 -31.03 -17.91
N ASP D 159 -26.28 -31.30 -16.83
CA ASP D 159 -27.15 -30.29 -16.13
C ASP D 159 -26.57 -29.92 -14.73
N PRO D 160 -25.48 -29.18 -14.73
CA PRO D 160 -24.75 -28.98 -13.47
C PRO D 160 -25.45 -28.01 -12.49
N VAL D 161 -26.38 -27.18 -12.99
CA VAL D 161 -26.98 -26.09 -12.18
C VAL D 161 -28.31 -26.54 -11.59
N THR D 162 -28.21 -27.29 -10.48
CA THR D 162 -29.30 -27.84 -9.69
C THR D 162 -29.13 -27.42 -8.23
N PHE D 163 -30.22 -27.58 -7.46
CA PHE D 163 -30.16 -27.26 -6.03
C PHE D 163 -29.30 -28.23 -5.24
N ASP D 164 -29.32 -29.50 -5.66
CA ASP D 164 -28.38 -30.50 -5.16
C ASP D 164 -26.94 -30.01 -5.26
N ASN D 165 -26.57 -29.46 -6.43
CA ASN D 165 -25.21 -29.04 -6.64
C ASN D 165 -24.89 -27.76 -5.92
N PHE D 166 -25.90 -26.88 -5.77
CA PHE D 166 -25.82 -25.67 -4.95
C PHE D 166 -25.40 -26.10 -3.54
N ALA D 167 -26.07 -27.11 -3.00
CA ALA D 167 -25.88 -27.51 -1.63
C ALA D 167 -24.55 -28.26 -1.53
N ALA D 168 -24.19 -28.97 -2.60
CA ALA D 168 -22.98 -29.75 -2.59
C ALA D 168 -21.76 -28.80 -2.63
N ALA D 169 -21.83 -27.77 -3.47
CA ALA D 169 -20.75 -26.76 -3.51
C ALA D 169 -20.57 -26.07 -2.14
N ILE D 170 -21.66 -25.62 -1.54
CA ILE D 170 -21.57 -24.97 -0.23
C ILE D 170 -20.95 -25.93 0.79
N GLU D 171 -21.36 -27.19 0.74
CA GLU D 171 -20.79 -28.15 1.64
C GLU D 171 -19.26 -28.34 1.48
N GLN D 172 -18.77 -28.33 0.25
CA GLN D 172 -17.33 -28.27 0.06
C GLN D 172 -16.65 -27.07 0.74
N PHE D 173 -17.19 -25.86 0.58
CA PHE D 173 -16.69 -24.69 1.28
C PHE D 173 -16.74 -24.84 2.81
N GLU D 174 -17.86 -25.39 3.31
CA GLU D 174 -18.06 -25.61 4.73
C GLU D 174 -16.94 -26.48 5.29
N ALA D 175 -16.52 -27.46 4.48
CA ALA D 175 -15.40 -28.35 4.83
C ALA D 175 -14.09 -27.62 5.05
N THR D 176 -13.92 -26.43 4.45
CA THR D 176 -12.68 -25.64 4.71
C THR D 176 -12.82 -24.78 5.96
N LEU D 177 -14.02 -24.71 6.56
CA LEU D 177 -14.22 -23.77 7.65
C LEU D 177 -14.02 -24.46 8.98
N ILE D 178 -12.82 -25.00 9.17
CA ILE D 178 -12.47 -25.74 10.35
C ILE D 178 -11.42 -24.91 11.06
N THR D 179 -11.27 -25.09 12.38
CA THR D 179 -10.34 -24.24 13.11
C THR D 179 -9.31 -25.06 13.88
N PRO D 180 -8.22 -25.45 13.22
CA PRO D 180 -7.19 -26.23 13.91
C PRO D 180 -6.35 -25.36 14.88
N ASN D 181 -5.57 -26.03 15.73
CA ASN D 181 -4.51 -25.38 16.51
C ASN D 181 -4.99 -24.47 17.61
N SER D 182 -6.14 -24.79 18.18
CA SER D 182 -6.53 -24.25 19.47
C SER D 182 -5.54 -24.66 20.54
N ALA D 183 -5.54 -23.93 21.65
CA ALA D 183 -4.58 -24.21 22.73
C ALA D 183 -4.70 -25.65 23.23
N PHE D 184 -5.93 -26.10 23.36
CA PHE D 184 -6.18 -27.49 23.77
C PHE D 184 -5.57 -28.50 22.77
N ASP D 185 -5.77 -28.25 21.49
CA ASP D 185 -5.24 -29.13 20.44
C ASP D 185 -3.70 -29.11 20.45
N ARG D 186 -3.11 -27.94 20.66
CA ARG D 186 -1.64 -27.82 20.71
C ARG D 186 -1.11 -28.63 21.90
N PHE D 187 -1.84 -28.53 23.02
CA PHE D 187 -1.56 -29.34 24.19
C PHE D 187 -1.65 -30.85 23.89
N LEU D 188 -2.79 -31.27 23.33
CA LEU D 188 -2.96 -32.65 22.89
C LEU D 188 -1.80 -33.15 22.04
N ALA D 189 -1.39 -32.35 21.06
CA ALA D 189 -0.26 -32.75 20.22
C ALA D 189 1.08 -32.72 20.96
N GLY D 190 1.13 -32.26 22.19
CA GLY D 190 2.39 -32.36 22.96
C GLY D 190 2.95 -31.11 23.63
N ASP D 191 2.36 -29.94 23.38
CA ASP D 191 2.88 -28.71 23.98
C ASP D 191 2.31 -28.42 25.40
N ASP D 192 3.03 -28.84 26.42
CA ASP D 192 2.63 -28.65 27.81
C ASP D 192 2.38 -27.17 28.14
N ALA D 193 3.15 -26.25 27.55
CA ALA D 193 2.96 -24.83 27.86
C ALA D 193 1.77 -24.19 27.17
N ALA D 194 1.11 -24.90 26.25
CA ALA D 194 0.00 -24.30 25.48
C ALA D 194 -1.20 -23.91 26.35
N MET D 195 -1.36 -24.53 27.52
CA MET D 195 -2.49 -24.26 28.40
C MET D 195 -1.98 -23.80 29.76
N THR D 196 -2.69 -22.89 30.42
CA THR D 196 -2.31 -22.52 31.79
C THR D 196 -2.66 -23.66 32.77
N ASP D 197 -2.11 -23.57 33.97
CA ASP D 197 -2.51 -24.41 35.09
C ASP D 197 -4.03 -24.44 35.34
N GLN D 198 -4.65 -23.26 35.42
CA GLN D 198 -6.12 -23.18 35.56
C GLN D 198 -6.87 -23.86 34.41
N GLU D 199 -6.40 -23.68 33.17
CA GLU D 199 -7.05 -24.28 32.01
C GLU D 199 -6.97 -25.80 32.09
N LYS D 200 -5.82 -26.31 32.53
CA LYS D 200 -5.64 -27.75 32.69
C LYS D 200 -6.48 -28.35 33.84
N ARG D 201 -6.56 -27.66 34.97
CA ARG D 201 -7.54 -28.06 36.02
C ARG D 201 -8.96 -28.10 35.44
N GLY D 202 -9.28 -27.15 34.56
CA GLY D 202 -10.60 -27.14 33.88
C GLY D 202 -10.84 -28.35 33.00
N LEU D 203 -9.86 -28.66 32.13
CA LEU D 203 -9.88 -29.91 31.36
C LEU D 203 -10.14 -31.09 32.29
N GLN D 204 -9.40 -31.13 33.40
CA GLN D 204 -9.54 -32.24 34.36
C GLN D 204 -10.96 -32.34 34.91
N ALA D 205 -11.52 -31.23 35.37
CA ALA D 205 -12.88 -31.23 35.90
C ALA D 205 -13.93 -31.60 34.83
N PHE D 206 -13.72 -31.12 33.60
CA PHE D 206 -14.64 -31.41 32.49
C PHE D 206 -14.76 -32.93 32.28
N MET D 207 -13.62 -33.60 32.34
CA MET D 207 -13.57 -35.04 32.13
C MET D 207 -14.02 -35.82 33.39
N GLU D 208 -13.81 -35.26 34.57
CA GLU D 208 -14.17 -36.05 35.72
C GLU D 208 -15.59 -35.81 36.24
N THR D 209 -16.19 -34.65 36.00
CA THR D 209 -17.52 -34.42 36.55
C THR D 209 -18.69 -34.87 35.66
N GLY D 210 -18.40 -35.44 34.49
CA GLY D 210 -19.43 -36.04 33.64
C GLY D 210 -19.83 -35.36 32.34
N CYS D 211 -19.17 -34.26 31.99
CA CYS D 211 -19.53 -33.47 30.82
C CYS D 211 -19.28 -34.25 29.53
N THR D 212 -18.26 -35.11 29.54
CA THR D 212 -17.92 -35.93 28.37
C THR D 212 -18.95 -37.03 28.08
N ALA D 213 -19.90 -37.23 28.97
CA ALA D 213 -21.02 -38.13 28.64
C ALA D 213 -21.76 -37.65 27.38
N CYS D 214 -21.73 -36.33 27.10
CA CYS D 214 -22.46 -35.76 25.97
C CYS D 214 -21.59 -34.83 25.11
N HIS D 215 -20.53 -34.26 25.69
CA HIS D 215 -19.64 -33.36 24.98
C HIS D 215 -18.30 -34.09 24.80
N TYR D 216 -18.21 -34.89 23.76
CA TYR D 216 -17.04 -35.75 23.53
C TYR D 216 -16.55 -35.64 22.06
N GLY D 217 -15.50 -36.37 21.68
CA GLY D 217 -15.05 -36.42 20.29
C GLY D 217 -14.41 -35.14 19.76
N VAL D 218 -14.32 -35.01 18.44
CA VAL D 218 -13.54 -33.91 17.84
C VAL D 218 -14.15 -32.53 18.18
N ASN D 219 -15.48 -32.48 18.25
CA ASN D 219 -16.18 -31.21 18.47
C ASN D 219 -16.71 -30.93 19.87
N PHE D 220 -16.43 -31.81 20.84
CA PHE D 220 -16.93 -31.60 22.23
C PHE D 220 -18.44 -31.47 22.20
N GLY D 221 -19.08 -32.48 21.58
CA GLY D 221 -20.53 -32.44 21.30
C GLY D 221 -20.84 -32.54 19.81
N GLY D 222 -22.12 -32.33 19.48
CA GLY D 222 -22.57 -32.26 18.10
C GLY D 222 -22.89 -33.60 17.46
N GLN D 223 -22.86 -34.67 18.26
CA GLN D 223 -22.93 -36.05 17.78
C GLN D 223 -24.21 -36.80 18.10
N ASP D 224 -24.96 -36.29 19.08
CA ASP D 224 -26.18 -36.99 19.53
C ASP D 224 -27.13 -36.07 20.30
N TYR D 225 -28.33 -36.61 20.56
CA TYR D 225 -29.47 -35.89 21.09
C TYR D 225 -29.77 -36.41 22.49
N HIS D 226 -30.30 -35.54 23.35
CA HIS D 226 -30.63 -35.88 24.73
C HIS D 226 -31.90 -35.18 25.18
N PRO D 227 -32.70 -35.84 26.03
CA PRO D 227 -33.99 -35.30 26.50
C PRO D 227 -33.89 -34.18 27.58
N PHE D 228 -33.00 -33.21 27.34
CA PHE D 228 -32.74 -32.12 28.28
C PHE D 228 -32.55 -30.84 27.48
N GLY D 229 -33.24 -29.79 27.90
CA GLY D 229 -33.09 -28.48 27.24
C GLY D 229 -33.18 -27.35 28.25
N LEU D 230 -32.77 -26.16 27.82
CA LEU D 230 -32.84 -24.95 28.63
C LEU D 230 -34.27 -24.47 28.76
N ILE D 231 -34.68 -24.13 29.98
CA ILE D 231 -35.96 -23.42 30.20
C ILE D 231 -35.79 -22.25 31.15
N ALA D 232 -36.60 -21.21 30.92
CA ALA D 232 -36.56 -20.02 31.75
C ALA D 232 -37.27 -20.23 33.11
N LYS D 233 -36.81 -19.50 34.12
CA LYS D 233 -37.41 -19.50 35.45
C LYS D 233 -38.30 -18.25 35.62
N PRO D 234 -39.58 -18.41 35.97
CA PRO D 234 -40.54 -17.29 36.07
C PRO D 234 -40.12 -16.04 36.85
N GLY D 235 -40.26 -14.93 36.12
CA GLY D 235 -39.97 -13.56 36.52
C GLY D 235 -40.18 -12.78 35.23
N ALA D 236 -39.97 -11.46 35.27
CA ALA D 236 -40.21 -10.59 34.12
C ALA D 236 -38.97 -10.41 33.24
N GLY D 245 -29.27 -18.83 37.15
CA GLY D 245 -30.02 -17.98 38.06
C GLY D 245 -31.38 -17.65 37.49
N ARG D 246 -31.44 -17.48 36.16
CA ARG D 246 -32.68 -17.08 35.49
C ARG D 246 -33.15 -18.25 34.63
N PHE D 247 -32.26 -19.23 34.42
CA PHE D 247 -32.49 -20.36 33.49
C PHE D 247 -31.99 -21.67 34.09
N GLU D 248 -32.59 -22.78 33.69
CA GLU D 248 -32.16 -24.09 34.15
C GLU D 248 -32.29 -25.09 33.03
N VAL D 249 -31.50 -26.16 33.10
CA VAL D 249 -31.64 -27.28 32.17
C VAL D 249 -32.60 -28.31 32.77
N THR D 250 -33.51 -28.78 31.92
CA THR D 250 -34.72 -29.45 32.32
C THR D 250 -35.02 -30.65 31.44
N ARG D 251 -35.42 -31.77 32.06
CA ARG D 251 -35.78 -32.95 31.29
C ARG D 251 -37.03 -32.66 30.47
N THR D 252 -37.09 -33.20 29.26
CA THR D 252 -38.31 -33.07 28.49
C THR D 252 -39.26 -34.12 29.08
N THR D 253 -40.56 -33.92 28.92
CA THR D 253 -41.48 -34.86 29.48
C THR D 253 -41.39 -36.15 28.64
N ASP D 254 -41.16 -37.26 29.39
CA ASP D 254 -40.99 -38.63 28.85
C ASP D 254 -39.78 -38.89 27.91
N ASP D 255 -38.85 -37.94 27.78
CA ASP D 255 -37.67 -38.15 26.94
C ASP D 255 -38.01 -38.24 25.45
N GLU D 256 -39.28 -38.00 25.13
CA GLU D 256 -39.76 -38.04 23.74
C GLU D 256 -39.22 -36.89 22.88
N TYR D 257 -38.94 -35.75 23.51
CA TYR D 257 -38.40 -34.58 22.80
C TYR D 257 -36.93 -34.40 23.15
N VAL D 258 -36.08 -34.13 22.15
CA VAL D 258 -34.62 -34.14 22.39
C VAL D 258 -33.91 -32.94 21.82
N PHE D 259 -32.76 -32.61 22.44
CA PHE D 259 -31.89 -31.50 22.08
C PHE D 259 -30.51 -32.03 21.80
N ARG D 260 -29.88 -31.49 20.77
CA ARG D 260 -28.51 -31.89 20.47
C ARG D 260 -27.54 -31.31 21.51
N ALA D 261 -26.68 -32.15 22.04
CA ALA D 261 -25.55 -31.65 22.84
C ALA D 261 -24.71 -30.65 22.02
N ALA D 262 -24.68 -29.38 22.40
CA ALA D 262 -24.00 -28.37 21.61
C ALA D 262 -22.51 -28.71 21.46
N PRO D 263 -21.98 -28.62 20.23
CA PRO D 263 -20.53 -28.72 20.01
C PRO D 263 -19.82 -27.51 20.61
N LEU D 264 -18.88 -27.77 21.53
CA LEU D 264 -18.26 -26.66 22.28
C LEU D 264 -17.03 -25.98 21.64
N ARG D 265 -16.62 -26.42 20.45
CA ARG D 265 -15.50 -25.74 19.78
C ARG D 265 -15.87 -24.27 19.52
N ASN D 266 -14.94 -23.37 19.80
CA ASN D 266 -15.13 -21.94 19.63
C ASN D 266 -16.30 -21.37 20.44
N VAL D 267 -16.75 -22.06 21.48
CA VAL D 267 -17.84 -21.54 22.38
C VAL D 267 -17.55 -20.05 22.84
N ALA D 268 -16.29 -19.74 23.16
CA ALA D 268 -15.99 -18.39 23.62
C ALA D 268 -16.45 -17.34 22.59
N LEU D 269 -16.49 -17.74 21.33
CA LEU D 269 -16.76 -16.85 20.23
C LEU D 269 -18.25 -16.74 19.83
N THR D 270 -19.07 -17.63 20.36
CA THR D 270 -20.38 -17.76 19.81
C THR D 270 -21.52 -17.46 20.78
N ALA D 271 -21.33 -16.52 21.70
CA ALA D 271 -22.46 -16.09 22.52
C ALA D 271 -23.56 -15.48 21.62
N PRO D 272 -24.83 -15.45 22.01
CA PRO D 272 -25.33 -16.05 23.27
C PRO D 272 -25.54 -17.57 23.17
N TYR D 273 -25.94 -18.16 24.28
CA TYR D 273 -25.83 -19.59 24.46
C TYR D 273 -27.18 -20.29 24.52
N PHE D 274 -27.15 -21.60 24.25
CA PHE D 274 -28.32 -22.51 24.30
C PHE D 274 -29.21 -22.23 23.08
N HIS D 275 -30.19 -23.10 22.89
CA HIS D 275 -30.97 -23.16 21.65
C HIS D 275 -31.81 -21.90 21.48
N SER D 276 -32.14 -21.27 22.62
CA SER D 276 -32.91 -20.01 22.66
C SER D 276 -32.04 -18.72 22.67
N GLY D 277 -30.72 -18.86 22.75
CA GLY D 277 -29.79 -17.70 22.79
C GLY D 277 -30.08 -16.67 23.89
N VAL D 278 -30.39 -17.16 25.09
CA VAL D 278 -30.81 -16.25 26.16
C VAL D 278 -29.73 -16.04 27.23
N VAL D 279 -28.67 -16.83 27.20
CA VAL D 279 -27.56 -16.66 28.15
C VAL D 279 -26.38 -16.01 27.48
N TRP D 280 -25.91 -14.89 28.02
CA TRP D 280 -24.82 -14.17 27.34
C TRP D 280 -23.44 -14.46 27.88
N GLU D 281 -23.39 -15.00 29.10
CA GLU D 281 -22.11 -15.18 29.77
C GLU D 281 -21.76 -16.63 29.76
N LEU D 282 -20.58 -16.94 29.23
CA LEU D 282 -20.08 -18.32 29.28
C LEU D 282 -20.04 -18.90 30.70
N ALA D 283 -19.60 -18.11 31.69
CA ALA D 283 -19.59 -18.62 33.06
C ALA D 283 -20.99 -19.11 33.51
N GLU D 284 -22.02 -18.38 33.10
CA GLU D 284 -23.37 -18.78 33.52
C GLU D 284 -23.85 -20.02 32.82
N ALA D 285 -23.45 -20.21 31.56
CA ALA D 285 -23.83 -21.42 30.79
C ALA D 285 -23.24 -22.69 31.43
N VAL D 286 -21.96 -22.61 31.78
CA VAL D 286 -21.31 -23.69 32.54
C VAL D 286 -22.03 -24.00 33.84
N LYS D 287 -22.31 -22.98 34.65
CA LYS D 287 -23.05 -23.20 35.88
C LYS D 287 -24.43 -23.81 35.67
N ILE D 288 -25.12 -23.41 34.60
CA ILE D 288 -26.44 -24.01 34.26
C ILE D 288 -26.31 -25.50 33.94
N MET D 289 -25.18 -25.88 33.36
CA MET D 289 -24.96 -27.28 33.03
C MET D 289 -24.41 -28.08 34.20
N SER D 290 -24.24 -27.44 35.37
CA SER D 290 -24.01 -28.14 36.63
C SER D 290 -25.37 -28.51 37.22
N SER D 291 -25.75 -29.79 37.16
CA SER D 291 -27.15 -30.19 37.39
C SER D 291 -27.40 -31.67 37.83
N ALA D 292 -28.16 -31.88 38.89
CA ALA D 292 -28.40 -33.26 39.34
C ALA D 292 -29.04 -34.11 38.23
N GLN D 293 -29.91 -33.47 37.44
CA GLN D 293 -30.68 -34.10 36.37
C GLN D 293 -29.78 -34.77 35.32
N ILE D 294 -28.66 -34.13 35.03
CA ILE D 294 -27.78 -34.65 34.00
C ILE D 294 -26.51 -35.27 34.57
N GLY D 295 -26.52 -35.53 35.88
CA GLY D 295 -25.42 -36.22 36.53
C GLY D 295 -24.15 -35.39 36.69
N THR D 296 -24.29 -34.09 36.52
CA THR D 296 -23.17 -33.17 36.69
C THR D 296 -23.34 -32.37 38.00
N GLU D 297 -22.21 -32.01 38.59
CA GLU D 297 -22.18 -31.20 39.78
C GLU D 297 -20.82 -30.56 39.82
N LEU D 298 -20.80 -29.24 39.81
CA LEU D 298 -19.58 -28.48 39.88
C LEU D 298 -19.54 -27.67 41.20
N THR D 299 -18.38 -27.67 41.86
CA THR D 299 -18.08 -26.68 42.89
C THR D 299 -17.84 -25.37 42.15
N ASP D 300 -17.89 -24.25 42.87
CA ASP D 300 -17.68 -22.98 42.20
C ASP D 300 -16.31 -22.91 41.54
N GLN D 301 -15.25 -23.36 42.21
CA GLN D 301 -13.94 -23.42 41.57
C GLN D 301 -13.89 -24.24 40.27
N GLN D 302 -14.57 -25.40 40.24
CA GLN D 302 -14.65 -26.23 39.03
C GLN D 302 -15.36 -25.52 37.89
N ALA D 303 -16.46 -24.83 38.22
CA ALA D 303 -17.17 -23.99 37.24
C ALA D 303 -16.24 -22.94 36.64
N GLU D 304 -15.51 -22.25 37.52
CA GLU D 304 -14.58 -21.21 37.08
C GLU D 304 -13.46 -21.78 36.22
N ASP D 305 -12.91 -22.93 36.63
CA ASP D 305 -11.83 -23.58 35.87
C ASP D 305 -12.28 -24.14 34.51
N ILE D 306 -13.44 -24.79 34.48
CA ILE D 306 -14.00 -25.25 33.20
C ILE D 306 -14.26 -24.07 32.24
N THR D 307 -14.78 -22.97 32.77
CA THR D 307 -15.00 -21.77 31.99
C THR D 307 -13.67 -21.29 31.35
N ALA D 308 -12.59 -21.25 32.12
CA ALA D 308 -11.28 -20.96 31.57
C ALA D 308 -10.89 -21.99 30.50
N PHE D 309 -11.05 -23.26 30.82
CA PHE D 309 -10.75 -24.32 29.88
C PHE D 309 -11.46 -24.14 28.54
N LEU D 310 -12.74 -23.73 28.52
CA LEU D 310 -13.48 -23.71 27.28
C LEU D 310 -12.90 -22.70 26.31
N GLY D 311 -12.25 -21.68 26.85
CA GLY D 311 -11.47 -20.71 26.05
C GLY D 311 -10.38 -21.32 25.20
N THR D 312 -9.84 -22.47 25.62
CA THR D 312 -8.80 -23.14 24.83
C THR D 312 -9.33 -23.95 23.63
N LEU D 313 -10.66 -23.99 23.51
CA LEU D 313 -11.35 -24.59 22.36
C LEU D 313 -11.49 -23.61 21.15
N THR D 314 -10.95 -22.42 21.28
CA THR D 314 -10.96 -21.45 20.20
C THR D 314 -9.78 -21.70 19.29
N GLY D 315 -10.05 -21.99 18.00
CA GLY D 315 -9.00 -22.39 17.08
C GLY D 315 -8.65 -21.23 16.18
N GLU D 316 -7.70 -21.46 15.27
CA GLU D 316 -7.37 -20.52 14.20
C GLU D 316 -8.56 -20.21 13.32
N GLN D 317 -9.02 -18.96 13.37
CA GLN D 317 -10.20 -18.57 12.60
C GLN D 317 -9.83 -18.54 11.12
N PRO D 318 -10.74 -18.98 10.25
CA PRO D 318 -10.44 -19.03 8.79
C PRO D 318 -10.19 -17.63 8.26
N VAL D 319 -9.18 -17.48 7.41
CA VAL D 319 -8.98 -16.22 6.72
C VAL D 319 -9.44 -16.38 5.28
N ILE D 320 -10.57 -15.79 5.00
CA ILE D 320 -11.27 -15.91 3.74
C ILE D 320 -11.12 -14.66 2.90
N ASP D 321 -10.74 -14.79 1.63
CA ASP D 321 -10.87 -13.66 0.68
C ASP D 321 -12.35 -13.44 0.37
N HIS D 322 -12.89 -12.25 0.68
CA HIS D 322 -14.28 -12.00 0.33
C HIS D 322 -14.46 -12.12 -1.19
N PRO D 323 -15.41 -12.95 -1.63
CA PRO D 323 -15.59 -13.20 -3.06
C PRO D 323 -16.18 -12.01 -3.80
N ILE D 324 -15.87 -11.87 -5.07
CA ILE D 324 -16.44 -10.81 -5.90
C ILE D 324 -17.60 -11.57 -6.58
N LEU D 325 -18.83 -11.17 -6.32
CA LEU D 325 -20.01 -11.91 -6.85
C LEU D 325 -20.27 -11.66 -8.34
N PRO D 326 -20.90 -12.66 -8.99
CA PRO D 326 -21.40 -12.56 -10.36
C PRO D 326 -22.34 -11.35 -10.48
N VAL D 327 -22.21 -10.60 -11.58
CA VAL D 327 -23.00 -9.41 -11.81
C VAL D 327 -24.33 -9.84 -12.34
N ARG D 328 -25.38 -9.14 -11.94
CA ARG D 328 -26.71 -9.56 -12.33
C ARG D 328 -26.98 -9.17 -13.79
N THR D 329 -28.00 -9.77 -14.39
CA THR D 329 -28.36 -9.41 -15.76
C THR D 329 -29.81 -8.99 -15.81
N GLY D 330 -30.25 -8.59 -16.99
CA GLY D 330 -31.64 -8.21 -17.25
C GLY D 330 -32.74 -9.22 -16.92
N THR D 331 -32.44 -10.51 -16.92
CA THR D 331 -33.47 -11.49 -16.49
C THR D 331 -33.23 -12.07 -15.13
N THR D 332 -32.24 -11.58 -14.41
CA THR D 332 -32.10 -11.93 -12.98
C THR D 332 -33.37 -11.48 -12.23
N PRO D 333 -34.02 -12.37 -11.45
CA PRO D 333 -35.23 -11.98 -10.73
C PRO D 333 -34.97 -10.80 -9.81
N LEU D 334 -35.94 -9.91 -9.71
CA LEU D 334 -35.76 -8.68 -8.94
C LEU D 334 -35.93 -9.05 -7.50
N PRO D 335 -35.19 -8.41 -6.58
CA PRO D 335 -35.43 -8.67 -5.14
C PRO D 335 -36.82 -8.20 -4.74
N THR D 336 -37.39 -8.90 -3.74
CA THR D 336 -38.73 -8.61 -3.25
C THR D 336 -38.73 -7.62 -2.10
N PRO D 337 -39.58 -6.60 -2.17
CA PRO D 337 -39.61 -5.57 -1.14
C PRO D 337 -39.96 -6.21 0.21
N MET D 338 -40.29 -7.50 0.18
CA MET D 338 -40.31 -8.38 1.36
C MET D 338 -41.12 -7.85 2.54
FE HEC E . 26.83 -1.39 2.33
CHA HEC E . 26.85 -4.81 2.56
CHB HEC E . 24.51 -1.21 4.74
CHC HEC E . 27.25 2.02 2.54
CHD HEC E . 28.75 -1.42 -0.49
NA HEC E . 25.86 -2.78 3.49
C1A HEC E . 25.92 -4.15 3.34
C2A HEC E . 24.87 -4.74 4.19
C3A HEC E . 24.22 -3.71 4.79
C4A HEC E . 24.85 -2.47 4.34
CMA HEC E . 23.03 -3.74 5.82
CAA HEC E . 24.56 -6.26 4.34
CBA HEC E . 23.25 -6.58 3.62
CGA HEC E . 22.70 -7.97 3.89
O1A HEC E . 22.33 -8.64 2.92
O2A HEC E . 22.58 -8.42 5.05
NB HEC E . 26.06 0.16 3.42
C1B HEC E . 25.15 -0.02 4.42
C2B HEC E . 25.04 1.22 5.17
C3B HEC E . 25.75 2.15 4.56
C4B HEC E . 26.45 1.47 3.47
CMB HEC E . 24.00 1.33 6.33
CAB HEC E . 25.93 3.64 4.96
CBB HEC E . 26.65 3.73 6.34
NC HEC E . 27.79 0.04 1.24
C1C HEC E . 27.81 1.40 1.47
C2C HEC E . 28.79 2.01 0.59
C3C HEC E . 29.04 1.08 -0.37
C4C HEC E . 28.52 -0.20 0.09
CMC HEC E . 28.86 3.55 0.37
CAC HEC E . 29.83 1.23 -1.70
CBC HEC E . 31.08 2.13 -1.74
ND HEC E . 27.62 -2.86 1.21
C1D HEC E . 28.47 -2.62 0.12
C2D HEC E . 29.07 -3.86 -0.27
C3D HEC E . 28.52 -4.92 0.67
C4D HEC E . 27.63 -4.22 1.58
CMD HEC E . 30.08 -4.07 -1.41
CAD HEC E . 28.88 -6.42 0.68
CBD HEC E . 29.93 -6.58 1.80
CGD HEC E . 30.32 -8.02 2.00
O1D HEC E . 31.44 -8.34 1.56
O2D HEC E . 29.51 -8.83 2.54
FE HEC F . 21.99 -20.57 -5.26
CHA HEC F . 23.58 -17.50 -5.51
CHB HEC F . 19.75 -19.48 -7.72
CHC HEC F . 20.72 -23.59 -5.40
CHD HEC F . 23.99 -21.47 -2.60
NA HEC F . 21.72 -18.81 -6.41
C1A HEC F . 22.47 -17.65 -6.32
C2A HEC F . 21.90 -16.68 -7.25
C3A HEC F . 20.84 -17.24 -7.85
C4A HEC F . 20.71 -18.57 -7.33
CMA HEC F . 19.89 -16.62 -8.91
CAA HEC F . 22.43 -15.24 -7.49
CBA HEC F . 21.58 -14.30 -6.61
CGA HEC F . 22.30 -12.99 -6.42
O1A HEC F . 21.76 -12.09 -5.71
O2A HEC F . 23.41 -12.86 -6.97
NB HEC F . 20.54 -21.33 -6.35
C1B HEC F . 19.71 -20.79 -7.31
C2B HEC F . 18.89 -21.83 -7.86
C3B HEC F . 19.11 -22.95 -7.18
C4B HEC F . 20.19 -22.67 -6.25
CMB HEC F . 17.77 -21.62 -8.91
CAB HEC F . 18.45 -24.33 -7.42
CBB HEC F . 18.60 -24.72 -8.92
NC HEC F . 22.29 -22.23 -4.17
C1C HEC F . 21.65 -23.41 -4.41
C2C HEC F . 22.06 -24.39 -3.42
C3C HEC F . 23.02 -23.83 -2.67
C4C HEC F . 23.16 -22.45 -3.10
CMC HEC F . 21.66 -25.89 -3.38
CAC HEC F . 23.77 -24.47 -1.46
CBC HEC F . 24.84 -25.50 -1.79
ND HEC F . 23.51 -19.65 -4.21
C1D HEC F . 24.26 -20.26 -3.23
C2D HEC F . 25.41 -19.43 -2.95
C3D HEC F . 25.29 -18.21 -3.86
C4D HEC F . 24.06 -18.41 -4.59
CMD HEC F . 26.54 -19.74 -1.94
CAD HEC F . 26.29 -16.99 -3.99
CBD HEC F . 27.47 -17.53 -4.82
CGD HEC F . 28.46 -16.45 -5.26
O1D HEC F . 28.09 -15.26 -5.27
O2D HEC F . 29.59 -16.78 -5.65
CA CA G . 23.52 -8.16 -7.36
FE HEC H . 24.77 20.06 -13.90
CHA HEC H . 25.36 23.42 -14.28
CHB HEC H . 21.50 20.61 -14.91
CHC HEC H . 24.30 16.75 -14.03
CHD HEC H . 27.84 19.60 -12.47
NA HEC H . 23.64 21.76 -14.53
C1A HEC H . 24.05 23.05 -14.46
C2A HEC H . 22.90 23.92 -14.67
C3A HEC H . 21.82 23.13 -14.86
C4A HEC H . 22.28 21.75 -14.76
CMA HEC H . 20.32 23.50 -15.10
CAA HEC H . 22.98 25.48 -14.63
CBA HEC H . 22.19 25.90 -13.38
CGA HEC H . 22.09 27.38 -13.15
O1A HEC H . 22.49 27.85 -12.05
O2A HEC H . 21.60 28.08 -14.05
NB HEC H . 23.21 18.93 -14.39
C1B HEC H . 21.96 19.32 -14.84
C2B HEC H . 21.26 18.14 -15.28
C3B HEC H . 22.00 17.07 -14.98
C4B HEC H . 23.26 17.54 -14.45
CMB HEC H . 19.78 18.15 -15.74
CAB HEC H . 21.65 15.59 -15.27
CBB HEC H . 21.39 15.51 -16.82
NC HEC H . 25.89 18.48 -13.33
C1C HEC H . 25.46 17.18 -13.42
C2C HEC H . 26.60 16.32 -13.11
C3C HEC H . 27.50 17.09 -12.46
C4C HEC H . 27.12 18.48 -12.73
CMC HEC H . 26.38 14.83 -12.83
CAC HEC H . 28.80 16.66 -11.72
CBC HEC H . 29.60 15.50 -12.30
ND HEC H . 26.30 21.28 -13.41
C1D HEC H . 27.52 20.86 -12.91
C2D HEC H . 28.50 21.96 -12.99
C3D HEC H . 27.73 23.13 -13.55
C4D HEC H . 26.39 22.63 -13.81
CMD HEC H . 29.99 21.92 -12.57
CAD HEC H . 28.28 24.52 -13.87
CBD HEC H . 28.58 24.46 -15.36
CGD HEC H . 29.28 25.74 -15.70
O1D HEC H . 30.54 25.70 -15.69
O2D HEC H . 28.59 26.76 -15.92
FE HEC I . 28.52 39.26 -5.86
CHA HEC I . 29.29 35.97 -6.33
CHB HEC I . 27.61 38.64 -2.63
CHC HEC I . 28.13 42.67 -5.27
CHD HEC I . 29.06 39.95 -9.19
NA HEC I . 28.42 37.58 -4.69
C1A HEC I . 28.82 36.34 -5.08
C2A HEC I . 28.61 35.44 -3.94
C3A HEC I . 28.12 36.18 -2.91
C4A HEC I . 28.02 37.55 -3.38
CMA HEC I . 27.76 35.74 -1.46
CAA HEC I . 28.93 33.93 -3.99
CBA HEC I . 27.65 33.10 -4.22
CGA HEC I . 27.83 31.69 -4.73
O1A HEC I . 26.78 31.03 -4.94
O2A HEC I . 28.96 31.16 -4.91
NB HEC I . 27.97 40.44 -4.24
C1B HEC I . 27.70 39.99 -2.96
C2B HEC I . 27.54 41.14 -2.08
C3B HEC I . 27.66 42.25 -2.83
C4B HEC I . 27.96 41.83 -4.19
CMB HEC I . 27.19 41.10 -0.59
CAB HEC I . 27.55 43.72 -2.34
CBB HEC I . 28.54 44.02 -1.20
NC HEC I . 28.57 40.99 -7.03
C1C HEC I . 28.38 42.29 -6.57
C2C HEC I . 28.48 43.21 -7.69
C3C HEC I . 28.77 42.49 -8.79
C4C HEC I . 28.82 41.07 -8.41
CMC HEC I . 28.32 44.75 -7.60
CAC HEC I . 28.91 43.14 -10.21
CBC HEC I . 30.29 43.53 -10.71
ND HEC I . 29.04 38.14 -7.49
C1D HEC I . 29.31 38.65 -8.76
C2D HEC I . 29.94 37.64 -9.60
C3D HEC I . 29.99 36.42 -8.70
C4D HEC I . 29.41 36.81 -7.42
CMD HEC I . 30.46 37.81 -11.07
CAD HEC I . 30.64 35.07 -9.07
CBD HEC I . 32.15 35.40 -9.24
CGD HEC I . 33.00 34.15 -9.08
O1D HEC I . 32.40 33.08 -8.77
O2D HEC I . 34.23 34.20 -9.24
CA CA J . 28.31 26.83 -4.17
FE HEC K . -23.56 4.45 3.72
CHA HEC K . -23.91 6.93 1.48
CHB HEC K . -20.23 5.13 4.07
CHC HEC K . -23.38 2.30 6.32
CHD HEC K . -26.72 3.29 3.05
NA HEC K . -22.26 5.82 2.89
C1A HEC K . -22.62 6.70 1.91
C2A HEC K . -21.40 7.35 1.47
C3A HEC K . -20.37 6.84 2.20
C4A HEC K . -20.92 5.85 3.10
CMA HEC K . -18.85 7.20 2.10
CAA HEC K . -21.27 8.42 0.33
CBA HEC K . -20.66 7.68 -0.88
CGA HEC K . -20.20 8.69 -1.93
O1A HEC K . -20.47 8.44 -3.12
O2A HEC K . -19.61 9.74 -1.61
NB HEC K . -22.10 3.85 4.96
C1B HEC K . -20.82 4.28 5.00
C2B HEC K . -20.23 3.77 6.22
C3B HEC K . -21.06 2.91 6.83
C4B HEC K . -22.27 2.98 6.05
CMB HEC K . -18.74 3.98 6.54
CAB HEC K . -20.79 2.16 8.14
CBB HEC K . -20.44 3.14 9.31
NC HEC K . -24.78 3.09 4.51
C1C HEC K . -24.53 2.25 5.59
C2C HEC K . -25.68 1.41 5.93
C3C HEC K . -26.59 1.67 4.99
C4C HEC K . -26.05 2.73 4.09
CMC HEC K . -25.84 0.25 7.06
CAC HEC K . -27.96 0.90 4.81
CBC HEC K . -29.05 0.84 5.91
ND HEC K . -25.09 4.98 2.44
C1D HEC K . -26.34 4.44 2.39
C2D HEC K . -27.19 5.29 1.61
C3D HEC K . -26.31 6.44 1.11
C4D HEC K . -25.03 6.19 1.69
CMD HEC K . -28.66 5.14 1.26
CAD HEC K . -26.86 7.60 0.28
CBD HEC K . -27.05 8.75 1.27
CGD HEC K . -27.56 10.02 0.63
O1D HEC K . -28.78 10.30 0.83
O2D HEC K . -26.78 10.76 -0.05
FE HEC L . -26.23 11.74 -15.96
CHA HEC L . -27.31 9.91 -13.19
CHB HEC L . -25.59 8.83 -17.60
CHC HEC L . -25.58 13.55 -18.76
CHD HEC L . -26.54 14.74 -14.14
NA HEC L . -26.39 9.75 -15.47
C1A HEC L . -26.86 9.19 -14.29
C2A HEC L . -26.85 7.74 -14.43
C3A HEC L . -26.37 7.44 -15.66
C4A HEC L . -26.08 8.71 -16.33
CMA HEC L . -26.15 6.03 -16.29
CAA HEC L . -27.26 6.76 -13.33
CBA HEC L . -26.00 6.47 -12.51
CGA HEC L . -26.28 5.79 -11.17
O1A HEC L . -25.31 5.38 -10.51
O2A HEC L . -27.46 5.62 -10.76
NB HEC L . -25.69 11.29 -17.83
C1B HEC L . -25.51 9.99 -18.34
C2B HEC L . -25.32 10.11 -19.77
C3B HEC L . -25.29 11.41 -20.09
C4B HEC L . -25.56 12.17 -18.87
CMB HEC L . -25.04 8.91 -20.68
CAB HEC L . -25.05 12.03 -21.48
CBB HEC L . -26.03 11.47 -22.51
NC HEC L . -26.09 13.76 -16.35
C1C HEC L . -25.79 14.27 -17.61
C2C HEC L . -25.83 15.73 -17.56
C3C HEC L . -26.03 16.08 -16.26
C4C HEC L . -26.24 14.84 -15.49
CMC HEC L . -25.43 16.67 -18.75
CAC HEC L . -26.02 17.52 -15.64
CBC HEC L . -27.27 18.33 -16.01
ND HEC L . -26.76 12.22 -14.00
C1D HEC L . -26.92 13.55 -13.53
C2D HEC L . -27.60 13.51 -12.27
C3D HEC L . -27.87 12.02 -11.97
C4D HEC L . -27.30 11.30 -13.08
CMD HEC L . -27.97 14.76 -11.45
CAD HEC L . -28.60 11.40 -10.77
CBD HEC L . -30.09 11.75 -10.99
CGD HEC L . -31.01 11.00 -10.04
O1D HEC L . -30.60 9.93 -9.49
O2D HEC L . -32.18 11.44 -9.83
CA CA M . -27.17 2.12 -7.86
FE HEC N . -28.12 -21.84 8.67
CHA HEC N . -28.31 -24.26 11.14
CHB HEC N . -25.91 -23.72 6.93
CHC HEC N . -28.35 -19.72 6.12
CHD HEC N . -29.87 -19.64 10.68
NA HEC N . -27.26 -23.66 8.99
C1A HEC N . -27.40 -24.45 10.11
C2A HEC N . -26.43 -25.52 10.04
C3A HEC N . -25.75 -25.36 8.88
C4A HEC N . -26.29 -24.21 8.18
CMA HEC N . -24.62 -26.27 8.33
CAA HEC N . -26.21 -26.60 11.15
CBA HEC N . -24.83 -26.31 11.73
CGA HEC N . -24.40 -27.35 12.74
O1A HEC N . -24.11 -26.92 13.89
O2A HEC N . -24.33 -28.56 12.43
NB HEC N . -27.28 -21.75 6.80
C1B HEC N . -26.45 -22.67 6.24
C2B HEC N . -26.33 -22.33 4.82
C3B HEC N . -26.93 -21.17 4.62
C4B HEC N . -27.61 -20.83 5.85
CMB HEC N . -25.34 -23.03 3.88
CAB HEC N . -27.05 -20.47 3.27
CBB HEC N . -27.64 -21.49 2.26
NC HEC N . -28.93 -20.01 8.48
C1C HEC N . -28.86 -19.30 7.31
C2C HEC N . -29.72 -18.14 7.43
C3C HEC N . -29.96 -17.97 8.77
C4C HEC N . -29.58 -19.23 9.40
CMC HEC N . -29.58 -17.02 6.37
CAC HEC N . -30.63 -16.76 9.47
CBC HEC N . -32.02 -16.34 8.98
ND HEC N . -28.88 -21.94 10.59
C1D HEC N . -29.70 -20.93 11.12
C2D HEC N . -30.37 -21.40 12.27
C3D HEC N . -29.94 -22.85 12.43
C4D HEC N . -29.01 -23.09 11.35
CMD HEC N . -31.36 -20.59 13.13
CAD HEC N . -30.35 -23.90 13.51
CBD HEC N . -31.35 -24.82 12.80
CGD HEC N . -31.88 -25.83 13.80
O1D HEC N . -32.98 -25.56 14.32
O2D HEC N . -31.21 -26.83 14.10
FE HEC O . -23.81 -29.37 28.02
CHA HEC O . -25.26 -27.10 25.93
CHB HEC O . -21.41 -27.02 28.90
CHC HEC O . -22.68 -31.49 30.39
CHD HEC O . -26.01 -31.82 26.96
NA HEC O . -23.38 -27.41 27.51
C1A HEC O . -24.12 -26.68 26.62
C2A HEC O . -23.48 -25.38 26.51
C3A HEC O . -22.42 -25.34 27.33
C4A HEC O . -22.34 -26.63 27.96
CMA HEC O . -21.43 -24.16 27.59
CAA HEC O . -23.96 -24.24 25.60
CBA HEC O . -23.16 -24.25 24.29
CGA HEC O . -23.81 -23.42 23.22
O1A HEC O . -23.20 -23.27 22.10
O2A HEC O . -24.93 -22.89 23.46
NB HEC O . -22.37 -29.26 29.37
C1B HEC O . -21.49 -28.21 29.62
C2B HEC O . -20.67 -28.57 30.74
C3B HEC O . -21.00 -29.80 31.15
C4B HEC O . -22.09 -30.25 30.30
CMB HEC O . -19.50 -27.72 31.31
CAB HEC O . -20.33 -30.58 32.31
CBB HEC O . -20.60 -29.91 33.67
NC HEC O . -24.25 -31.32 28.55
C1C HEC O . -23.64 -32.01 29.56
C2C HEC O . -24.27 -33.31 29.71
C3C HEC O . -25.19 -33.43 28.73
C4C HEC O . -25.21 -32.15 28.01
CMC HEC O . -23.79 -34.38 30.70
CAC HEC O . -26.08 -34.65 28.38
CBC HEC O . -27.06 -35.08 29.50
ND HEC O . -25.33 -29.48 26.65
C1D HEC O . -26.17 -30.56 26.44
C2D HEC O . -27.31 -30.17 25.63
C3D HEC O . -27.11 -28.70 25.34
C4D HEC O . -25.85 -28.34 25.98
CMD HEC O . -28.51 -31.05 25.22
CAD HEC O . -28.04 -27.80 24.52
CBD HEC O . -29.33 -27.55 25.36
CGD HEC O . -30.09 -26.29 24.93
O1D HEC O . -29.56 -25.48 24.10
O2D HEC O . -31.22 -26.07 25.42
CA CA P . -24.56 -19.41 20.27
#